data_5OT0
#
_entry.id   5OT0
#
_cell.length_a   70.740
_cell.length_b   70.960
_cell.length_c   107.730
_cell.angle_alpha   72.13
_cell.angle_beta   76.22
_cell.angle_gamma   87.83
#
_symmetry.space_group_name_H-M   'P 1'
#
loop_
_entity.id
_entity.type
_entity.pdbx_description
1 polymer L-asparaginase
2 non-polymer 'PHOSPHATE ION'
3 non-polymer 1,2-ETHANEDIOL
4 non-polymer 'TETRAETHYLENE GLYCOL'
5 water water
#
_entity_poly.entity_id   1
_entity_poly.type   'polypeptide(L)'
_entity_poly.pdbx_seq_one_letter_code
;MKLLVLGTGGTIASAKTEMGYKAALSADDILQLAGIRREDGAKIETRDILNLDSTLIQPEDWVTIGRAVFEAFDEYDGIV
ITHGTDTLAYTSSALSFMIRNPPIPVVLTGSMLPITEPNSDAPRNLRTALTFARKGFPGIYVAFMDKIMLGTRVSKVHSL
GLNAFQSINYPDIAYVKGDEVLVRHKPRIGNGEPLFDPELDPNVVHIRLTPGLSPEVLRAVARATDGIVLEGYGAGGIPY
RGRNLLEVVSETAREKPVVMTTQALYGGVDLTRYEVGRRALEAGVIPAGDMTKEATLTKLMWALGHTRDLEEIRKIMERN
IAGEITGS
;
_entity_poly.pdbx_strand_id   A,B,C,D,E,F
#
loop_
_chem_comp.id
_chem_comp.type
_chem_comp.name
_chem_comp.formula
EDO non-polymer 1,2-ETHANEDIOL 'C2 H6 O2'
PG4 non-polymer 'TETRAETHYLENE GLYCOL' 'C8 H18 O5'
PO4 non-polymer 'PHOSPHATE ION' 'O4 P -3'
#
# COMPACT_ATOMS: atom_id res chain seq x y z
N MET A 1 23.49 -6.16 -1.46
CA MET A 1 22.21 -6.02 -2.28
C MET A 1 21.44 -4.79 -1.78
N LYS A 2 21.41 -3.74 -2.60
CA LYS A 2 20.61 -2.58 -2.30
C LYS A 2 19.58 -2.31 -3.42
N LEU A 3 18.31 -2.25 -3.03
CA LEU A 3 17.20 -1.97 -3.96
C LEU A 3 16.53 -0.63 -3.65
N LEU A 4 16.16 0.09 -4.72
CA LEU A 4 15.40 1.30 -4.64
C LEU A 4 13.96 1.05 -5.09
N VAL A 5 12.99 1.50 -4.29
CA VAL A 5 11.60 1.58 -4.71
C VAL A 5 11.25 3.03 -4.95
N LEU A 6 10.92 3.38 -6.21
CA LEU A 6 10.46 4.69 -6.62
C LEU A 6 8.96 4.75 -6.74
N GLY A 7 8.35 5.64 -5.99
CA GLY A 7 6.89 5.74 -5.88
C GLY A 7 6.40 6.79 -6.86
N THR A 8 5.29 6.49 -7.50
CA THR A 8 4.76 7.43 -8.48
C THR A 8 3.25 7.65 -8.31
N GLY A 9 2.63 6.90 -7.40
CA GLY A 9 1.17 6.95 -7.24
C GLY A 9 0.45 5.65 -7.61
N GLY A 10 -0.72 5.81 -8.21
CA GLY A 10 -1.49 4.67 -8.64
C GLY A 10 -2.42 4.19 -7.63
N THR A 11 -3.26 3.26 -8.03
CA THR A 11 -4.18 2.61 -7.15
C THR A 11 -3.46 1.88 -6.01
N ILE A 12 -2.27 1.43 -6.27
CA ILE A 12 -1.48 0.72 -5.27
C ILE A 12 -1.22 1.72 -4.02
N ALA A 13 -1.17 3.01 -4.29
CA ALA A 13 -0.95 4.03 -3.23
C ALA A 13 -2.20 4.68 -2.79
N SER A 14 -3.36 4.15 -3.16
CA SER A 14 -4.60 4.80 -2.85
C SER A 14 -5.02 4.67 -1.37
N ALA A 15 -5.64 5.73 -0.89
CA ALA A 15 -6.30 5.78 0.41
C ALA A 15 -7.63 6.48 0.28
N LYS A 16 -8.58 6.11 1.10
CA LYS A 16 -9.90 6.76 0.97
C LYS A 16 -9.98 7.99 1.87
N THR A 17 -10.06 9.16 1.26
CA THR A 17 -10.18 10.42 1.94
C THR A 17 -11.64 10.79 2.02
N GLU A 18 -11.88 11.86 2.74
CA GLU A 18 -13.17 12.55 2.75
C GLU A 18 -13.62 12.96 1.36
N MET A 19 -12.71 13.16 0.42
CA MET A 19 -13.06 13.53 -0.97
C MET A 19 -12.78 12.37 -1.90
N GLY A 20 -12.82 11.11 -1.44
CA GLY A 20 -12.67 9.98 -2.39
C GLY A 20 -11.27 9.50 -2.49
N TYR A 21 -11.00 8.44 -3.25
CA TYR A 21 -9.69 7.84 -3.27
C TYR A 21 -8.67 8.79 -3.91
N LYS A 22 -7.53 9.01 -3.20
CA LYS A 22 -6.39 9.72 -3.70
C LYS A 22 -5.26 8.75 -3.72
N ALA A 23 -4.30 8.93 -4.61
CA ALA A 23 -3.03 8.24 -4.60
C ALA A 23 -1.99 8.85 -3.63
N ALA A 24 -2.37 8.90 -2.38
CA ALA A 24 -1.58 9.62 -1.34
C ALA A 24 -0.51 8.82 -0.50
N LEU A 25 -0.47 7.50 -0.52
CA LEU A 25 0.48 6.80 0.25
C LEU A 25 1.86 6.88 -0.38
N SER A 26 2.89 6.85 0.44
CA SER A 26 4.29 6.88 -0.07
C SER A 26 4.75 5.46 -0.33
N ALA A 27 5.83 5.36 -1.02
CA ALA A 27 6.50 4.04 -1.18
C ALA A 27 6.75 3.28 0.09
N ASP A 28 7.09 4.00 1.14
CA ASP A 28 7.38 3.45 2.46
C ASP A 28 6.09 2.86 3.04
N ASP A 29 4.97 3.59 2.97
CA ASP A 29 3.70 3.07 3.47
C ASP A 29 3.27 1.81 2.69
N ILE A 30 3.47 1.79 1.36
CA ILE A 30 3.09 0.67 0.53
C ILE A 30 3.86 -0.58 1.01
N LEU A 31 5.19 -0.50 1.09
CA LEU A 31 6.00 -1.61 1.57
C LEU A 31 5.59 -2.10 2.99
N GLN A 32 5.27 -1.15 3.86
CA GLN A 32 4.85 -1.51 5.17
C GLN A 32 3.51 -2.23 5.14
N LEU A 33 2.54 -1.68 4.42
CA LEU A 33 1.22 -2.32 4.35
C LEU A 33 1.34 -3.69 3.63
N ALA A 34 2.30 -3.85 2.73
CA ALA A 34 2.55 -5.11 2.11
C ALA A 34 3.20 -6.12 2.95
N GLY A 35 3.68 -5.76 4.15
CA GLY A 35 4.44 -6.67 4.97
C GLY A 35 5.83 -6.95 4.41
N ILE A 36 6.38 -6.01 3.68
CA ILE A 36 7.70 -6.23 3.06
C ILE A 36 8.82 -5.66 3.99
N ARG A 37 9.99 -6.21 3.87
CA ARG A 37 11.32 -5.58 4.13
C ARG A 37 11.87 -6.57 5.03
N ARG A 38 11.23 -6.79 6.18
CA ARG A 38 11.31 -8.02 7.04
C ARG A 38 12.20 -9.25 6.64
N GLU A 39 13.38 -8.93 6.10
CA GLU A 39 14.41 -9.90 5.66
C GLU A 39 15.79 -9.25 5.72
N ASP A 40 16.82 -10.08 5.85
CA ASP A 40 18.19 -9.67 6.11
C ASP A 40 18.87 -9.09 4.82
N GLY A 41 18.81 -9.91 3.76
CA GLY A 41 19.83 -9.91 2.71
C GLY A 41 19.86 -8.67 1.84
N ALA A 42 18.65 -8.20 1.51
CA ALA A 42 18.48 -6.99 0.66
C ALA A 42 18.10 -5.73 1.50
N LYS A 43 18.89 -4.68 1.40
CA LYS A 43 18.49 -3.38 1.96
C LYS A 43 17.56 -2.67 0.93
N ILE A 44 16.38 -2.27 1.36
CA ILE A 44 15.40 -1.57 0.51
C ILE A 44 15.22 -0.14 0.93
N GLU A 45 15.57 0.78 0.01
CA GLU A 45 15.40 2.22 0.21
C GLU A 45 14.25 2.71 -0.66
N THR A 46 13.78 3.91 -0.36
CA THR A 46 12.63 4.49 -0.90
C THR A 46 12.82 5.87 -1.39
N ARG A 47 12.15 6.25 -2.48
CA ARG A 47 12.05 7.63 -2.87
C ARG A 47 10.71 7.84 -3.52
N ASP A 48 10.08 9.00 -3.25
CA ASP A 48 8.77 9.36 -3.82
C ASP A 48 8.94 10.42 -4.80
N ILE A 49 8.50 10.23 -6.02
CA ILE A 49 8.71 11.22 -7.14
C ILE A 49 7.42 11.82 -7.62
N LEU A 50 6.29 11.15 -7.44
CA LEU A 50 5.00 11.68 -7.89
C LEU A 50 4.00 10.96 -7.03
N ASN A 51 2.81 11.52 -6.92
CA ASN A 51 1.70 10.85 -6.29
C ASN A 51 0.43 11.07 -7.10
N LEU A 52 0.35 10.42 -8.25
CA LEU A 52 -0.74 10.64 -9.26
C LEU A 52 -1.51 9.39 -9.56
N ASP A 53 -2.80 9.54 -9.68
CA ASP A 53 -3.60 8.61 -10.51
C ASP A 53 -2.90 8.54 -11.88
N SER A 54 -2.54 7.36 -12.30
CA SER A 54 -1.82 7.22 -13.60
C SER A 54 -2.55 7.74 -14.89
N THR A 55 -3.85 7.94 -14.81
CA THR A 55 -4.55 8.70 -15.88
C THR A 55 -3.99 10.07 -16.12
N LEU A 56 -3.38 10.66 -15.08
CA LEU A 56 -2.87 12.01 -15.18
C LEU A 56 -1.44 12.07 -15.65
N ILE A 57 -0.84 10.94 -15.92
CA ILE A 57 0.55 10.90 -16.37
C ILE A 57 0.68 11.56 -17.74
N GLN A 58 1.69 12.40 -17.89
CA GLN A 58 1.96 13.06 -19.13
C GLN A 58 3.40 12.76 -19.53
N PRO A 59 3.75 12.99 -20.82
CA PRO A 59 5.10 12.59 -21.22
C PRO A 59 6.24 13.27 -20.49
N GLU A 60 6.02 14.50 -20.02
CA GLU A 60 7.02 15.21 -19.24
C GLU A 60 7.36 14.41 -17.96
N ASP A 61 6.36 13.75 -17.35
CA ASP A 61 6.61 12.88 -16.20
C ASP A 61 7.55 11.69 -16.51
N TRP A 62 7.58 11.22 -17.75
CA TRP A 62 8.52 10.14 -18.10
C TRP A 62 9.95 10.59 -17.96
N VAL A 63 10.21 11.84 -18.29
CA VAL A 63 11.55 12.43 -18.10
C VAL A 63 11.90 12.43 -16.60
N THR A 64 10.97 12.86 -15.75
CA THR A 64 11.20 12.92 -14.31
C THR A 64 11.48 11.50 -13.76
N ILE A 65 10.64 10.52 -14.13
CA ILE A 65 10.82 9.13 -13.69
C ILE A 65 12.15 8.60 -14.24
N GLY A 66 12.41 8.87 -15.50
CA GLY A 66 13.61 8.41 -16.15
C GLY A 66 14.88 8.92 -15.53
N ARG A 67 14.88 10.20 -15.18
CA ARG A 67 16.04 10.86 -14.54
C ARG A 67 16.29 10.18 -13.20
N ALA A 68 15.24 9.95 -12.41
CA ALA A 68 15.40 9.28 -11.13
C ALA A 68 15.94 7.82 -11.30
N VAL A 69 15.47 7.10 -12.31
CA VAL A 69 15.98 5.76 -12.54
C VAL A 69 17.46 5.78 -12.89
N PHE A 70 17.82 6.62 -13.86
CA PHE A 70 19.18 6.64 -14.36
C PHE A 70 20.22 7.05 -13.30
N GLU A 71 19.88 8.06 -12.51
CA GLU A 71 20.71 8.48 -11.40
C GLU A 71 20.84 7.40 -10.33
N ALA A 72 19.83 6.57 -10.16
CA ALA A 72 19.90 5.46 -9.22
C ALA A 72 20.83 4.30 -9.68
N PHE A 73 21.27 4.30 -10.94
CA PHE A 73 22.17 3.25 -11.42
C PHE A 73 23.52 3.25 -10.72
N ASP A 74 23.99 4.39 -10.28
CA ASP A 74 25.20 4.46 -9.47
C ASP A 74 25.08 3.71 -8.13
N GLU A 75 23.98 3.91 -7.37
CA GLU A 75 23.90 3.41 -6.01
C GLU A 75 23.25 2.05 -5.85
N TYR A 76 22.43 1.57 -6.79
CA TYR A 76 21.59 0.37 -6.50
C TYR A 76 21.80 -0.82 -7.41
N ASP A 77 21.40 -2.00 -6.92
CA ASP A 77 21.51 -3.28 -7.65
C ASP A 77 20.22 -3.66 -8.38
N GLY A 78 19.12 -3.04 -8.03
CA GLY A 78 17.83 -3.17 -8.72
C GLY A 78 16.89 -2.07 -8.34
N ILE A 79 15.89 -1.85 -9.16
CA ILE A 79 14.89 -0.79 -8.96
C ILE A 79 13.50 -1.38 -9.18
N VAL A 80 12.55 -1.03 -8.33
CA VAL A 80 11.12 -1.26 -8.54
C VAL A 80 10.44 0.08 -8.55
N ILE A 81 9.54 0.31 -9.52
CA ILE A 81 8.73 1.53 -9.61
C ILE A 81 7.29 1.18 -9.38
N THR A 82 6.66 1.77 -8.37
CA THR A 82 5.24 1.57 -8.12
C THR A 82 4.48 2.65 -8.86
N HIS A 83 3.44 2.24 -9.60
CA HIS A 83 2.82 3.11 -10.68
C HIS A 83 1.36 2.72 -10.83
N GLY A 84 0.54 3.62 -11.29
CA GLY A 84 -0.85 3.28 -11.55
C GLY A 84 -0.89 2.27 -12.81
N THR A 85 -1.94 1.47 -12.89
CA THR A 85 -2.10 0.53 -14.02
C THR A 85 -2.57 1.20 -15.32
N ASP A 86 -3.38 2.22 -15.26
CA ASP A 86 -3.88 2.91 -16.40
C ASP A 86 -2.85 3.28 -17.45
N THR A 87 -1.68 3.77 -17.06
CA THR A 87 -0.65 4.12 -18.01
C THR A 87 0.62 3.44 -17.76
N LEU A 88 0.62 2.39 -16.96
CA LEU A 88 1.84 1.61 -16.74
C LEU A 88 2.54 1.18 -18.01
N ALA A 89 1.76 0.72 -19.02
CA ALA A 89 2.43 0.25 -20.23
C ALA A 89 2.99 1.35 -21.09
N TYR A 90 2.39 2.52 -20.99
CA TYR A 90 2.98 3.71 -21.64
C TYR A 90 4.30 4.10 -21.00
N THR A 91 4.32 4.15 -19.66
CA THR A 91 5.59 4.50 -18.95
C THR A 91 6.64 3.48 -19.19
N SER A 92 6.28 2.18 -19.09
CA SER A 92 7.29 1.16 -19.35
C SER A 92 7.88 1.16 -20.71
N SER A 93 7.04 1.47 -21.71
CA SER A 93 7.53 1.58 -23.09
C SER A 93 8.42 2.75 -23.27
N ALA A 94 7.93 3.93 -22.84
CA ALA A 94 8.72 5.16 -22.98
C ALA A 94 10.07 5.07 -22.27
N LEU A 95 10.13 4.52 -21.07
CA LEU A 95 11.45 4.35 -20.39
C LEU A 95 12.39 3.42 -21.11
N SER A 96 11.83 2.44 -21.84
CA SER A 96 12.69 1.55 -22.65
C SER A 96 13.36 2.23 -23.80
N PHE A 97 12.76 3.28 -24.34
CA PHE A 97 13.43 4.01 -25.41
C PHE A 97 14.34 5.11 -24.83
N MET A 98 13.96 5.70 -23.70
CA MET A 98 14.71 6.79 -23.08
C MET A 98 15.98 6.33 -22.35
N ILE A 99 16.00 5.08 -21.86
CA ILE A 99 17.15 4.50 -21.18
C ILE A 99 17.69 3.28 -21.94
N ARG A 100 18.84 3.43 -22.58
CA ARG A 100 19.55 2.31 -23.22
C ARG A 100 20.51 1.60 -22.26
N ASN A 101 20.57 0.27 -22.40
CA ASN A 101 21.50 -0.60 -21.66
C ASN A 101 21.41 -0.36 -20.14
N PRO A 102 20.22 -0.45 -19.61
CA PRO A 102 20.16 -0.40 -18.16
C PRO A 102 21.08 -1.47 -17.56
N PRO A 103 21.89 -1.10 -16.54
CA PRO A 103 22.82 -2.09 -15.99
C PRO A 103 22.21 -3.01 -14.90
N ILE A 104 20.96 -2.77 -14.52
CA ILE A 104 20.30 -3.56 -13.49
C ILE A 104 18.85 -3.79 -13.89
N PRO A 105 18.15 -4.70 -13.21
CA PRO A 105 16.71 -4.79 -13.45
C PRO A 105 15.94 -3.58 -12.94
N VAL A 106 15.07 -3.05 -13.77
CA VAL A 106 14.15 -1.98 -13.45
C VAL A 106 12.74 -2.52 -13.73
N VAL A 107 11.99 -2.75 -12.67
CA VAL A 107 10.71 -3.37 -12.72
C VAL A 107 9.59 -2.47 -12.28
N LEU A 108 8.66 -2.16 -13.17
CA LEU A 108 7.45 -1.44 -12.86
C LEU A 108 6.37 -2.34 -12.38
N THR A 109 5.54 -1.89 -11.46
CA THR A 109 4.42 -2.66 -11.02
C THR A 109 3.34 -1.81 -10.46
N GLY A 110 2.21 -2.42 -10.15
CA GLY A 110 1.04 -1.71 -9.68
C GLY A 110 0.08 -2.68 -9.12
N SER A 111 -1.14 -2.27 -8.92
CA SER A 111 -2.18 -3.17 -8.53
C SER A 111 -3.53 -2.69 -8.99
N MET A 112 -4.46 -3.61 -9.11
CA MET A 112 -5.84 -3.30 -9.45
C MET A 112 -6.64 -2.94 -8.26
N LEU A 113 -6.30 -3.47 -7.07
CA LEU A 113 -6.92 -3.11 -5.78
C LEU A 113 -5.94 -2.35 -4.84
N PRO A 114 -6.47 -1.41 -4.06
CA PRO A 114 -5.68 -0.70 -3.04
C PRO A 114 -5.00 -1.63 -2.09
N ILE A 115 -3.76 -1.35 -1.72
CA ILE A 115 -3.02 -2.18 -0.73
C ILE A 115 -3.78 -2.27 0.59
N THR A 116 -4.55 -1.25 0.94
CA THR A 116 -5.39 -1.28 2.13
C THR A 116 -6.57 -2.29 2.04
N GLU A 117 -6.97 -2.74 0.85
CA GLU A 117 -8.09 -3.68 0.73
C GLU A 117 -7.65 -5.07 1.15
N PRO A 118 -8.58 -5.84 1.77
CA PRO A 118 -8.18 -7.17 2.23
C PRO A 118 -7.81 -8.27 1.19
N ASN A 119 -8.39 -8.28 0.01
CA ASN A 119 -7.96 -9.25 -1.00
C ASN A 119 -7.00 -8.65 -2.05
N SER A 120 -6.21 -7.67 -1.63
CA SER A 120 -5.39 -6.93 -2.56
C SER A 120 -4.42 -7.82 -3.36
N ASP A 121 -4.27 -7.49 -4.63
CA ASP A 121 -3.17 -8.01 -5.45
C ASP A 121 -1.81 -7.37 -5.27
N ALA A 122 -1.80 -6.22 -4.60
CA ALA A 122 -0.57 -5.45 -4.43
C ALA A 122 0.54 -6.18 -3.74
N PRO A 123 0.27 -6.90 -2.64
CA PRO A 123 1.39 -7.66 -2.01
C PRO A 123 2.09 -8.62 -2.90
N ARG A 124 1.31 -9.37 -3.67
CA ARG A 124 1.89 -10.36 -4.59
C ARG A 124 2.66 -9.63 -5.68
N ASN A 125 2.07 -8.57 -6.26
CA ASN A 125 2.77 -7.86 -7.35
C ASN A 125 4.12 -7.27 -6.94
N LEU A 126 4.16 -6.72 -5.71
CA LEU A 126 5.42 -6.24 -5.16
C LEU A 126 6.45 -7.26 -4.95
N ARG A 127 6.04 -8.36 -4.37
CA ARG A 127 6.98 -9.51 -4.16
C ARG A 127 7.51 -10.02 -5.46
N THR A 128 6.69 -10.08 -6.48
CA THR A 128 7.19 -10.54 -7.74
C THR A 128 8.19 -9.54 -8.27
N ALA A 129 7.87 -8.24 -8.21
CA ALA A 129 8.79 -7.19 -8.67
C ALA A 129 10.10 -7.15 -7.92
N LEU A 130 10.04 -7.26 -6.59
CA LEU A 130 11.21 -7.23 -5.77
C LEU A 130 12.09 -8.48 -5.95
N THR A 131 11.49 -9.68 -6.04
CA THR A 131 12.27 -10.88 -6.29
C THR A 131 13.02 -10.76 -7.61
N PHE A 132 12.37 -10.27 -8.66
CA PHE A 132 13.09 -10.12 -9.92
C PHE A 132 14.12 -8.98 -9.88
N ALA A 133 13.80 -7.90 -9.19
CA ALA A 133 14.77 -6.82 -8.97
C ALA A 133 16.07 -7.33 -8.32
N ARG A 134 15.96 -8.30 -7.45
CA ARG A 134 17.16 -8.84 -6.81
C ARG A 134 17.80 -10.05 -7.45
N LYS A 135 17.04 -10.88 -8.16
CA LYS A 135 17.57 -12.11 -8.76
C LYS A 135 17.42 -12.16 -10.27
N GLY A 136 16.87 -11.16 -10.90
CA GLY A 136 16.60 -11.20 -12.34
C GLY A 136 17.80 -10.71 -13.11
N PHE A 137 17.59 -9.99 -14.19
CA PHE A 137 18.70 -9.56 -15.03
C PHE A 137 18.34 -8.22 -15.64
N PRO A 138 19.33 -7.52 -16.21
CA PRO A 138 19.10 -6.11 -16.61
C PRO A 138 18.01 -5.88 -17.62
N GLY A 139 17.43 -4.70 -17.57
CA GLY A 139 16.36 -4.31 -18.50
C GLY A 139 15.19 -3.66 -17.81
N ILE A 140 14.19 -3.31 -18.60
CA ILE A 140 12.99 -2.66 -18.19
C ILE A 140 11.82 -3.62 -18.35
N TYR A 141 11.16 -3.98 -17.24
CA TYR A 141 10.19 -5.02 -17.13
C TYR A 141 9.02 -4.53 -16.35
N VAL A 142 7.89 -5.22 -16.52
CA VAL A 142 6.69 -5.03 -15.76
C VAL A 142 6.40 -6.32 -15.03
N ALA A 143 6.04 -6.21 -13.76
CA ALA A 143 5.67 -7.32 -12.92
C ALA A 143 4.19 -7.20 -12.64
N PHE A 144 3.49 -8.31 -12.78
CA PHE A 144 2.05 -8.35 -12.48
C PHE A 144 1.66 -9.79 -12.25
N MET A 145 0.86 -10.02 -11.24
CA MET A 145 0.68 -11.37 -10.71
C MET A 145 2.03 -12.04 -10.41
N ASP A 146 2.26 -13.25 -10.94
CA ASP A 146 3.54 -13.90 -10.82
C ASP A 146 4.39 -13.69 -12.06
N LYS A 147 4.06 -12.75 -12.95
CA LYS A 147 4.78 -12.62 -14.20
C LYS A 147 5.67 -11.45 -14.29
N ILE A 148 6.77 -11.63 -14.98
CA ILE A 148 7.68 -10.59 -15.41
C ILE A 148 7.61 -10.55 -16.96
N MET A 149 7.35 -9.37 -17.50
CA MET A 149 7.12 -9.15 -18.91
C MET A 149 7.98 -8.01 -19.40
N LEU A 150 8.37 -8.07 -20.69
CA LEU A 150 9.16 -7.02 -21.23
C LEU A 150 8.37 -5.73 -21.29
N GLY A 151 9.00 -4.66 -20.87
CA GLY A 151 8.31 -3.33 -20.71
C GLY A 151 7.77 -2.72 -21.97
N THR A 152 8.41 -3.05 -23.08
CA THR A 152 7.89 -2.64 -24.40
C THR A 152 6.89 -3.61 -25.07
N ARG A 153 6.42 -4.63 -24.33
CA ARG A 153 5.57 -5.63 -24.86
C ARG A 153 4.35 -5.87 -24.06
N VAL A 154 3.98 -4.94 -23.12
CA VAL A 154 2.81 -5.14 -22.33
C VAL A 154 1.70 -4.25 -22.70
N SER A 155 0.48 -4.66 -22.43
CA SER A 155 -0.69 -3.83 -22.44
C SER A 155 -1.60 -4.25 -21.39
N LYS A 156 -2.40 -3.28 -20.96
CA LYS A 156 -3.46 -3.46 -20.02
C LYS A 156 -4.68 -3.96 -20.81
N VAL A 157 -4.99 -5.25 -20.71
CA VAL A 157 -6.06 -5.86 -21.45
C VAL A 157 -7.29 -6.08 -20.68
N HIS A 158 -7.26 -5.99 -19.32
CA HIS A 158 -8.50 -6.04 -18.52
CA HIS A 158 -8.50 -6.06 -18.53
C HIS A 158 -8.63 -4.78 -17.70
N SER A 159 -9.85 -4.25 -17.53
CA SER A 159 -10.09 -3.05 -16.75
C SER A 159 -10.57 -3.45 -15.33
N LEU A 160 -10.84 -4.70 -15.09
CA LEU A 160 -11.43 -5.20 -13.89
C LEU A 160 -10.64 -6.40 -13.34
N GLY A 161 -10.29 -7.39 -14.11
CA GLY A 161 -9.64 -8.58 -13.55
C GLY A 161 -8.22 -8.37 -13.07
N LEU A 162 -7.78 -9.24 -12.15
CA LEU A 162 -6.45 -9.14 -11.58
C LEU A 162 -5.35 -9.50 -12.56
N ASN A 163 -5.60 -10.32 -13.56
CA ASN A 163 -4.56 -10.62 -14.56
C ASN A 163 -4.67 -9.59 -15.68
N ALA A 164 -4.37 -8.34 -15.34
CA ALA A 164 -4.72 -7.25 -16.22
C ALA A 164 -3.75 -6.97 -17.31
N PHE A 165 -2.51 -7.42 -17.17
CA PHE A 165 -1.42 -7.09 -18.06
C PHE A 165 -0.97 -8.37 -18.79
N GLN A 166 -0.79 -8.26 -20.09
CA GLN A 166 -0.33 -9.40 -20.85
C GLN A 166 0.77 -8.97 -21.70
N SER A 167 1.60 -9.93 -21.99
CA SER A 167 2.63 -9.74 -22.98
C SER A 167 2.03 -10.05 -24.38
N ILE A 168 2.28 -9.18 -25.37
CA ILE A 168 1.54 -9.14 -26.63
C ILE A 168 2.49 -9.42 -27.75
N ASN A 169 2.27 -10.53 -28.45
CA ASN A 169 3.06 -10.98 -29.63
C ASN A 169 4.47 -11.32 -29.20
N TYR A 170 4.72 -11.73 -27.94
CA TYR A 170 6.12 -11.90 -27.45
C TYR A 170 5.96 -12.68 -26.13
N PRO A 171 6.83 -13.63 -25.86
CA PRO A 171 6.63 -14.41 -24.61
C PRO A 171 6.90 -13.61 -23.30
N ASP A 172 6.24 -14.01 -22.24
CA ASP A 172 6.62 -13.64 -20.87
C ASP A 172 8.11 -13.94 -20.66
N ILE A 173 8.75 -13.08 -19.92
CA ILE A 173 10.19 -13.20 -19.57
C ILE A 173 10.42 -14.23 -18.52
N ALA A 174 9.63 -14.18 -17.47
CA ALA A 174 9.88 -15.06 -16.27
C ALA A 174 8.66 -15.12 -15.41
N TYR A 175 8.61 -16.12 -14.57
CA TYR A 175 7.61 -16.25 -13.54
C TYR A 175 8.30 -16.31 -12.15
N VAL A 176 7.69 -15.71 -11.14
CA VAL A 176 8.21 -15.76 -9.81
C VAL A 176 7.34 -16.69 -8.99
N LYS A 177 7.92 -17.70 -8.41
CA LYS A 177 7.17 -18.65 -7.60
C LYS A 177 7.91 -18.77 -6.28
N GLY A 178 7.23 -18.32 -5.21
CA GLY A 178 7.89 -17.95 -3.91
C GLY A 178 8.98 -16.97 -4.11
N ASP A 179 10.20 -17.35 -3.84
CA ASP A 179 11.40 -16.56 -4.05
C ASP A 179 12.25 -16.99 -5.18
N GLU A 180 11.75 -17.91 -6.02
CA GLU A 180 12.45 -18.25 -7.27
C GLU A 180 11.95 -17.57 -8.55
N VAL A 181 12.89 -17.27 -9.44
CA VAL A 181 12.65 -16.77 -10.75
C VAL A 181 12.79 -17.95 -11.70
N LEU A 182 11.75 -18.29 -12.45
CA LEU A 182 11.80 -19.37 -13.49
C LEU A 182 11.72 -18.66 -14.82
N VAL A 183 12.83 -18.70 -15.52
CA VAL A 183 12.97 -17.99 -16.76
C VAL A 183 12.26 -18.72 -17.93
N ARG A 184 11.43 -18.00 -18.64
CA ARG A 184 10.71 -18.47 -19.86
C ARG A 184 11.42 -17.98 -21.09
N HIS A 185 11.93 -16.75 -21.13
CA HIS A 185 12.61 -16.21 -22.31
C HIS A 185 13.57 -15.14 -21.83
N LYS A 186 14.85 -15.29 -22.07
CA LYS A 186 15.81 -14.24 -21.75
C LYS A 186 16.03 -13.37 -22.98
N PRO A 187 15.74 -12.08 -22.92
CA PRO A 187 15.94 -11.23 -24.13
C PRO A 187 17.41 -10.94 -24.38
N ARG A 188 17.71 -10.32 -25.51
CA ARG A 188 19.08 -9.83 -25.78
C ARG A 188 19.37 -8.65 -24.88
N ILE A 189 20.49 -8.71 -24.14
CA ILE A 189 20.78 -7.69 -23.11
C ILE A 189 22.00 -6.91 -23.56
N GLY A 190 21.84 -5.62 -23.79
CA GLY A 190 22.87 -4.81 -24.43
C GLY A 190 24.06 -4.57 -23.53
N ASN A 191 25.23 -5.09 -23.92
CA ASN A 191 26.50 -4.92 -23.20
C ASN A 191 27.00 -3.48 -23.00
N GLY A 192 26.53 -2.54 -23.82
CA GLY A 192 27.03 -1.16 -23.85
C GLY A 192 26.85 -0.38 -22.55
N GLU A 193 27.32 0.87 -22.54
CA GLU A 193 27.21 1.73 -21.37
C GLU A 193 25.80 2.30 -21.23
N PRO A 194 25.31 2.51 -19.98
CA PRO A 194 23.98 3.12 -19.84
C PRO A 194 23.89 4.50 -20.46
N LEU A 195 22.82 4.80 -21.18
CA LEU A 195 22.64 6.11 -21.83
C LEU A 195 21.26 6.59 -21.53
N PHE A 196 21.14 7.87 -21.19
CA PHE A 196 19.84 8.49 -20.97
C PHE A 196 19.61 9.37 -22.17
N ASP A 197 18.48 9.21 -22.82
CA ASP A 197 18.18 9.90 -24.10
C ASP A 197 16.72 10.31 -24.12
N PRO A 198 16.37 11.37 -23.37
CA PRO A 198 14.96 11.71 -23.05
C PRO A 198 14.18 12.56 -24.05
N GLU A 199 14.75 12.96 -25.17
CA GLU A 199 14.03 13.89 -26.04
C GLU A 199 12.81 13.20 -26.67
N LEU A 200 11.64 13.75 -26.46
CA LEU A 200 10.47 13.27 -27.13
C LEU A 200 9.50 14.42 -27.45
N ASP A 201 8.70 14.22 -28.50
CA ASP A 201 7.70 15.16 -28.94
C ASP A 201 6.38 14.58 -28.54
N PRO A 202 5.71 15.17 -27.55
CA PRO A 202 4.43 14.64 -27.10
C PRO A 202 3.21 14.84 -28.02
N ASN A 203 3.36 15.60 -29.10
CA ASN A 203 2.21 16.05 -29.94
C ASN A 203 1.88 15.02 -30.98
N VAL A 204 1.35 13.88 -30.53
CA VAL A 204 0.94 12.78 -31.39
C VAL A 204 -0.46 12.41 -31.00
N VAL A 205 -1.19 11.84 -31.96
CA VAL A 205 -2.57 11.47 -31.75
C VAL A 205 -2.81 10.05 -32.27
N HIS A 206 -3.63 9.28 -31.56
CA HIS A 206 -3.95 7.93 -31.86
C HIS A 206 -5.45 7.87 -32.14
N ILE A 207 -5.77 7.59 -33.39
CA ILE A 207 -7.18 7.59 -33.82
C ILE A 207 -7.54 6.23 -34.46
N ARG A 208 -8.75 5.79 -34.23
CA ARG A 208 -9.22 4.54 -34.78
C ARG A 208 -9.91 4.77 -36.15
N LEU A 209 -9.47 4.04 -37.17
CA LEU A 209 -10.21 4.06 -38.48
C LEU A 209 -11.51 3.31 -38.30
N THR A 210 -12.61 3.96 -38.55
CA THR A 210 -13.93 3.41 -38.31
C THR A 210 -14.79 3.66 -39.56
N PRO A 211 -15.74 2.78 -39.86
CA PRO A 211 -16.65 3.16 -40.91
C PRO A 211 -17.33 4.48 -40.49
N GLY A 212 -17.46 5.39 -41.43
CA GLY A 212 -17.97 6.70 -41.13
C GLY A 212 -16.92 7.75 -40.78
N LEU A 213 -15.68 7.40 -40.48
CA LEU A 213 -14.66 8.41 -40.30
C LEU A 213 -14.50 9.27 -41.52
N SER A 214 -14.64 10.58 -41.40
CA SER A 214 -14.65 11.46 -42.56
C SER A 214 -13.27 12.04 -42.88
N PRO A 215 -12.98 12.30 -44.16
CA PRO A 215 -11.81 13.06 -44.58
C PRO A 215 -11.62 14.38 -43.77
N GLU A 216 -12.70 15.09 -43.48
CA GLU A 216 -12.69 16.37 -42.76
C GLU A 216 -12.07 16.22 -41.35
N VAL A 217 -12.48 15.18 -40.65
CA VAL A 217 -11.97 14.89 -39.31
C VAL A 217 -10.50 14.57 -39.33
N LEU A 218 -10.10 13.75 -40.26
CA LEU A 218 -8.70 13.32 -40.33
C LEU A 218 -7.80 14.49 -40.74
N ARG A 219 -8.31 15.39 -41.57
CA ARG A 219 -7.61 16.63 -41.89
C ARG A 219 -7.41 17.54 -40.68
N ALA A 220 -8.50 17.74 -39.93
CA ALA A 220 -8.48 18.56 -38.72
C ALA A 220 -7.47 18.01 -37.69
N VAL A 221 -7.39 16.68 -37.58
CA VAL A 221 -6.46 16.03 -36.69
C VAL A 221 -5.00 16.23 -37.19
N ALA A 222 -4.81 16.02 -38.48
CA ALA A 222 -3.49 16.15 -39.07
C ALA A 222 -2.88 17.53 -38.91
N ARG A 223 -3.68 18.58 -39.08
CA ARG A 223 -3.20 19.98 -38.92
C ARG A 223 -2.88 20.45 -37.49
N ALA A 224 -3.18 19.66 -36.48
CA ALA A 224 -3.07 20.01 -35.08
C ALA A 224 -2.04 19.15 -34.32
N THR A 225 -1.36 18.22 -35.00
CA THR A 225 -0.43 17.32 -34.38
C THR A 225 0.82 17.24 -35.19
N ASP A 226 1.83 16.56 -34.67
CA ASP A 226 3.05 16.30 -35.44
C ASP A 226 3.15 14.85 -35.94
N GLY A 227 2.32 13.96 -35.47
CA GLY A 227 2.39 12.55 -35.84
C GLY A 227 1.06 11.89 -35.58
N ILE A 228 0.71 10.84 -36.34
CA ILE A 228 -0.58 10.19 -36.18
C ILE A 228 -0.35 8.71 -36.11
N VAL A 229 -0.96 8.07 -35.13
CA VAL A 229 -1.10 6.62 -35.10
C VAL A 229 -2.53 6.27 -35.52
N LEU A 230 -2.66 5.56 -36.64
CA LEU A 230 -3.95 5.06 -37.10
C LEU A 230 -4.12 3.64 -36.67
N GLU A 231 -5.27 3.33 -36.14
CA GLU A 231 -5.57 1.99 -35.70
C GLU A 231 -6.53 1.38 -36.76
N GLY A 232 -5.97 0.58 -37.66
CA GLY A 232 -6.73 0.02 -38.82
C GLY A 232 -7.27 -1.37 -38.50
N TYR A 233 -8.03 -1.91 -39.41
CA TYR A 233 -8.66 -3.23 -39.26
C TYR A 233 -7.68 -4.34 -39.61
N GLY A 234 -7.64 -5.39 -38.82
CA GLY A 234 -6.90 -6.60 -39.16
C GLY A 234 -5.44 -6.35 -39.50
N ALA A 235 -5.04 -6.80 -40.66
CA ALA A 235 -3.70 -6.68 -41.18
C ALA A 235 -3.35 -5.28 -41.63
N GLY A 236 -4.33 -4.41 -41.69
CA GLY A 236 -4.10 -2.96 -41.88
C GLY A 236 -4.42 -2.53 -43.34
N GLY A 237 -4.93 -1.34 -43.43
CA GLY A 237 -5.20 -0.69 -44.74
C GLY A 237 -6.06 0.53 -44.50
N ILE A 238 -6.27 1.31 -45.53
CA ILE A 238 -7.06 2.52 -45.35
C ILE A 238 -8.25 2.48 -46.35
N PRO A 239 -9.47 2.80 -45.87
CA PRO A 239 -10.65 3.01 -46.67
C PRO A 239 -10.43 4.12 -47.72
N TYR A 240 -10.79 3.80 -48.95
CA TYR A 240 -10.79 4.76 -50.04
C TYR A 240 -12.14 4.94 -50.76
N ARG A 241 -13.18 4.24 -50.36
CA ARG A 241 -14.46 4.27 -51.07
C ARG A 241 -15.42 5.12 -50.28
N GLY A 242 -16.16 5.99 -50.93
CA GLY A 242 -17.15 6.88 -50.30
C GLY A 242 -16.52 7.96 -49.43
N ARG A 243 -15.84 7.55 -48.34
CA ARG A 243 -15.08 8.46 -47.51
C ARG A 243 -13.64 8.12 -47.79
N ASN A 244 -13.00 8.92 -48.62
CA ASN A 244 -11.69 8.61 -49.14
C ASN A 244 -10.66 9.11 -48.16
N LEU A 245 -10.33 8.26 -47.19
CA LEU A 245 -9.34 8.59 -46.20
C LEU A 245 -7.92 8.40 -46.74
N LEU A 246 -7.75 7.56 -47.77
CA LEU A 246 -6.42 7.37 -48.38
C LEU A 246 -5.86 8.67 -48.95
N GLU A 247 -6.72 9.45 -49.56
CA GLU A 247 -6.32 10.73 -50.11
C GLU A 247 -5.80 11.67 -49.01
N VAL A 248 -6.51 11.74 -47.88
CA VAL A 248 -6.07 12.55 -46.75
C VAL A 248 -4.73 12.05 -46.23
N VAL A 249 -4.55 10.75 -46.18
CA VAL A 249 -3.31 10.17 -45.70
C VAL A 249 -2.11 10.43 -46.61
N SER A 250 -2.27 10.34 -47.92
CA SER A 250 -1.14 10.57 -48.83
C SER A 250 -0.63 12.00 -48.74
N GLU A 251 -1.54 12.97 -48.55
CA GLU A 251 -1.15 14.36 -48.35
C GLU A 251 -0.45 14.60 -46.98
N THR A 252 -1.05 14.10 -45.92
CA THR A 252 -0.45 14.20 -44.59
C THR A 252 0.94 13.56 -44.57
N ALA A 253 1.08 12.35 -45.10
CA ALA A 253 2.35 11.59 -45.03
C ALA A 253 3.49 12.17 -45.82
N ARG A 254 3.22 13.15 -46.68
CA ARG A 254 4.28 13.99 -47.24
C ARG A 254 4.97 14.85 -46.17
N GLU A 255 4.23 15.31 -45.16
CA GLU A 255 4.75 16.25 -44.15
C GLU A 255 4.93 15.69 -42.72
N LYS A 256 4.21 14.63 -42.36
CA LYS A 256 4.21 14.11 -40.98
C LYS A 256 4.09 12.60 -41.04
N PRO A 257 4.71 11.90 -40.08
CA PRO A 257 4.54 10.45 -39.99
C PRO A 257 3.14 10.01 -39.62
N VAL A 258 2.67 9.00 -40.34
CA VAL A 258 1.42 8.33 -40.10
C VAL A 258 1.81 6.87 -39.94
N VAL A 259 1.52 6.30 -38.77
CA VAL A 259 1.90 4.98 -38.43
C VAL A 259 0.64 4.18 -38.28
N MET A 260 0.66 2.95 -38.76
CA MET A 260 -0.56 2.11 -38.76
C MET A 260 -0.36 0.91 -37.89
N THR A 261 -1.24 0.75 -36.90
CA THR A 261 -1.31 -0.45 -36.09
C THR A 261 -2.70 -1.04 -36.34
N THR A 262 -3.07 -2.05 -35.59
CA THR A 262 -4.30 -2.74 -35.74
C THR A 262 -5.23 -2.61 -34.54
N GLN A 263 -6.54 -2.74 -34.79
CA GLN A 263 -7.57 -2.83 -33.81
C GLN A 263 -7.55 -4.16 -33.12
N ALA A 264 -7.00 -5.21 -33.73
CA ALA A 264 -6.91 -6.44 -33.07
C ALA A 264 -5.88 -6.26 -31.88
N LEU A 265 -6.02 -7.12 -30.87
CA LEU A 265 -5.06 -7.13 -29.77
C LEU A 265 -3.83 -7.88 -30.18
N TYR A 266 -4.02 -9.06 -30.78
CA TYR A 266 -2.88 -9.92 -31.26
C TYR A 266 -2.62 -9.89 -32.76
N GLY A 267 -1.34 -10.02 -33.09
CA GLY A 267 -0.88 -10.26 -34.44
C GLY A 267 -0.34 -9.08 -35.22
N GLY A 268 -0.53 -7.86 -34.76
CA GLY A 268 -0.01 -6.70 -35.48
C GLY A 268 -0.49 -6.52 -36.91
N VAL A 269 0.24 -5.71 -37.69
CA VAL A 269 -0.11 -5.45 -39.06
C VAL A 269 0.81 -6.07 -40.10
N ASP A 270 0.28 -6.19 -41.33
CA ASP A 270 1.10 -6.59 -42.44
C ASP A 270 0.43 -5.98 -43.70
N LEU A 271 0.86 -4.76 -44.03
CA LEU A 271 0.26 -4.00 -45.10
C LEU A 271 0.55 -4.57 -46.49
N THR A 272 1.43 -5.58 -46.55
CA THR A 272 1.71 -6.36 -47.78
C THR A 272 0.56 -7.29 -48.19
N ARG A 273 -0.31 -7.65 -47.25
CA ARG A 273 -1.19 -8.76 -47.45
C ARG A 273 -2.38 -8.46 -48.37
N TYR A 274 -2.86 -7.22 -48.35
CA TYR A 274 -4.07 -6.83 -49.10
C TYR A 274 -3.80 -5.58 -49.85
N GLU A 275 -4.60 -5.39 -50.87
CA GLU A 275 -4.49 -4.18 -51.72
C GLU A 275 -4.74 -2.91 -50.90
N VAL A 276 -5.72 -2.94 -50.00
CA VAL A 276 -5.95 -1.78 -49.15
C VAL A 276 -4.71 -1.43 -48.28
N GLY A 277 -3.94 -2.47 -47.89
CA GLY A 277 -2.64 -2.28 -47.29
C GLY A 277 -1.58 -1.71 -48.19
N ARG A 278 -1.56 -2.20 -49.43
CA ARG A 278 -0.52 -1.81 -50.36
C ARG A 278 -0.73 -0.37 -50.76
N ARG A 279 -1.98 0.04 -51.01
CA ARG A 279 -2.25 1.45 -51.30
C ARG A 279 -1.81 2.31 -50.09
N ALA A 280 -1.97 1.79 -48.86
CA ALA A 280 -1.53 2.53 -47.68
C ALA A 280 -0.03 2.73 -47.69
N LEU A 281 0.72 1.66 -48.01
CA LEU A 281 2.19 1.77 -48.16
C LEU A 281 2.59 2.76 -49.25
N GLU A 282 1.88 2.77 -50.38
CA GLU A 282 2.19 3.67 -51.46
C GLU A 282 1.97 5.13 -51.05
N ALA A 283 0.99 5.37 -50.18
CA ALA A 283 0.71 6.72 -49.68
C ALA A 283 1.70 7.17 -48.57
N GLY A 284 2.69 6.36 -48.20
CA GLY A 284 3.71 6.75 -47.24
C GLY A 284 3.53 6.25 -45.80
N VAL A 285 2.53 5.42 -45.56
CA VAL A 285 2.21 4.95 -44.21
C VAL A 285 3.30 4.04 -43.65
N ILE A 286 3.63 4.25 -42.36
CA ILE A 286 4.67 3.47 -41.68
C ILE A 286 3.98 2.36 -40.90
N PRO A 287 4.32 1.09 -41.18
CA PRO A 287 3.70 0.01 -40.44
C PRO A 287 4.33 -0.12 -39.06
N ALA A 288 3.53 -0.48 -38.08
CA ALA A 288 3.96 -0.69 -36.70
C ALA A 288 4.34 -2.14 -36.47
N GLY A 289 4.31 -3.00 -37.54
CA GLY A 289 4.54 -4.41 -37.36
C GLY A 289 3.74 -4.99 -36.25
N ASP A 290 4.38 -5.76 -35.38
CA ASP A 290 3.71 -6.47 -34.35
C ASP A 290 3.79 -5.65 -32.96
N MET A 291 4.14 -4.35 -32.98
CA MET A 291 4.31 -3.59 -31.74
C MET A 291 3.02 -3.38 -31.01
N THR A 292 3.07 -3.27 -29.67
CA THR A 292 1.90 -2.86 -28.92
C THR A 292 1.52 -1.44 -29.27
N LYS A 293 0.30 -1.09 -28.98
CA LYS A 293 -0.15 0.32 -29.17
C LYS A 293 0.56 1.34 -28.35
N GLU A 294 0.95 0.93 -27.15
CA GLU A 294 1.69 1.80 -26.19
C GLU A 294 3.07 2.01 -26.69
N ALA A 295 3.70 0.93 -27.12
CA ALA A 295 5.02 1.08 -27.65
C ALA A 295 5.04 1.88 -28.97
N THR A 296 4.04 1.69 -29.84
CA THR A 296 3.98 2.44 -31.10
C THR A 296 3.92 3.95 -30.83
N LEU A 297 3.05 4.34 -29.94
CA LEU A 297 2.87 5.75 -29.62
C LEU A 297 4.16 6.38 -28.99
N THR A 298 4.72 5.73 -28.02
CA THR A 298 5.87 6.32 -27.28
C THR A 298 7.10 6.31 -28.18
N LYS A 299 7.24 5.27 -28.98
CA LYS A 299 8.37 5.23 -29.95
C LYS A 299 8.29 6.36 -30.96
N LEU A 300 7.07 6.63 -31.45
CA LEU A 300 6.89 7.73 -32.38
C LEU A 300 7.20 9.09 -31.70
N MET A 301 6.75 9.29 -30.48
CA MET A 301 7.10 10.46 -29.68
C MET A 301 8.60 10.61 -29.58
N TRP A 302 9.27 9.52 -29.31
CA TRP A 302 10.73 9.50 -29.19
C TRP A 302 11.42 9.80 -30.52
N ALA A 303 10.93 9.18 -31.59
CA ALA A 303 11.39 9.50 -32.97
C ALA A 303 11.31 10.98 -33.30
N LEU A 304 10.13 11.55 -33.09
CA LEU A 304 9.87 12.95 -33.41
C LEU A 304 10.69 13.90 -32.55
N GLY A 305 11.05 13.46 -31.34
CA GLY A 305 11.96 14.22 -30.48
C GLY A 305 13.37 14.30 -30.98
N HIS A 306 13.78 13.38 -31.84
CA HIS A 306 15.12 13.33 -32.41
C HIS A 306 15.25 13.85 -33.86
N THR A 307 14.15 13.90 -34.62
CA THR A 307 14.22 14.32 -36.03
C THR A 307 12.83 14.65 -36.56
N ARG A 308 12.74 15.51 -37.57
CA ARG A 308 11.52 15.67 -38.38
C ARG A 308 11.70 15.13 -39.79
N ASP A 309 12.87 14.56 -40.10
CA ASP A 309 13.08 13.82 -41.33
C ASP A 309 12.21 12.55 -41.35
N LEU A 310 11.34 12.45 -42.36
CA LEU A 310 10.36 11.40 -42.42
C LEU A 310 10.99 10.05 -42.73
N GLU A 311 12.03 10.06 -43.56
CA GLU A 311 12.74 8.81 -43.82
C GLU A 311 13.47 8.29 -42.59
N GLU A 312 14.08 9.16 -41.81
CA GLU A 312 14.78 8.70 -40.60
C GLU A 312 13.78 8.25 -39.52
N ILE A 313 12.62 8.92 -39.42
CA ILE A 313 11.52 8.44 -38.58
C ILE A 313 11.08 7.03 -38.96
N ARG A 314 11.02 6.74 -40.26
CA ARG A 314 10.65 5.41 -40.73
C ARG A 314 11.67 4.39 -40.27
N LYS A 315 12.94 4.71 -40.41
CA LYS A 315 14.04 3.77 -40.07
C LYS A 315 14.00 3.47 -38.58
N ILE A 316 13.74 4.49 -37.75
CA ILE A 316 13.67 4.29 -36.30
C ILE A 316 12.45 3.43 -35.95
N MET A 317 11.29 3.72 -36.54
CA MET A 317 10.08 2.97 -36.23
C MET A 317 10.22 1.48 -36.56
N GLU A 318 10.95 1.17 -37.62
CA GLU A 318 11.07 -0.22 -38.06
C GLU A 318 12.24 -0.96 -37.46
N ARG A 319 13.25 -0.24 -36.97
CA ARG A 319 14.40 -0.85 -36.27
C ARG A 319 14.02 -1.26 -34.81
N ASN A 320 14.48 -2.43 -34.40
CA ASN A 320 14.22 -2.95 -33.10
C ASN A 320 15.19 -2.28 -32.06
N ILE A 321 14.71 -1.31 -31.31
CA ILE A 321 15.53 -0.58 -30.34
C ILE A 321 15.67 -1.36 -29.02
N ALA A 322 14.58 -1.88 -28.48
CA ALA A 322 14.55 -2.47 -27.14
C ALA A 322 13.54 -3.60 -27.05
N GLY A 323 13.49 -4.45 -28.07
CA GLY A 323 12.64 -5.64 -28.04
C GLY A 323 11.21 -5.40 -28.42
N GLU A 324 10.87 -4.17 -28.79
CA GLU A 324 9.48 -3.82 -29.10
C GLU A 324 8.90 -4.37 -30.40
N ILE A 325 9.76 -4.70 -31.33
CA ILE A 325 9.28 -5.07 -32.68
C ILE A 325 10.12 -6.21 -33.25
N THR A 326 9.42 -7.16 -33.90
CA THR A 326 10.02 -8.38 -34.47
C THR A 326 10.54 -8.05 -35.84
N GLY A 327 11.74 -8.54 -36.13
CA GLY A 327 12.64 -7.84 -37.09
C GLY A 327 12.68 -8.26 -38.54
N SER A 328 13.34 -7.41 -39.34
CA SER A 328 13.47 -7.64 -40.81
C SER A 328 12.33 -8.51 -41.34
N MET B 1 -37.60 -26.48 -45.05
CA MET B 1 -36.37 -25.74 -44.57
C MET B 1 -35.70 -25.02 -45.76
N LYS B 2 -35.80 -23.70 -45.77
CA LYS B 2 -35.16 -22.91 -46.79
C LYS B 2 -34.23 -21.87 -46.19
N LEU B 3 -32.97 -21.91 -46.61
CA LEU B 3 -31.92 -20.98 -46.17
C LEU B 3 -31.43 -20.09 -47.30
N LEU B 4 -31.17 -18.83 -46.95
CA LEU B 4 -30.59 -17.84 -47.86
C LEU B 4 -29.14 -17.58 -47.43
N VAL B 5 -28.22 -17.64 -48.38
CA VAL B 5 -26.86 -17.15 -48.22
C VAL B 5 -26.68 -15.89 -49.03
N LEU B 6 -26.45 -14.76 -48.34
CA LEU B 6 -26.15 -13.45 -48.91
C LEU B 6 -24.66 -13.17 -48.98
N GLY B 7 -24.15 -12.95 -50.18
CA GLY B 7 -22.73 -12.74 -50.40
C GLY B 7 -22.40 -11.26 -50.43
N THR B 8 -21.34 -10.84 -49.72
CA THR B 8 -21.05 -9.44 -49.61
C THR B 8 -19.59 -9.11 -49.92
N GLY B 9 -18.78 -10.12 -50.19
CA GLY B 9 -17.34 -9.95 -50.43
C GLY B 9 -16.46 -10.63 -49.36
N GLY B 10 -15.34 -10.00 -49.05
CA GLY B 10 -14.43 -10.52 -48.04
C GLY B 10 -13.43 -11.47 -48.62
N THR B 11 -12.46 -11.74 -47.79
CA THR B 11 -11.41 -12.65 -48.09
C THR B 11 -11.91 -14.05 -48.46
N ILE B 12 -13.05 -14.43 -47.83
CA ILE B 12 -13.64 -15.74 -48.08
C ILE B 12 -13.90 -15.93 -49.60
N ALA B 13 -14.19 -14.82 -50.33
CA ALA B 13 -14.63 -14.89 -51.72
C ALA B 13 -13.49 -14.73 -52.66
N SER B 14 -12.26 -14.47 -52.15
CA SER B 14 -11.19 -14.08 -53.04
CA SER B 14 -11.19 -14.08 -53.04
C SER B 14 -10.58 -15.24 -53.81
N ALA B 15 -10.30 -14.96 -55.09
CA ALA B 15 -9.88 -15.97 -56.05
C ALA B 15 -9.16 -15.25 -57.16
N LYS B 16 -8.20 -15.88 -57.77
CA LYS B 16 -7.53 -15.41 -58.96
C LYS B 16 -8.05 -16.19 -60.19
N THR B 17 -8.09 -15.58 -61.38
CA THR B 17 -8.33 -16.31 -62.59
C THR B 17 -7.05 -16.90 -63.16
N GLU B 18 -7.26 -17.73 -64.14
CA GLU B 18 -6.17 -18.26 -64.96
C GLU B 18 -5.38 -17.13 -65.62
N MET B 19 -5.99 -15.96 -65.85
CA MET B 19 -5.28 -14.82 -66.39
C MET B 19 -4.93 -13.76 -65.38
N GLY B 20 -4.88 -14.07 -64.08
CA GLY B 20 -4.44 -13.10 -63.10
C GLY B 20 -5.49 -12.16 -62.58
N TYR B 21 -6.69 -12.21 -63.14
CA TYR B 21 -7.75 -11.33 -62.65
C TYR B 21 -8.14 -11.71 -61.19
N LYS B 22 -8.29 -10.69 -60.37
CA LYS B 22 -8.81 -10.95 -58.99
C LYS B 22 -10.31 -10.81 -58.74
N ALA B 23 -10.97 -11.95 -58.55
CA ALA B 23 -12.40 -12.06 -58.59
C ALA B 23 -12.85 -12.24 -57.21
N ALA B 24 -14.12 -11.93 -56.93
CA ALA B 24 -14.74 -12.18 -55.63
C ALA B 24 -15.86 -13.15 -56.10
N LEU B 25 -15.60 -14.42 -55.92
CA LEU B 25 -16.47 -15.54 -56.20
C LEU B 25 -17.82 -15.38 -55.53
N SER B 26 -18.86 -15.85 -56.20
CA SER B 26 -20.22 -15.75 -55.74
C SER B 26 -20.56 -16.70 -54.64
N ALA B 27 -21.64 -16.41 -53.92
CA ALA B 27 -22.02 -17.30 -52.83
C ALA B 27 -22.17 -18.80 -53.27
N ASP B 28 -22.63 -19.02 -54.48
CA ASP B 28 -22.83 -20.33 -55.02
C ASP B 28 -21.46 -21.04 -55.21
N ASP B 29 -20.51 -20.35 -55.81
CA ASP B 29 -19.16 -20.90 -55.94
C ASP B 29 -18.50 -21.22 -54.62
N ILE B 30 -18.69 -20.33 -53.62
CA ILE B 30 -18.13 -20.53 -52.30
C ILE B 30 -18.66 -21.82 -51.71
N LEU B 31 -19.99 -21.97 -51.65
CA LEU B 31 -20.58 -23.22 -51.14
C LEU B 31 -20.11 -24.48 -51.87
N GLN B 32 -19.97 -24.36 -53.17
CA GLN B 32 -19.50 -25.50 -53.96
C GLN B 32 -18.05 -25.82 -53.58
N LEU B 33 -17.19 -24.82 -53.55
CA LEU B 33 -15.78 -25.08 -53.21
C LEU B 33 -15.65 -25.54 -51.73
N ALA B 34 -16.58 -25.15 -50.87
CA ALA B 34 -16.61 -25.65 -49.53
C ALA B 34 -17.11 -27.08 -49.38
N GLY B 35 -17.62 -27.67 -50.46
CA GLY B 35 -18.20 -28.99 -50.40
C GLY B 35 -19.55 -29.02 -49.74
N ILE B 36 -20.26 -27.91 -49.73
CA ILE B 36 -21.62 -27.90 -49.15
C ILE B 36 -22.66 -28.17 -50.23
N ARG B 37 -23.81 -28.65 -49.85
CA ARG B 37 -25.13 -28.44 -50.54
C ARG B 37 -25.52 -29.74 -51.09
N ARG B 38 -24.71 -30.28 -51.98
CA ARG B 38 -25.09 -31.33 -53.01
C ARG B 38 -26.28 -32.30 -52.80
N GLU B 39 -27.32 -31.89 -52.08
CA GLU B 39 -28.32 -32.76 -51.36
C GLU B 39 -29.38 -31.78 -50.82
N ASP B 40 -30.54 -32.37 -50.42
CA ASP B 40 -31.63 -31.67 -49.77
C ASP B 40 -32.17 -32.25 -48.41
N GLY B 41 -33.29 -31.78 -47.95
CA GLY B 41 -33.62 -31.69 -46.53
C GLY B 41 -33.76 -30.20 -46.43
N ALA B 42 -32.62 -29.52 -46.42
CA ALA B 42 -32.55 -28.02 -46.45
C ALA B 42 -32.25 -27.48 -47.89
N LYS B 43 -33.16 -26.68 -48.45
CA LYS B 43 -32.89 -26.00 -49.70
C LYS B 43 -32.08 -24.72 -49.41
N ILE B 44 -30.94 -24.57 -50.06
CA ILE B 44 -30.08 -23.39 -49.92
C ILE B 44 -30.10 -22.54 -51.19
N GLU B 45 -30.58 -21.30 -51.04
CA GLU B 45 -30.57 -20.32 -52.09
C GLU B 45 -29.52 -19.26 -51.83
N THR B 46 -29.11 -18.63 -52.92
CA THR B 46 -27.99 -17.73 -52.92
C THR B 46 -28.30 -16.43 -53.56
N ARG B 47 -27.76 -15.34 -53.03
CA ARG B 47 -27.85 -14.05 -53.66
C ARG B 47 -26.61 -13.25 -53.36
N ASP B 48 -26.07 -12.51 -54.31
CA ASP B 48 -24.86 -11.71 -54.10
C ASP B 48 -25.28 -10.27 -54.19
N ILE B 49 -25.01 -9.50 -53.12
CA ILE B 49 -25.40 -8.11 -53.02
C ILE B 49 -24.24 -7.12 -53.03
N LEU B 50 -23.02 -7.54 -52.77
CA LEU B 50 -21.88 -6.63 -52.74
C LEU B 50 -20.68 -7.49 -52.97
N ASN B 51 -19.60 -6.88 -53.39
CA ASN B 51 -18.34 -7.54 -53.51
C ASN B 51 -17.22 -6.56 -52.94
N LEU B 52 -17.16 -6.42 -51.62
CA LEU B 52 -16.16 -5.55 -51.01
C LEU B 52 -15.20 -6.25 -50.07
N ASP B 53 -13.96 -5.85 -50.18
CA ASP B 53 -13.02 -5.90 -49.08
C ASP B 53 -13.70 -5.24 -47.91
N SER B 54 -13.90 -5.92 -46.78
CA SER B 54 -14.65 -5.29 -45.69
C SER B 54 -14.02 -4.01 -45.03
N THR B 55 -12.74 -3.75 -45.29
CA THR B 55 -12.17 -2.44 -44.99
C THR B 55 -12.89 -1.28 -45.62
N LEU B 56 -13.53 -1.54 -46.76
CA LEU B 56 -14.20 -0.49 -47.51
C LEU B 56 -15.64 -0.33 -47.12
N ILE B 57 -16.13 -1.11 -46.16
CA ILE B 57 -17.53 -1.04 -45.79
C ILE B 57 -17.82 0.32 -45.16
N GLN B 58 -18.94 0.91 -45.55
CA GLN B 58 -19.36 2.17 -45.00
C GLN B 58 -20.76 1.96 -44.38
N PRO B 59 -21.20 2.87 -43.52
CA PRO B 59 -22.49 2.65 -42.89
C PRO B 59 -23.69 2.58 -43.79
N GLU B 60 -23.63 3.23 -44.93
CA GLU B 60 -24.70 3.14 -45.96
C GLU B 60 -24.86 1.68 -46.41
N ASP B 61 -23.75 0.92 -46.49
CA ASP B 61 -23.81 -0.51 -46.82
C ASP B 61 -24.60 -1.33 -45.79
N TRP B 62 -24.63 -0.90 -44.52
CA TRP B 62 -25.41 -1.63 -43.51
C TRP B 62 -26.89 -1.54 -43.83
N VAL B 63 -27.32 -0.43 -44.35
CA VAL B 63 -28.70 -0.26 -44.79
C VAL B 63 -29.02 -1.26 -45.93
N THR B 64 -28.12 -1.35 -46.91
CA THR B 64 -28.30 -2.27 -48.05
C THR B 64 -28.37 -3.73 -47.55
N ILE B 65 -27.43 -4.12 -46.70
CA ILE B 65 -27.42 -5.48 -46.17
C ILE B 65 -28.69 -5.71 -45.33
N GLY B 66 -29.01 -4.72 -44.50
CA GLY B 66 -30.17 -4.82 -43.63
C GLY B 66 -31.48 -4.99 -44.37
N ARG B 67 -31.62 -4.24 -45.44
CA ARG B 67 -32.85 -4.29 -46.28
C ARG B 67 -32.98 -5.68 -46.87
N ALA B 68 -31.89 -6.22 -47.41
CA ALA B 68 -31.91 -7.58 -47.95
C ALA B 68 -32.25 -8.65 -46.87
N VAL B 69 -31.70 -8.48 -45.65
CA VAL B 69 -32.03 -9.41 -44.58
C VAL B 69 -33.50 -9.38 -44.22
N PHE B 70 -34.00 -8.18 -43.98
CA PHE B 70 -35.38 -8.00 -43.51
C PHE B 70 -36.43 -8.48 -44.52
N GLU B 71 -36.21 -8.18 -45.80
CA GLU B 71 -37.06 -8.65 -46.87
C GLU B 71 -37.02 -10.15 -46.99
N ALA B 72 -35.89 -10.79 -46.67
CA ALA B 72 -35.80 -12.24 -46.72
C ALA B 72 -36.58 -12.96 -45.58
N PHE B 73 -37.05 -12.21 -44.56
CA PHE B 73 -37.81 -12.83 -43.48
C PHE B 73 -39.12 -13.46 -43.93
N ASP B 74 -39.76 -12.90 -44.95
CA ASP B 74 -40.92 -13.59 -45.54
C ASP B 74 -40.63 -14.98 -46.13
N GLU B 75 -39.55 -15.14 -46.89
CA GLU B 75 -39.33 -16.38 -47.68
C GLU B 75 -38.49 -17.43 -46.93
N TYR B 76 -37.66 -17.11 -45.93
CA TYR B 76 -36.67 -18.08 -45.44
C TYR B 76 -36.77 -18.45 -43.96
N ASP B 77 -36.19 -19.59 -43.60
CA ASP B 77 -36.11 -20.10 -42.23
C ASP B 77 -34.82 -19.73 -41.51
N GLY B 78 -33.80 -19.35 -42.27
CA GLY B 78 -32.53 -18.87 -41.71
C GLY B 78 -31.75 -18.16 -42.79
N ILE B 79 -30.82 -17.29 -42.35
CA ILE B 79 -29.96 -16.54 -43.26
C ILE B 79 -28.52 -16.63 -42.80
N VAL B 80 -27.59 -16.84 -43.73
CA VAL B 80 -26.15 -16.70 -43.50
C VAL B 80 -25.64 -15.61 -44.44
N ILE B 81 -24.81 -14.70 -43.90
CA ILE B 81 -24.16 -13.65 -44.70
C ILE B 81 -22.68 -13.90 -44.73
N THR B 82 -22.09 -13.99 -45.90
CA THR B 82 -20.65 -14.12 -46.05
C THR B 82 -20.09 -12.70 -46.23
N HIS B 83 -19.05 -12.37 -45.46
CA HIS B 83 -18.55 -10.99 -45.25
C HIS B 83 -17.05 -11.02 -44.94
N GLY B 84 -16.36 -9.91 -45.20
CA GLY B 84 -14.99 -9.77 -44.81
C GLY B 84 -14.86 -9.77 -43.23
N THR B 85 -13.72 -10.21 -42.71
CA THR B 85 -13.49 -10.21 -41.26
C THR B 85 -13.18 -8.84 -40.66
N ASP B 86 -12.50 -8.00 -41.40
CA ASP B 86 -12.12 -6.66 -40.92
C ASP B 86 -13.23 -5.88 -40.28
N THR B 87 -14.45 -5.88 -40.84
CA THR B 87 -15.53 -5.14 -40.27
C THR B 87 -16.71 -5.96 -39.95
N LEU B 88 -16.53 -7.28 -39.91
CA LEU B 88 -17.62 -8.17 -39.55
C LEU B 88 -18.37 -7.78 -38.27
N ALA B 89 -17.61 -7.42 -37.23
CA ALA B 89 -18.24 -7.08 -35.95
C ALA B 89 -18.96 -5.75 -35.95
N TYR B 90 -18.52 -4.84 -36.78
CA TYR B 90 -19.25 -3.59 -36.96
C TYR B 90 -20.59 -3.85 -37.69
N THR B 91 -20.57 -4.67 -38.76
CA THR B 91 -21.82 -4.97 -39.45
C THR B 91 -22.75 -5.76 -38.55
N SER B 92 -22.24 -6.76 -37.84
CA SER B 92 -23.10 -7.51 -36.93
C SER B 92 -23.75 -6.71 -35.84
N SER B 93 -23.00 -5.72 -35.32
CA SER B 93 -23.54 -4.82 -34.29
C SER B 93 -24.58 -3.91 -34.86
N ALA B 94 -24.24 -3.26 -35.98
CA ALA B 94 -25.19 -2.31 -36.63
C ALA B 94 -26.49 -3.00 -37.02
N LEU B 95 -26.42 -4.19 -37.61
CA LEU B 95 -27.67 -4.93 -37.94
C LEU B 95 -28.51 -5.27 -36.73
N SER B 96 -27.87 -5.47 -35.58
CA SER B 96 -28.62 -5.73 -34.34
C SER B 96 -29.42 -4.55 -33.85
N PHE B 97 -28.99 -3.35 -34.13
CA PHE B 97 -29.78 -2.18 -33.76
C PHE B 97 -30.81 -1.82 -34.86
N MET B 98 -30.47 -2.05 -36.13
CA MET B 98 -31.33 -1.73 -37.25
C MET B 98 -32.49 -2.72 -37.45
N ILE B 99 -32.33 -3.97 -37.02
CA ILE B 99 -33.36 -4.98 -37.09
C ILE B 99 -33.76 -5.50 -35.70
N ARG B 100 -34.93 -5.12 -35.20
CA ARG B 100 -35.50 -5.66 -33.96
C ARG B 100 -36.33 -6.93 -34.16
N ASN B 101 -36.23 -7.87 -33.22
CA ASN B 101 -37.02 -9.11 -33.20
C ASN B 101 -36.91 -9.87 -34.54
N PRO B 102 -35.70 -10.12 -34.99
CA PRO B 102 -35.57 -11.01 -36.11
C PRO B 102 -36.33 -12.32 -35.85
N PRO B 103 -37.14 -12.82 -36.80
CA PRO B 103 -37.90 -14.03 -36.54
C PRO B 103 -37.12 -15.34 -36.82
N ILE B 104 -35.90 -15.23 -37.36
CA ILE B 104 -35.10 -16.40 -37.69
C ILE B 104 -33.65 -16.15 -37.30
N PRO B 105 -32.81 -17.18 -37.29
CA PRO B 105 -31.38 -16.91 -37.14
C PRO B 105 -30.76 -16.24 -38.37
N VAL B 106 -30.01 -15.19 -38.12
CA VAL B 106 -29.22 -14.46 -39.12
C VAL B 106 -27.76 -14.51 -38.65
N VAL B 107 -26.95 -15.27 -39.38
CA VAL B 107 -25.60 -15.56 -38.98
C VAL B 107 -24.58 -15.03 -39.96
N LEU B 108 -23.75 -14.08 -39.51
CA LEU B 108 -22.65 -13.59 -40.33
C LEU B 108 -21.41 -14.43 -40.15
N THR B 109 -20.63 -14.58 -41.22
CA THR B 109 -19.40 -15.32 -41.11
C THR B 109 -18.44 -14.90 -42.20
N GLY B 110 -17.22 -15.41 -42.08
CA GLY B 110 -16.17 -15.06 -43.01
C GLY B 110 -15.06 -16.04 -42.79
N SER B 111 -13.88 -15.69 -43.30
CA SER B 111 -12.73 -16.55 -43.06
C SER B 111 -11.47 -15.72 -43.09
N MET B 112 -10.42 -16.27 -42.50
CA MET B 112 -9.11 -15.63 -42.53
C MET B 112 -8.35 -15.98 -43.77
N LEU B 113 -8.60 -17.18 -44.35
CA LEU B 113 -8.01 -17.63 -45.62
C LEU B 113 -9.12 -17.72 -46.75
N PRO B 114 -8.76 -17.38 -47.98
CA PRO B 114 -9.67 -17.57 -49.15
C PRO B 114 -10.18 -18.98 -49.25
N ILE B 115 -11.45 -19.17 -49.63
CA ILE B 115 -11.98 -20.52 -49.89
C ILE B 115 -11.17 -21.31 -50.91
N THR B 116 -10.55 -20.63 -51.86
CA THR B 116 -9.67 -21.28 -52.85
C THR B 116 -8.35 -21.79 -52.24
N GLU B 117 -7.94 -21.34 -51.05
CA GLU B 117 -6.71 -21.85 -50.43
C GLU B 117 -6.91 -23.25 -49.90
N PRO B 118 -5.86 -24.09 -49.97
CA PRO B 118 -6.15 -25.53 -49.59
C PRO B 118 -6.44 -25.87 -48.09
N ASN B 119 -5.88 -25.16 -47.14
CA ASN B 119 -6.25 -25.36 -45.75
C ASN B 119 -7.15 -24.29 -45.19
N SER B 120 -8.09 -23.87 -46.04
CA SER B 120 -8.99 -22.78 -45.69
C SER B 120 -9.79 -23.06 -44.44
N ASP B 121 -9.98 -22.04 -43.63
CA ASP B 121 -10.97 -22.06 -42.53
C ASP B 121 -12.44 -21.84 -42.96
N ALA B 122 -12.64 -21.38 -44.22
CA ALA B 122 -13.93 -21.03 -44.68
C ALA B 122 -14.92 -22.21 -44.65
N PRO B 123 -14.55 -23.40 -45.09
CA PRO B 123 -15.52 -24.55 -45.01
C PRO B 123 -16.07 -24.78 -43.61
N ARG B 124 -15.21 -24.75 -42.60
CA ARG B 124 -15.65 -24.97 -41.25
C ARG B 124 -16.57 -23.82 -40.80
N ASN B 125 -16.19 -22.57 -41.10
CA ASN B 125 -16.99 -21.43 -40.69
C ASN B 125 -18.39 -21.42 -41.28
N LEU B 126 -18.47 -21.80 -42.57
CA LEU B 126 -19.76 -21.94 -43.26
C LEU B 126 -20.60 -23.01 -42.67
N ARG B 127 -20.02 -24.18 -42.41
CA ARG B 127 -20.79 -25.27 -41.76
C ARG B 127 -21.33 -24.88 -40.46
N THR B 128 -20.53 -24.16 -39.67
CA THR B 128 -21.02 -23.76 -38.38
C THR B 128 -22.16 -22.79 -38.55
N ALA B 129 -22.01 -21.81 -39.45
CA ALA B 129 -23.08 -20.83 -39.70
C ALA B 129 -24.37 -21.46 -40.23
N LEU B 130 -24.22 -22.38 -41.21
CA LEU B 130 -25.37 -23.04 -41.78
C LEU B 130 -26.08 -23.98 -40.80
N THR B 131 -25.33 -24.73 -39.97
CA THR B 131 -25.94 -25.60 -38.98
C THR B 131 -26.77 -24.77 -38.01
N PHE B 132 -26.23 -23.64 -37.55
CA PHE B 132 -27.01 -22.81 -36.65
C PHE B 132 -28.17 -22.12 -37.36
N ALA B 133 -27.98 -21.71 -38.59
CA ALA B 133 -29.07 -21.14 -39.40
C ALA B 133 -30.26 -22.10 -39.48
N ARG B 134 -30.01 -23.40 -39.54
CA ARG B 134 -31.09 -24.35 -39.62
C ARG B 134 -31.59 -24.93 -38.30
N LYS B 135 -30.76 -25.01 -37.26
CA LYS B 135 -31.15 -25.57 -35.99
C LYS B 135 -31.06 -24.63 -34.81
N GLY B 136 -30.67 -23.38 -35.02
CA GLY B 136 -30.43 -22.46 -33.90
C GLY B 136 -31.71 -21.75 -33.56
N PHE B 137 -31.65 -20.49 -33.21
CA PHE B 137 -32.84 -19.75 -32.78
C PHE B 137 -32.67 -18.30 -33.21
N PRO B 138 -33.75 -17.53 -33.18
CA PRO B 138 -33.70 -16.17 -33.73
C PRO B 138 -32.67 -15.23 -33.16
N GLY B 139 -32.24 -14.29 -33.99
CA GLY B 139 -31.28 -13.27 -33.59
C GLY B 139 -30.20 -13.08 -34.63
N ILE B 140 -29.27 -12.20 -34.30
CA ILE B 140 -28.16 -11.80 -35.13
C ILE B 140 -26.89 -12.30 -34.46
N TYR B 141 -26.16 -13.19 -35.12
CA TYR B 141 -25.04 -13.93 -34.58
C TYR B 141 -23.91 -13.88 -35.54
N VAL B 142 -22.70 -14.17 -35.01
CA VAL B 142 -21.51 -14.37 -35.79
C VAL B 142 -21.03 -15.79 -35.55
N ALA B 143 -20.62 -16.45 -36.63
CA ALA B 143 -20.11 -17.80 -36.58
C ALA B 143 -18.63 -17.70 -36.95
N PHE B 144 -17.81 -18.37 -36.16
CA PHE B 144 -16.37 -18.42 -36.45
C PHE B 144 -15.80 -19.61 -35.73
N MET B 145 -14.96 -20.37 -36.44
CA MET B 145 -14.59 -21.71 -36.01
C MET B 145 -15.85 -22.53 -35.71
N ASP B 146 -15.95 -23.17 -34.54
CA ASP B 146 -17.12 -23.90 -34.13
C ASP B 146 -18.04 -23.05 -33.25
N LYS B 147 -17.86 -21.72 -33.18
CA LYS B 147 -18.59 -20.92 -32.22
C LYS B 147 -19.64 -20.05 -32.89
N ILE B 148 -20.73 -19.88 -32.16
CA ILE B 148 -21.77 -18.92 -32.46
C ILE B 148 -21.77 -17.90 -31.29
N MET B 149 -21.68 -16.63 -31.67
CA MET B 149 -21.55 -15.52 -30.75
C MET B 149 -22.57 -14.45 -31.06
N LEU B 150 -23.06 -13.76 -30.04
CA LEU B 150 -23.97 -12.70 -30.19
C LEU B 150 -23.34 -11.58 -30.98
N GLY B 151 -24.08 -11.11 -31.98
CA GLY B 151 -23.56 -10.13 -32.93
C GLY B 151 -23.14 -8.78 -32.39
N THR B 152 -23.77 -8.42 -31.31
CA THR B 152 -23.42 -7.21 -30.57
CA THR B 152 -23.43 -7.21 -30.57
C THR B 152 -22.32 -7.38 -29.48
N ARG B 153 -21.67 -8.52 -29.43
CA ARG B 153 -20.74 -8.89 -28.44
C ARG B 153 -19.47 -9.44 -28.99
N VAL B 154 -19.18 -9.29 -30.27
CA VAL B 154 -17.97 -9.86 -30.86
C VAL B 154 -17.01 -8.80 -31.20
N SER B 155 -15.72 -9.13 -31.16
CA SER B 155 -14.68 -8.33 -31.79
C SER B 155 -13.70 -9.20 -32.45
N LYS B 156 -13.03 -8.62 -33.42
CA LYS B 156 -11.90 -9.23 -34.07
C LYS B 156 -10.67 -8.96 -33.23
N VAL B 157 -10.18 -9.96 -32.47
CA VAL B 157 -9.11 -9.78 -31.55
C VAL B 157 -7.78 -10.26 -32.07
N HIS B 158 -7.76 -11.09 -33.12
CA HIS B 158 -6.50 -11.48 -33.78
CA HIS B 158 -6.49 -11.48 -33.77
C HIS B 158 -6.51 -11.01 -35.25
N SER B 159 -5.36 -10.53 -35.74
CA SER B 159 -5.28 -10.10 -37.14
C SER B 159 -4.72 -11.23 -38.04
N LEU B 160 -4.26 -12.31 -37.45
CA LEU B 160 -3.53 -13.37 -38.10
C LEU B 160 -4.12 -14.75 -37.73
N GLY B 161 -4.41 -15.06 -36.48
CA GLY B 161 -4.83 -16.44 -36.18
C GLY B 161 -6.22 -16.84 -36.69
N LEU B 162 -6.49 -18.13 -36.80
CA LEU B 162 -7.78 -18.66 -37.14
C LEU B 162 -8.87 -18.41 -36.08
N ASN B 163 -8.51 -18.34 -34.80
CA ASN B 163 -9.51 -18.03 -33.79
C ASN B 163 -9.63 -16.55 -33.60
N ALA B 164 -10.07 -15.85 -34.62
CA ALA B 164 -9.90 -14.42 -34.67
C ALA B 164 -10.98 -13.63 -33.94
N PHE B 165 -12.14 -14.25 -33.68
CA PHE B 165 -13.30 -13.51 -33.15
C PHE B 165 -13.60 -14.07 -31.73
N GLN B 166 -13.83 -13.19 -30.78
CA GLN B 166 -14.21 -13.64 -29.47
C GLN B 166 -15.41 -12.91 -29.00
N SER B 167 -16.12 -13.55 -28.12
CA SER B 167 -17.18 -12.89 -27.40
C SER B 167 -16.63 -12.13 -26.17
N ILE B 168 -17.04 -10.88 -25.98
CA ILE B 168 -16.38 -9.93 -25.09
C ILE B 168 -17.38 -9.56 -24.01
N ASN B 169 -17.04 -9.91 -22.77
CA ASN B 169 -17.82 -9.59 -21.56
C ASN B 169 -19.19 -10.28 -21.59
N TYR B 170 -19.31 -11.42 -22.27
CA TYR B 170 -20.60 -12.08 -22.46
C TYR B 170 -20.28 -13.51 -22.94
N PRO B 171 -20.98 -14.51 -22.49
CA PRO B 171 -20.63 -15.87 -22.97
C PRO B 171 -20.99 -16.13 -24.48
N ASP B 172 -20.26 -17.03 -25.09
CA ASP B 172 -20.59 -17.68 -26.32
C ASP B 172 -22.02 -18.19 -26.26
N ILE B 173 -22.72 -18.08 -27.38
CA ILE B 173 -24.13 -18.55 -27.47
C ILE B 173 -24.19 -20.04 -27.61
N ALA B 174 -23.38 -20.58 -28.51
CA ALA B 174 -23.45 -22.00 -28.82
C ALA B 174 -22.21 -22.46 -29.52
N TYR B 175 -22.02 -23.77 -29.52
CA TYR B 175 -20.98 -24.39 -30.29
C TYR B 175 -21.63 -25.40 -31.29
N VAL B 176 -21.04 -25.54 -32.47
CA VAL B 176 -21.44 -26.54 -33.40
C VAL B 176 -20.47 -27.68 -33.39
N LYS B 177 -20.94 -28.89 -33.16
CA LYS B 177 -20.10 -30.07 -33.25
C LYS B 177 -20.78 -31.03 -34.25
N GLY B 178 -20.16 -31.27 -35.40
CA GLY B 178 -20.78 -32.00 -36.51
C GLY B 178 -22.03 -31.29 -36.97
N ASP B 179 -23.19 -31.91 -36.82
CA ASP B 179 -24.47 -31.31 -37.14
C ASP B 179 -25.28 -30.91 -35.94
N GLU B 180 -24.70 -30.96 -34.75
CA GLU B 180 -25.39 -30.51 -33.55
C GLU B 180 -24.99 -29.12 -33.03
N VAL B 181 -25.99 -28.42 -32.47
CA VAL B 181 -25.84 -27.20 -31.79
C VAL B 181 -25.84 -27.51 -30.30
N LEU B 182 -24.78 -27.16 -29.58
CA LEU B 182 -24.70 -27.29 -28.10
C LEU B 182 -24.80 -25.89 -27.55
N VAL B 183 -25.91 -25.62 -26.91
CA VAL B 183 -26.22 -24.29 -26.44
C VAL B 183 -25.47 -24.03 -25.09
N ARG B 184 -24.75 -22.91 -25.03
CA ARG B 184 -24.05 -22.42 -23.87
C ARG B 184 -24.92 -21.34 -23.20
N HIS B 185 -25.53 -20.45 -23.94
CA HIS B 185 -26.36 -19.40 -23.37
C HIS B 185 -27.39 -18.98 -24.42
N LYS B 186 -28.67 -19.11 -24.10
CA LYS B 186 -29.73 -18.62 -24.96
C LYS B 186 -30.10 -17.23 -24.51
N PRO B 187 -29.99 -16.21 -25.36
CA PRO B 187 -30.35 -14.85 -24.93
C PRO B 187 -31.85 -14.64 -24.85
N ARG B 188 -32.28 -13.50 -24.31
CA ARG B 188 -33.73 -13.16 -24.32
C ARG B 188 -34.15 -12.85 -25.76
N ILE B 189 -35.20 -13.50 -26.23
CA ILE B 189 -35.60 -13.43 -27.65
C ILE B 189 -36.96 -12.74 -27.70
N GLY B 190 -37.00 -11.57 -28.32
CA GLY B 190 -38.16 -10.70 -28.23
C GLY B 190 -39.30 -11.25 -29.08
N ASN B 191 -40.41 -11.54 -28.40
CA ASN B 191 -41.68 -11.97 -28.98
C ASN B 191 -42.32 -11.03 -30.03
N GLY B 192 -41.95 -9.74 -30.03
CA GLY B 192 -42.57 -8.72 -30.87
C GLY B 192 -42.44 -8.94 -32.37
N GLU B 193 -43.03 -8.04 -33.15
CA GLU B 193 -42.98 -8.15 -34.61
C GLU B 193 -41.63 -7.67 -35.14
N PRO B 194 -41.12 -8.26 -36.24
CA PRO B 194 -39.86 -7.74 -36.82
C PRO B 194 -39.98 -6.26 -37.22
N LEU B 195 -38.97 -5.44 -36.91
CA LEU B 195 -39.01 -4.02 -37.25
C LEU B 195 -37.70 -3.66 -37.88
N PHE B 196 -37.74 -2.92 -38.98
CA PHE B 196 -36.57 -2.41 -39.62
C PHE B 196 -36.49 -0.95 -39.29
N ASP B 197 -35.36 -0.51 -38.75
CA ASP B 197 -35.22 0.86 -38.25
C ASP B 197 -33.81 1.36 -38.57
N PRO B 198 -33.56 1.72 -39.85
CA PRO B 198 -32.23 1.95 -40.37
C PRO B 198 -31.56 3.31 -40.19
N GLU B 199 -32.21 4.27 -39.56
CA GLU B 199 -31.65 5.64 -39.56
C GLU B 199 -30.39 5.66 -38.68
N LEU B 200 -29.30 6.08 -39.25
CA LEU B 200 -28.10 6.31 -38.52
C LEU B 200 -27.30 7.50 -39.04
N ASP B 201 -26.52 8.12 -38.14
CA ASP B 201 -25.72 9.28 -38.45
C ASP B 201 -24.30 8.78 -38.43
N PRO B 202 -23.67 8.68 -39.61
CA PRO B 202 -22.31 8.13 -39.68
C PRO B 202 -21.17 9.06 -39.17
N ASN B 203 -21.48 10.30 -38.81
CA ASN B 203 -20.45 11.31 -38.51
C ASN B 203 -20.02 11.24 -37.04
N VAL B 204 -19.34 10.14 -36.69
CA VAL B 204 -18.84 9.89 -35.37
C VAL B 204 -17.38 9.52 -35.50
N VAL B 205 -16.62 9.80 -34.47
CA VAL B 205 -15.19 9.59 -34.45
C VAL B 205 -14.79 8.89 -33.15
N HIS B 206 -13.84 7.98 -33.27
CA HIS B 206 -13.39 7.13 -32.20
C HIS B 206 -11.92 7.43 -32.00
N ILE B 207 -11.62 8.02 -30.85
CA ILE B 207 -10.24 8.50 -30.58
C ILE B 207 -9.75 7.91 -29.27
N ARG B 208 -8.47 7.62 -29.23
CA ARG B 208 -7.87 7.09 -28.01
C ARG B 208 -7.27 8.21 -27.15
N LEU B 209 -7.68 8.28 -25.88
CA LEU B 209 -7.03 9.22 -24.92
C LEU B 209 -5.63 8.72 -24.62
N THR B 210 -4.65 9.53 -24.88
CA THR B 210 -3.25 9.12 -24.77
C THR B 210 -2.49 10.19 -24.03
N PRO B 211 -1.44 9.82 -23.25
CA PRO B 211 -0.64 10.89 -22.72
C PRO B 211 -0.12 11.74 -23.89
N GLY B 212 -0.16 13.04 -23.72
CA GLY B 212 0.23 13.91 -24.82
C GLY B 212 -0.90 14.36 -25.73
N LEU B 213 -2.09 13.74 -25.73
CA LEU B 213 -3.21 14.25 -26.49
C LEU B 213 -3.53 15.65 -26.07
N SER B 214 -3.54 16.58 -27.04
CA SER B 214 -3.68 18.01 -26.71
C SER B 214 -5.13 18.47 -26.76
N PRO B 215 -5.50 19.47 -25.92
CA PRO B 215 -6.75 20.18 -26.05
C PRO B 215 -7.10 20.61 -27.48
N GLU B 216 -6.10 21.10 -28.21
CA GLU B 216 -6.25 21.61 -29.59
C GLU B 216 -6.80 20.53 -30.53
N VAL B 217 -6.22 19.32 -30.43
CA VAL B 217 -6.64 18.19 -31.26
C VAL B 217 -8.07 17.79 -30.96
N LEU B 218 -8.40 17.71 -29.70
CA LEU B 218 -9.73 17.26 -29.32
C LEU B 218 -10.80 18.31 -29.69
N ARG B 219 -10.42 19.58 -29.66
CA ARG B 219 -11.29 20.66 -30.17
C ARG B 219 -11.55 20.55 -31.67
N ALA B 220 -10.46 20.35 -32.43
CA ALA B 220 -10.54 20.19 -33.87
C ALA B 220 -11.43 19.01 -34.27
N VAL B 221 -11.34 17.92 -33.52
CA VAL B 221 -12.17 16.74 -33.74
C VAL B 221 -13.62 17.04 -33.41
N ALA B 222 -13.86 17.69 -32.28
CA ALA B 222 -15.21 17.95 -31.81
C ALA B 222 -15.97 18.83 -32.79
N ARG B 223 -15.32 19.86 -33.38
CA ARG B 223 -15.99 20.75 -34.36
C ARG B 223 -16.30 20.17 -35.73
N ALA B 224 -15.84 18.95 -36.03
CA ALA B 224 -15.94 18.32 -37.32
C ALA B 224 -16.79 17.05 -37.33
N THR B 225 -17.38 16.67 -36.19
CA THR B 225 -18.16 15.47 -36.08
C THR B 225 -19.42 15.75 -35.32
N ASP B 226 -20.31 14.79 -35.24
CA ASP B 226 -21.51 14.94 -34.41
C ASP B 226 -21.48 14.17 -33.08
N GLY B 227 -20.51 13.30 -32.91
CA GLY B 227 -20.43 12.44 -31.74
C GLY B 227 -19.02 11.92 -31.61
N ILE B 228 -18.59 11.63 -30.38
CA ILE B 228 -17.23 11.19 -30.14
C ILE B 228 -17.28 9.98 -29.26
N VAL B 229 -16.55 8.95 -29.63
CA VAL B 229 -16.22 7.85 -28.72
C VAL B 229 -14.79 8.03 -28.24
N LEU B 230 -14.62 8.22 -26.93
CA LEU B 230 -13.30 8.31 -26.33
C LEU B 230 -12.93 6.98 -25.74
N GLU B 231 -11.73 6.53 -26.01
CA GLU B 231 -11.27 5.26 -25.52
C GLU B 231 -10.26 5.58 -24.38
N GLY B 232 -10.76 5.52 -23.12
CA GLY B 232 -9.98 5.88 -21.96
C GLY B 232 -9.25 4.71 -21.34
N TYR B 233 -8.44 4.99 -20.32
CA TYR B 233 -7.68 3.99 -19.61
C TYR B 233 -8.54 3.26 -18.57
N GLY B 234 -8.42 1.94 -18.50
CA GLY B 234 -9.05 1.16 -17.46
C GLY B 234 -10.52 1.39 -17.31
N ALA B 235 -10.93 1.75 -16.09
CA ALA B 235 -12.30 1.98 -15.72
C ALA B 235 -12.85 3.29 -16.28
N GLY B 236 -12.00 4.12 -16.84
CA GLY B 236 -12.39 5.32 -17.56
C GLY B 236 -12.19 6.62 -16.69
N GLY B 237 -11.87 7.70 -17.37
CA GLY B 237 -11.63 8.99 -16.84
C GLY B 237 -10.97 9.90 -17.84
N ILE B 238 -10.89 11.20 -17.53
CA ILE B 238 -10.25 12.09 -18.47
C ILE B 238 -9.11 12.84 -17.76
N PRO B 239 -7.91 12.93 -18.40
CA PRO B 239 -6.78 13.70 -17.94
C PRO B 239 -7.15 15.19 -17.84
N TYR B 240 -6.81 15.77 -16.69
CA TYR B 240 -6.98 17.18 -16.44
C TYR B 240 -5.71 17.95 -16.07
N ARG B 241 -4.58 17.30 -15.98
CA ARG B 241 -3.33 17.90 -15.42
C ARG B 241 -2.42 18.16 -16.63
N GLY B 242 -1.82 19.32 -16.69
CA GLY B 242 -0.94 19.72 -17.79
C GLY B 242 -1.66 19.91 -19.12
N ARG B 243 -2.25 18.87 -19.67
CA ARG B 243 -3.08 18.98 -20.87
C ARG B 243 -4.47 18.72 -20.39
N ASN B 244 -5.23 19.78 -20.22
CA ASN B 244 -6.54 19.70 -19.61
C ASN B 244 -7.58 19.34 -20.63
N LEU B 245 -7.75 18.04 -20.83
CA LEU B 245 -8.74 17.54 -21.76
C LEU B 245 -10.15 17.55 -21.16
N LEU B 246 -10.26 17.53 -19.82
CA LEU B 246 -11.57 17.61 -19.16
C LEU B 246 -12.34 18.88 -19.53
N GLU B 247 -11.61 19.98 -19.59
CA GLU B 247 -12.19 21.26 -19.97
C GLU B 247 -12.76 21.21 -21.41
N VAL B 248 -12.03 20.62 -22.35
CA VAL B 248 -12.52 20.48 -23.72
C VAL B 248 -13.75 19.58 -23.75
N VAL B 249 -13.76 18.53 -22.93
CA VAL B 249 -14.88 17.61 -22.90
C VAL B 249 -16.15 18.24 -22.31
N SER B 250 -16.04 19.05 -21.25
CA SER B 250 -17.25 19.65 -20.65
C SER B 250 -17.92 20.61 -21.60
N GLU B 251 -17.15 21.33 -22.40
CA GLU B 251 -17.69 22.21 -23.45
C GLU B 251 -18.35 21.45 -24.60
N THR B 252 -17.64 20.47 -25.14
CA THR B 252 -18.17 19.62 -26.20
C THR B 252 -19.47 18.93 -25.74
N ALA B 253 -19.47 18.34 -24.56
CA ALA B 253 -20.62 17.55 -24.07
C ALA B 253 -21.87 18.34 -23.77
N ARG B 254 -21.76 19.66 -23.74
CA ARG B 254 -22.95 20.51 -23.79
C ARG B 254 -23.70 20.40 -25.13
N GLU B 255 -22.98 20.21 -26.25
CA GLU B 255 -23.60 20.22 -27.59
C GLU B 255 -23.65 18.87 -28.31
N LYS B 256 -22.76 17.93 -27.96
CA LYS B 256 -22.64 16.66 -28.69
C LYS B 256 -22.35 15.55 -27.70
N PRO B 257 -22.85 14.33 -27.96
CA PRO B 257 -22.50 13.19 -27.12
C PRO B 257 -21.03 12.80 -27.20
N VAL B 258 -20.48 12.53 -26.02
CA VAL B 258 -19.14 12.05 -25.83
C VAL B 258 -19.32 10.80 -25.00
N VAL B 259 -18.90 9.66 -25.58
CA VAL B 259 -19.14 8.37 -24.97
C VAL B 259 -17.78 7.83 -24.62
N MET B 260 -17.68 7.20 -23.47
CA MET B 260 -16.36 6.69 -23.00
C MET B 260 -16.38 5.19 -22.91
N THR B 261 -15.45 4.55 -23.64
CA THR B 261 -15.20 3.12 -23.49
C THR B 261 -13.75 3.02 -23.00
N THR B 262 -13.22 1.81 -22.94
CA THR B 262 -11.91 1.54 -22.42
C THR B 262 -10.96 0.99 -23.48
N GLN B 263 -9.65 1.24 -23.27
CA GLN B 263 -8.57 0.67 -24.02
C GLN B 263 -8.39 -0.79 -23.70
N ALA B 264 -8.84 -1.26 -22.58
CA ALA B 264 -8.79 -2.66 -22.30
C ALA B 264 -9.73 -3.42 -23.24
N LEU B 265 -9.42 -4.69 -23.48
CA LEU B 265 -10.29 -5.54 -24.33
C LEU B 265 -11.45 -6.02 -23.49
N TYR B 266 -11.17 -6.48 -22.29
CA TYR B 266 -12.18 -6.97 -21.32
C TYR B 266 -12.50 -6.05 -20.17
N GLY B 267 -13.76 -6.12 -19.73
CA GLY B 267 -14.25 -5.47 -18.54
C GLY B 267 -14.97 -4.16 -18.67
N GLY B 268 -14.91 -3.48 -19.80
CA GLY B 268 -15.64 -2.23 -19.94
C GLY B 268 -15.26 -1.10 -18.95
N VAL B 269 -16.12 -0.10 -18.83
CA VAL B 269 -15.88 1.02 -17.94
C VAL B 269 -16.75 1.11 -16.72
N ASP B 270 -16.30 1.88 -15.74
CA ASP B 270 -17.11 2.21 -14.58
C ASP B 270 -16.60 3.56 -14.05
N LEU B 271 -17.21 4.63 -14.55
CA LEU B 271 -16.77 5.99 -14.23
C LEU B 271 -17.02 6.39 -12.77
N THR B 272 -17.75 5.57 -12.05
CA THR B 272 -18.01 5.70 -10.59
C THR B 272 -16.77 5.38 -9.74
N ARG B 273 -15.82 4.62 -10.26
CA ARG B 273 -14.84 3.95 -9.46
C ARG B 273 -13.71 4.90 -9.00
N TYR B 274 -13.39 5.93 -9.77
CA TYR B 274 -12.27 6.82 -9.55
C TYR B 274 -12.74 8.22 -9.77
N GLU B 275 -12.04 9.14 -9.13
CA GLU B 275 -12.30 10.54 -9.24
C GLU B 275 -12.16 11.06 -10.65
N VAL B 276 -11.16 10.59 -11.38
CA VAL B 276 -11.01 10.92 -12.79
C VAL B 276 -12.25 10.54 -13.60
N GLY B 277 -12.88 9.43 -13.24
CA GLY B 277 -14.16 9.04 -13.78
C GLY B 277 -15.32 9.90 -13.37
N ARG B 278 -15.35 10.31 -12.10
CA ARG B 278 -16.45 11.06 -11.59
C ARG B 278 -16.44 12.46 -12.20
N ARG B 279 -15.24 13.07 -12.33
CA ARG B 279 -15.14 14.33 -13.05
C ARG B 279 -15.65 14.20 -14.48
N ALA B 280 -15.38 13.05 -15.10
CA ALA B 280 -15.84 12.79 -16.47
C ALA B 280 -17.37 12.77 -16.53
N LEU B 281 -18.00 12.07 -15.58
CA LEU B 281 -19.48 12.09 -15.45
C LEU B 281 -20.03 13.48 -15.23
N GLU B 282 -19.37 14.28 -14.40
CA GLU B 282 -19.85 15.64 -14.14
C GLU B 282 -19.77 16.51 -15.40
N ALA B 283 -18.79 16.25 -16.26
CA ALA B 283 -18.65 16.98 -17.50
C ALA B 283 -19.63 16.52 -18.60
N GLY B 284 -20.51 15.54 -18.33
CA GLY B 284 -21.53 15.10 -19.28
C GLY B 284 -21.23 13.82 -20.07
N VAL B 285 -20.13 13.16 -19.77
CA VAL B 285 -19.69 11.97 -20.50
C VAL B 285 -20.64 10.80 -20.30
N ILE B 286 -20.93 10.08 -21.42
CA ILE B 286 -21.82 8.93 -21.39
C ILE B 286 -20.98 7.67 -21.29
N PRO B 287 -21.21 6.84 -20.27
CA PRO B 287 -20.42 5.60 -20.18
C PRO B 287 -20.96 4.54 -21.11
N ALA B 288 -20.07 3.75 -21.71
CA ALA B 288 -20.40 2.66 -22.59
C ALA B 288 -20.56 1.35 -21.84
N GLY B 289 -20.53 1.37 -20.51
CA GLY B 289 -20.56 0.17 -19.69
C GLY B 289 -19.62 -0.91 -20.19
N ASP B 290 -20.13 -2.12 -20.34
CA ASP B 290 -19.33 -3.22 -20.75
C ASP B 290 -19.43 -3.51 -22.33
N MET B 291 -19.93 -2.55 -23.10
CA MET B 291 -20.10 -2.75 -24.55
C MET B 291 -18.82 -2.90 -25.30
N THR B 292 -18.84 -3.70 -26.41
CA THR B 292 -17.66 -3.75 -27.28
C THR B 292 -17.49 -2.41 -27.94
N LYS B 293 -16.30 -2.17 -28.46
CA LYS B 293 -16.06 -0.90 -29.18
C LYS B 293 -16.84 -0.78 -30.48
N GLU B 294 -17.13 -1.91 -31.11
CA GLU B 294 -17.91 -1.95 -32.34
C GLU B 294 -19.34 -1.64 -32.03
N ALA B 295 -19.85 -2.26 -30.99
CA ALA B 295 -21.19 -1.97 -30.60
C ALA B 295 -21.37 -0.53 -30.11
N THR B 296 -20.38 0.02 -29.38
CA THR B 296 -20.48 1.38 -28.89
C THR B 296 -20.61 2.37 -30.07
N LEU B 297 -19.76 2.19 -31.06
CA LEU B 297 -19.75 3.09 -32.21
C LEU B 297 -21.08 3.01 -32.99
N THR B 298 -21.52 1.80 -33.32
CA THR B 298 -22.70 1.64 -34.20
C THR B 298 -23.94 2.07 -33.44
N LYS B 299 -24.00 1.80 -32.14
CA LYS B 299 -25.14 2.25 -31.32
C LYS B 299 -25.24 3.76 -31.26
N LEU B 300 -24.10 4.43 -31.14
CA LEU B 300 -24.09 5.90 -31.14
C LEU B 300 -24.54 6.45 -32.50
N MET B 301 -24.06 5.85 -33.60
CA MET B 301 -24.52 6.21 -34.95
C MET B 301 -26.03 6.08 -35.04
N TRP B 302 -26.55 4.99 -34.50
CA TRP B 302 -27.98 4.73 -34.50
C TRP B 302 -28.77 5.72 -33.63
N ALA B 303 -28.24 6.00 -32.43
CA ALA B 303 -28.78 7.06 -31.56
C ALA B 303 -28.90 8.41 -32.25
N LEU B 304 -27.80 8.84 -32.84
CA LEU B 304 -27.75 10.15 -33.48
C LEU B 304 -28.66 10.22 -34.73
N GLY B 305 -28.89 9.07 -35.36
CA GLY B 305 -29.83 8.99 -36.46
C GLY B 305 -31.28 9.19 -36.07
N HIS B 306 -31.59 8.99 -34.78
CA HIS B 306 -32.94 9.16 -34.26
C HIS B 306 -33.20 10.46 -33.49
N THR B 307 -32.18 11.12 -32.98
CA THR B 307 -32.36 12.36 -32.18
C THR B 307 -31.04 13.12 -32.06
N ARG B 308 -31.10 14.44 -31.86
CA ARG B 308 -29.93 15.20 -31.38
C ARG B 308 -30.07 15.67 -29.94
N ASP B 309 -31.17 15.27 -29.28
CA ASP B 309 -31.36 15.53 -27.87
C ASP B 309 -30.37 14.67 -27.07
N LEU B 310 -29.55 15.33 -26.26
CA LEU B 310 -28.46 14.73 -25.55
C LEU B 310 -28.97 13.81 -24.44
N GLU B 311 -30.03 14.20 -23.78
CA GLU B 311 -30.62 13.33 -22.74
C GLU B 311 -31.20 12.06 -23.34
N GLU B 312 -31.87 12.14 -24.49
CA GLU B 312 -32.41 10.91 -25.09
C GLU B 312 -31.31 10.03 -25.65
N ILE B 313 -30.24 10.63 -26.20
CA ILE B 313 -29.02 9.87 -26.57
C ILE B 313 -28.44 9.09 -25.39
N ARG B 314 -28.43 9.71 -24.22
CA ARG B 314 -27.94 9.05 -23.00
C ARG B 314 -28.81 7.83 -22.68
N LYS B 315 -30.11 8.00 -22.73
CA LYS B 315 -31.05 6.93 -22.37
C LYS B 315 -30.89 5.75 -23.33
N ILE B 316 -30.71 6.04 -24.62
CA ILE B 316 -30.53 4.98 -25.62
C ILE B 316 -29.21 4.24 -25.37
N MET B 317 -28.12 5.00 -25.14
CA MET B 317 -26.81 4.37 -24.96
C MET B 317 -26.79 3.45 -23.73
N GLU B 318 -27.53 3.81 -22.68
CA GLU B 318 -27.50 3.02 -21.46
C GLU B 318 -28.54 1.92 -21.40
N ARG B 319 -29.60 2.01 -22.20
CA ARG B 319 -30.61 0.94 -22.30
C ARG B 319 -30.12 -0.25 -23.17
N ASN B 320 -30.42 -1.45 -22.72
CA ASN B 320 -30.05 -2.66 -23.36
C ASN B 320 -31.04 -2.93 -24.52
N ILE B 321 -30.67 -2.63 -25.77
CA ILE B 321 -31.54 -2.80 -26.91
C ILE B 321 -31.53 -4.27 -27.39
N ALA B 322 -30.36 -4.87 -27.54
CA ALA B 322 -30.24 -6.18 -28.19
C ALA B 322 -29.05 -6.97 -27.61
N GLY B 323 -28.92 -6.94 -26.30
CA GLY B 323 -27.92 -7.76 -25.63
C GLY B 323 -26.54 -7.16 -25.56
N GLU B 324 -26.40 -5.93 -26.06
CA GLU B 324 -25.07 -5.31 -26.15
C GLU B 324 -24.48 -4.82 -24.81
N ILE B 325 -25.32 -4.59 -23.83
CA ILE B 325 -24.89 -3.97 -22.58
C ILE B 325 -25.58 -4.59 -21.39
N THR B 326 -24.80 -4.80 -20.32
CA THR B 326 -25.28 -5.42 -19.07
C THR B 326 -25.86 -4.34 -18.21
N GLY B 327 -27.00 -4.62 -17.59
CA GLY B 327 -27.95 -3.60 -17.12
C GLY B 327 -27.87 -3.06 -15.71
N SER B 328 -28.04 -3.94 -14.72
CA SER B 328 -28.35 -3.53 -13.31
C SER B 328 -27.76 -4.49 -12.28
N MET C 1 0.94 -39.68 -29.59
CA MET C 1 0.53 -39.23 -28.21
C MET C 1 -0.95 -39.55 -28.00
N LYS C 2 -1.21 -40.51 -27.12
CA LYS C 2 -2.57 -40.82 -26.71
C LYS C 2 -2.74 -40.66 -25.21
N LEU C 3 -3.73 -39.85 -24.84
CA LEU C 3 -4.07 -39.57 -23.42
C LEU C 3 -5.45 -40.12 -23.06
N LEU C 4 -5.54 -40.65 -21.84
CA LEU C 4 -6.76 -41.11 -21.24
C LEU C 4 -7.17 -40.13 -20.14
N VAL C 5 -8.44 -39.69 -20.18
CA VAL C 5 -9.08 -38.99 -19.09
C VAL C 5 -10.07 -39.92 -18.44
N LEU C 6 -9.82 -40.25 -17.16
CA LEU C 6 -10.70 -41.04 -16.30
C LEU C 6 -11.54 -40.18 -15.44
N GLY C 7 -12.85 -40.30 -15.56
CA GLY C 7 -13.79 -39.47 -14.80
C GLY C 7 -14.24 -40.17 -13.57
N THR C 8 -14.30 -39.46 -12.45
CA THR C 8 -14.65 -40.06 -11.19
C THR C 8 -15.76 -39.27 -10.46
N GLY C 9 -16.13 -38.09 -11.00
CA GLY C 9 -17.10 -37.21 -10.37
C GLY C 9 -16.52 -35.88 -9.91
N GLY C 10 -16.94 -35.40 -8.73
CA GLY C 10 -16.45 -34.17 -8.19
C GLY C 10 -17.25 -33.00 -8.67
N THR C 11 -16.97 -31.87 -8.07
CA THR C 11 -17.51 -30.63 -8.46
C THR C 11 -17.17 -30.28 -9.93
N ILE C 12 -16.05 -30.76 -10.41
CA ILE C 12 -15.68 -30.48 -11.79
C ILE C 12 -16.75 -31.05 -12.79
N ALA C 13 -17.44 -32.10 -12.37
CA ALA C 13 -18.50 -32.76 -13.16
C ALA C 13 -19.86 -32.31 -12.79
N SER C 14 -19.99 -31.27 -11.98
CA SER C 14 -21.28 -30.68 -11.70
C SER C 14 -21.86 -29.86 -12.82
N ALA C 15 -23.18 -30.00 -12.98
CA ALA C 15 -24.00 -29.20 -13.89
C ALA C 15 -25.25 -28.75 -13.18
N LYS C 16 -25.78 -27.61 -13.58
CA LYS C 16 -26.80 -26.97 -12.74
C LYS C 16 -28.18 -27.45 -13.16
N THR C 17 -28.84 -28.16 -12.26
CA THR C 17 -30.19 -28.66 -12.52
C THR C 17 -31.18 -27.65 -11.94
N GLU C 18 -32.42 -27.93 -12.23
CA GLU C 18 -33.55 -27.27 -11.62
C GLU C 18 -33.55 -27.39 -10.11
N MET C 19 -32.90 -28.39 -9.55
CA MET C 19 -32.58 -28.36 -8.07
C MET C 19 -31.14 -27.85 -7.83
N GLY C 20 -30.19 -28.66 -7.39
CA GLY C 20 -28.87 -28.09 -7.10
C GLY C 20 -27.95 -28.28 -8.31
N TYR C 21 -26.65 -28.00 -8.12
CA TYR C 21 -25.61 -28.71 -8.89
C TYR C 21 -25.62 -30.20 -8.53
N LYS C 22 -25.67 -31.05 -9.56
CA LYS C 22 -25.53 -32.50 -9.40
C LYS C 22 -24.27 -32.88 -10.10
N ALA C 23 -23.50 -33.82 -9.56
CA ALA C 23 -22.37 -34.35 -10.28
C ALA C 23 -22.98 -34.95 -11.59
N ALA C 24 -22.23 -35.69 -12.33
CA ALA C 24 -22.86 -36.37 -13.51
C ALA C 24 -22.66 -35.78 -14.92
N LEU C 25 -21.77 -34.83 -15.15
CA LEU C 25 -21.10 -34.70 -16.46
C LEU C 25 -20.17 -35.89 -16.61
N SER C 26 -20.04 -36.39 -17.83
CA SER C 26 -19.02 -37.42 -18.16
C SER C 26 -17.72 -36.71 -18.46
N ALA C 27 -16.64 -37.46 -18.46
CA ALA C 27 -15.37 -36.88 -18.86
C ALA C 27 -15.39 -36.16 -20.24
N ASP C 28 -16.16 -36.70 -21.19
CA ASP C 28 -16.30 -36.10 -22.50
C ASP C 28 -16.99 -34.74 -22.40
N ASP C 29 -18.10 -34.67 -21.67
CA ASP C 29 -18.78 -33.38 -21.49
C ASP C 29 -17.85 -32.33 -20.84
N ILE C 30 -17.05 -32.75 -19.83
CA ILE C 30 -16.17 -31.84 -19.13
C ILE C 30 -15.17 -31.25 -20.11
N LEU C 31 -14.45 -32.09 -20.87
CA LEU C 31 -13.50 -31.59 -21.86
C LEU C 31 -14.15 -30.66 -22.90
N GLN C 32 -15.36 -31.00 -23.32
CA GLN C 32 -16.05 -30.18 -24.28
C GLN C 32 -16.39 -28.83 -23.68
N LEU C 33 -16.98 -28.83 -22.47
CA LEU C 33 -17.33 -27.54 -21.84
C LEU C 33 -16.09 -26.74 -21.52
N ALA C 34 -14.96 -27.40 -21.26
CA ALA C 34 -13.72 -26.69 -21.04
C ALA C 34 -13.08 -26.13 -22.28
N GLY C 35 -13.59 -26.43 -23.46
CA GLY C 35 -12.96 -26.00 -24.68
C GLY C 35 -11.68 -26.76 -24.98
N ILE C 36 -11.57 -27.97 -24.52
CA ILE C 36 -10.37 -28.77 -24.82
C ILE C 36 -10.58 -29.62 -26.09
N ARG C 37 -9.49 -29.89 -26.76
CA ARG C 37 -9.29 -31.05 -27.68
C ARG C 37 -9.19 -30.48 -29.04
N ARG C 38 -10.29 -29.88 -29.48
CA ARG C 38 -10.57 -29.29 -30.82
C ARG C 38 -9.57 -29.46 -32.01
N GLU C 39 -8.25 -29.57 -31.73
CA GLU C 39 -7.24 -29.94 -32.68
C GLU C 39 -6.14 -30.82 -32.05
N ASP C 40 -5.50 -31.64 -32.87
CA ASP C 40 -4.69 -32.77 -32.40
C ASP C 40 -3.29 -32.42 -31.87
N GLY C 41 -2.24 -33.22 -32.16
CA GLY C 41 -1.03 -33.36 -31.45
C GLY C 41 -1.30 -34.67 -30.68
N ALA C 42 -2.12 -34.48 -29.65
CA ALA C 42 -2.59 -35.53 -28.74
C ALA C 42 -4.01 -36.05 -29.06
N LYS C 43 -4.16 -37.35 -29.22
CA LYS C 43 -5.50 -37.97 -29.23
C LYS C 43 -5.97 -38.16 -27.77
N ILE C 44 -7.14 -37.64 -27.44
CA ILE C 44 -7.66 -37.72 -26.05
C ILE C 44 -8.89 -38.61 -26.03
N GLU C 45 -8.79 -39.73 -25.29
CA GLU C 45 -9.88 -40.63 -25.05
C GLU C 45 -10.35 -40.52 -23.64
N THR C 46 -11.53 -41.04 -23.39
CA THR C 46 -12.29 -40.86 -22.18
C THR C 46 -12.80 -42.16 -21.68
N ARG C 47 -12.95 -42.25 -20.37
CA ARG C 47 -13.62 -43.36 -19.72
C ARG C 47 -14.18 -42.84 -18.41
N ASP C 48 -15.39 -43.26 -18.04
CA ASP C 48 -16.02 -42.84 -16.77
C ASP C 48 -16.08 -44.03 -15.89
N ILE C 49 -15.48 -43.95 -14.70
CA ILE C 49 -15.50 -45.06 -13.73
C ILE C 49 -16.33 -44.83 -12.50
N LEU C 50 -16.61 -43.60 -12.15
CA LEU C 50 -17.47 -43.31 -10.97
C LEU C 50 -18.06 -41.97 -11.24
N ASN C 51 -19.16 -41.66 -10.62
CA ASN C 51 -19.73 -40.32 -10.68
C ASN C 51 -20.15 -39.84 -9.26
N LEU C 52 -19.19 -39.55 -8.42
CA LEU C 52 -19.43 -39.24 -6.98
C LEU C 52 -18.93 -37.92 -6.54
N ASP C 53 -19.69 -37.27 -5.70
CA ASP C 53 -19.13 -36.29 -4.75
C ASP C 53 -17.98 -36.98 -4.03
N SER C 54 -16.79 -36.42 -4.10
CA SER C 54 -15.63 -37.10 -3.48
C SER C 54 -15.68 -37.28 -1.92
N THR C 55 -16.58 -36.62 -1.22
CA THR C 55 -16.90 -36.98 0.15
C THR C 55 -17.33 -38.41 0.33
N LEU C 56 -17.90 -39.01 -0.73
CA LEU C 56 -18.40 -40.35 -0.65
C LEU C 56 -17.38 -41.39 -1.04
N ILE C 57 -16.17 -40.97 -1.37
CA ILE C 57 -15.13 -41.91 -1.75
C ILE C 57 -14.78 -42.80 -0.59
N GLN C 58 -14.65 -44.10 -0.86
CA GLN C 58 -14.23 -45.06 0.14
C GLN C 58 -12.97 -45.76 -0.35
N PRO C 59 -12.22 -46.40 0.55
CA PRO C 59 -10.99 -47.04 0.07
C PRO C 59 -11.15 -48.12 -1.00
N GLU C 60 -12.28 -48.77 -1.02
CA GLU C 60 -12.59 -49.77 -2.08
C GLU C 60 -12.58 -49.10 -3.46
N ASP C 61 -13.03 -47.82 -3.54
CA ASP C 61 -12.94 -47.06 -4.79
C ASP C 61 -11.52 -46.82 -5.26
N TRP C 62 -10.54 -46.78 -4.36
CA TRP C 62 -9.14 -46.62 -4.79
C TRP C 62 -8.68 -47.82 -5.59
N VAL C 63 -9.17 -49.00 -5.22
CA VAL C 63 -8.87 -50.21 -5.97
C VAL C 63 -9.47 -50.09 -7.39
N THR C 64 -10.72 -49.64 -7.51
CA THR C 64 -11.35 -49.52 -8.79
C THR C 64 -10.63 -48.47 -9.67
N ILE C 65 -10.27 -47.30 -9.09
CA ILE C 65 -9.54 -46.30 -9.84
C ILE C 65 -8.16 -46.85 -10.24
N GLY C 66 -7.52 -47.51 -9.29
CA GLY C 66 -6.18 -48.01 -9.50
C GLY C 66 -6.13 -49.07 -10.61
N ARG C 67 -7.14 -49.95 -10.64
CA ARG C 67 -7.22 -50.99 -11.65
C ARG C 67 -7.36 -50.33 -13.03
N ALA C 68 -8.22 -49.34 -13.14
CA ALA C 68 -8.36 -48.60 -14.40
C ALA C 68 -7.08 -47.88 -14.83
N VAL C 69 -6.36 -47.30 -13.90
CA VAL C 69 -5.08 -46.65 -14.24
C VAL C 69 -4.07 -47.66 -14.76
N PHE C 70 -3.89 -48.73 -14.02
CA PHE C 70 -2.85 -49.71 -14.34
C PHE C 70 -3.09 -50.42 -15.70
N GLU C 71 -4.34 -50.78 -15.96
CA GLU C 71 -4.73 -51.32 -17.24
C GLU C 71 -4.53 -50.34 -18.37
N ALA C 72 -4.65 -49.05 -18.13
CA ALA C 72 -4.42 -48.04 -19.14
C ALA C 72 -2.94 -47.88 -19.51
N PHE C 73 -2.01 -48.43 -18.71
CA PHE C 73 -0.58 -48.33 -19.05
C PHE C 73 -0.21 -49.03 -20.36
N ASP C 74 -0.89 -50.03 -20.75
CA ASP C 74 -0.71 -50.68 -22.07
C ASP C 74 -1.00 -49.68 -23.26
N GLU C 75 -2.11 -48.96 -23.22
CA GLU C 75 -2.59 -48.22 -24.39
C GLU C 75 -2.11 -46.74 -24.41
N TYR C 76 -1.79 -46.10 -23.28
CA TYR C 76 -1.69 -44.63 -23.27
C TYR C 76 -0.35 -44.06 -22.81
N ASP C 77 -0.08 -42.82 -23.25
CA ASP C 77 1.17 -42.11 -22.96
C ASP C 77 1.07 -41.17 -21.72
N GLY C 78 -0.15 -40.87 -21.31
CA GLY C 78 -0.45 -40.13 -20.09
C GLY C 78 -1.89 -40.30 -19.69
N ILE C 79 -2.16 -40.05 -18.40
CA ILE C 79 -3.50 -40.19 -17.84
C ILE C 79 -3.80 -38.95 -17.01
N VAL C 80 -5.02 -38.42 -17.15
CA VAL C 80 -5.57 -37.41 -16.25
C VAL C 80 -6.82 -38.01 -15.62
N ILE C 81 -6.96 -37.85 -14.31
CA ILE C 81 -8.12 -38.30 -13.54
C ILE C 81 -8.84 -37.09 -13.02
N THR C 82 -10.12 -36.93 -13.36
CA THR C 82 -10.94 -35.87 -12.86
C THR C 82 -11.65 -36.41 -11.63
N HIS C 83 -11.60 -35.64 -10.54
CA HIS C 83 -11.90 -36.14 -9.17
C HIS C 83 -12.41 -34.96 -8.33
N GLY C 84 -13.23 -35.25 -7.32
CA GLY C 84 -13.64 -34.18 -6.42
C GLY C 84 -12.42 -33.72 -5.58
N THR C 85 -12.44 -32.49 -5.11
CA THR C 85 -11.36 -31.94 -4.27
C THR C 85 -11.35 -32.46 -2.84
N ASP C 86 -12.49 -32.72 -2.25
CA ASP C 86 -12.60 -33.18 -0.88
C ASP C 86 -11.69 -34.31 -0.52
N THR C 87 -11.56 -35.34 -1.40
CA THR C 87 -10.68 -36.43 -1.07
C THR C 87 -9.62 -36.64 -2.09
N LEU C 88 -9.38 -35.66 -2.96
CA LEU C 88 -8.33 -35.77 -3.95
C LEU C 88 -6.99 -36.18 -3.38
N ALA C 89 -6.58 -35.58 -2.25
CA ALA C 89 -5.27 -35.88 -1.70
C ALA C 89 -5.20 -37.26 -1.07
N TYR C 90 -6.31 -37.76 -0.60
CA TYR C 90 -6.36 -39.13 -0.11
C TYR C 90 -6.21 -40.13 -1.31
N THR C 91 -6.95 -39.89 -2.40
CA THR C 91 -6.84 -40.74 -3.58
C THR C 91 -5.45 -40.66 -4.17
N SER C 92 -4.89 -39.46 -4.32
CA SER C 92 -3.55 -39.34 -4.87
C SER C 92 -2.48 -40.00 -4.05
N SER C 93 -2.61 -39.96 -2.74
CA SER C 93 -1.67 -40.64 -1.85
C SER C 93 -1.81 -42.15 -1.96
N ALA C 94 -3.03 -42.63 -1.83
CA ALA C 94 -3.30 -44.08 -1.88
C ALA C 94 -2.86 -44.69 -3.20
N LEU C 95 -3.12 -44.03 -4.34
CA LEU C 95 -2.63 -44.53 -5.63
C LEU C 95 -1.12 -44.59 -5.73
N SER C 96 -0.45 -43.69 -5.02
CA SER C 96 1.04 -43.72 -5.00
C SER C 96 1.60 -44.93 -4.30
N PHE C 97 0.89 -45.49 -3.33
CA PHE C 97 1.37 -46.69 -2.68
C PHE C 97 0.87 -47.94 -3.44
N MET C 98 -0.32 -47.90 -4.03
CA MET C 98 -0.92 -49.01 -4.73
C MET C 98 -0.31 -49.27 -6.12
N ILE C 99 0.21 -48.25 -6.77
CA ILE C 99 0.87 -48.34 -8.06
C ILE C 99 2.33 -47.92 -7.99
N ARG C 100 3.24 -48.86 -8.04
CA ARG C 100 4.69 -48.61 -8.06
C ARG C 100 5.22 -48.45 -9.49
N ASN C 101 6.16 -47.53 -9.68
CA ASN C 101 6.86 -47.29 -10.93
C ASN C 101 5.88 -47.07 -12.10
N PRO C 102 4.93 -46.15 -11.92
CA PRO C 102 4.12 -45.81 -13.08
C PRO C 102 5.01 -45.44 -14.26
N PRO C 103 4.72 -45.96 -15.45
CA PRO C 103 5.60 -45.65 -16.60
C PRO C 103 5.26 -44.35 -17.32
N ILE C 104 4.19 -43.68 -16.93
CA ILE C 104 3.74 -42.45 -17.61
C ILE C 104 3.28 -41.48 -16.48
N PRO C 105 3.08 -40.21 -16.83
CA PRO C 105 2.43 -39.33 -15.91
C PRO C 105 0.94 -39.66 -15.69
N VAL C 106 0.55 -39.72 -14.44
CA VAL C 106 -0.82 -39.90 -14.01
C VAL C 106 -1.13 -38.66 -13.09
N VAL C 107 -1.98 -37.77 -13.59
CA VAL C 107 -2.28 -36.52 -12.99
C VAL C 107 -3.72 -36.39 -12.59
N LEU C 108 -3.97 -36.27 -11.27
CA LEU C 108 -5.28 -36.01 -10.74
C LEU C 108 -5.59 -34.54 -10.72
N THR C 109 -6.83 -34.17 -10.97
CA THR C 109 -7.23 -32.80 -10.90
C THR C 109 -8.71 -32.67 -10.64
N GLY C 110 -9.12 -31.44 -10.33
CA GLY C 110 -10.51 -31.18 -10.00
C GLY C 110 -10.70 -29.69 -10.05
N SER C 111 -11.78 -29.22 -9.49
CA SER C 111 -12.00 -27.79 -9.44
C SER C 111 -12.81 -27.42 -8.20
N MET C 112 -12.69 -26.18 -7.79
CA MET C 112 -13.51 -25.64 -6.68
C MET C 112 -14.85 -25.16 -7.18
N LEU C 113 -14.90 -24.67 -8.44
CA LEU C 113 -16.14 -24.22 -9.08
C LEU C 113 -16.53 -25.19 -10.29
N PRO C 114 -17.83 -25.42 -10.48
CA PRO C 114 -18.36 -26.04 -11.71
C PRO C 114 -17.88 -25.36 -12.94
N ILE C 115 -17.61 -26.11 -14.00
CA ILE C 115 -17.25 -25.56 -15.33
C ILE C 115 -18.25 -24.50 -15.83
N THR C 116 -19.53 -24.73 -15.51
CA THR C 116 -20.58 -23.79 -15.91
C THR C 116 -20.53 -22.45 -15.09
N GLU C 117 -19.83 -22.38 -13.95
CA GLU C 117 -19.79 -21.16 -13.18
C GLU C 117 -18.89 -20.13 -13.82
N PRO C 118 -19.22 -18.84 -13.65
CA PRO C 118 -18.35 -17.81 -14.17
C PRO C 118 -17.15 -17.73 -13.24
N ASN C 119 -16.02 -17.54 -13.85
CA ASN C 119 -14.71 -17.52 -13.16
C ASN C 119 -14.16 -18.90 -12.83
N SER C 120 -14.69 -19.95 -13.45
CA SER C 120 -14.33 -21.29 -13.08
C SER C 120 -12.84 -21.55 -13.21
N ASP C 121 -12.30 -22.24 -12.19
CA ASP C 121 -10.96 -22.75 -12.23
C ASP C 121 -10.79 -24.05 -13.05
N ALA C 122 -11.90 -24.71 -13.39
CA ALA C 122 -11.84 -26.00 -14.04
C ALA C 122 -11.06 -25.97 -15.38
N PRO C 123 -11.33 -25.01 -16.25
CA PRO C 123 -10.57 -25.03 -17.54
C PRO C 123 -9.06 -24.94 -17.35
N ARG C 124 -8.62 -24.08 -16.46
CA ARG C 124 -7.20 -23.92 -16.20
C ARG C 124 -6.65 -25.22 -15.58
N ASN C 125 -7.36 -25.80 -14.62
CA ASN C 125 -6.84 -27.00 -13.95
C ASN C 125 -6.68 -28.20 -14.93
N LEU C 126 -7.65 -28.33 -15.83
CA LEU C 126 -7.58 -29.35 -16.89
C LEU C 126 -6.42 -29.15 -17.83
N ARG C 127 -6.22 -27.91 -18.27
CA ARG C 127 -5.06 -27.60 -19.11
C ARG C 127 -3.76 -27.90 -18.48
N THR C 128 -3.66 -27.57 -17.19
CA THR C 128 -2.43 -27.83 -16.50
C THR C 128 -2.20 -29.33 -16.44
N ALA C 129 -3.26 -30.08 -16.07
CA ALA C 129 -3.13 -31.55 -15.97
C ALA C 129 -2.80 -32.21 -17.31
N LEU C 130 -3.51 -31.77 -18.37
CA LEU C 130 -3.27 -32.34 -19.70
C LEU C 130 -1.90 -32.01 -20.26
N THR C 131 -1.43 -30.77 -20.07
CA THR C 131 -0.10 -30.39 -20.53
C THR C 131 0.95 -31.22 -19.86
N PHE C 132 0.83 -31.43 -18.56
CA PHE C 132 1.84 -32.28 -17.89
C PHE C 132 1.68 -33.76 -18.24
N ALA C 133 0.45 -34.21 -18.41
CA ALA C 133 0.21 -35.59 -18.90
C ALA C 133 0.93 -35.85 -20.25
N ARG C 134 1.03 -34.84 -21.10
CA ARG C 134 1.71 -35.00 -22.35
C ARG C 134 3.18 -34.66 -22.40
N LYS C 135 3.64 -33.72 -21.58
CA LYS C 135 5.03 -33.26 -21.60
C LYS C 135 5.79 -33.52 -20.31
N GLY C 136 5.17 -34.10 -19.29
CA GLY C 136 5.79 -34.22 -18.01
C GLY C 136 6.61 -35.49 -17.90
N PHE C 137 6.62 -36.13 -16.77
CA PHE C 137 7.41 -37.31 -16.56
C PHE C 137 6.69 -38.25 -15.61
N PRO C 138 7.10 -39.50 -15.55
CA PRO C 138 6.30 -40.50 -14.82
C PRO C 138 6.07 -40.25 -13.38
N GLY C 139 4.94 -40.76 -12.87
CA GLY C 139 4.58 -40.62 -11.48
C GLY C 139 3.13 -40.25 -11.31
N ILE C 140 2.73 -40.09 -10.07
CA ILE C 140 1.41 -39.74 -9.63
C ILE C 140 1.48 -38.31 -9.06
N TYR C 141 0.74 -37.39 -9.67
CA TYR C 141 0.78 -35.96 -9.46
C TYR C 141 -0.60 -35.44 -9.33
N VAL C 142 -0.70 -34.23 -8.72
CA VAL C 142 -1.93 -33.49 -8.65
C VAL C 142 -1.66 -32.18 -9.37
N ALA C 143 -2.64 -31.74 -10.14
CA ALA C 143 -2.62 -30.50 -10.87
C ALA C 143 -3.68 -29.61 -10.27
N PHE C 144 -3.27 -28.39 -9.94
CA PHE C 144 -4.27 -27.41 -9.42
C PHE C 144 -3.70 -26.02 -9.67
N MET C 145 -4.57 -25.14 -10.18
CA MET C 145 -4.11 -23.91 -10.77
C MET C 145 -3.07 -24.18 -11.85
N ASP C 146 -1.94 -23.51 -11.82
CA ASP C 146 -0.83 -23.76 -12.72
C ASP C 146 0.18 -24.71 -12.10
N LYS C 147 -0.12 -25.44 -11.00
CA LYS C 147 0.89 -26.21 -10.34
C LYS C 147 0.71 -27.71 -10.55
N ILE C 148 1.84 -28.39 -10.63
CA ILE C 148 1.93 -29.81 -10.56
C ILE C 148 2.70 -30.14 -9.24
N MET C 149 2.09 -31.00 -8.45
CA MET C 149 2.56 -31.39 -7.13
C MET C 149 2.60 -32.91 -7.00
N LEU C 150 3.56 -33.42 -6.26
CA LEU C 150 3.63 -34.78 -5.94
C LEU C 150 2.40 -35.25 -5.21
N GLY C 151 1.86 -36.38 -5.68
CA GLY C 151 0.59 -36.89 -5.16
C GLY C 151 0.57 -37.33 -3.71
N THR C 152 1.73 -37.68 -3.20
CA THR C 152 1.89 -38.00 -1.80
C THR C 152 2.26 -36.79 -0.87
N ARG C 153 2.24 -35.58 -1.42
CA ARG C 153 2.68 -34.42 -0.75
C ARG C 153 1.71 -33.30 -0.79
N VAL C 154 0.43 -33.53 -1.16
CA VAL C 154 -0.54 -32.51 -1.24
C VAL C 154 -1.52 -32.59 -0.14
N SER C 155 -2.08 -31.43 0.24
CA SER C 155 -3.30 -31.37 1.00
C SER C 155 -4.15 -30.29 0.54
N LYS C 156 -5.44 -30.46 0.81
CA LYS C 156 -6.44 -29.46 0.57
C LYS C 156 -6.40 -28.50 1.82
N VAL C 157 -5.81 -27.32 1.67
CA VAL C 157 -5.65 -26.39 2.73
C VAL C 157 -6.65 -25.29 2.76
N HIS C 158 -7.38 -25.04 1.66
CA HIS C 158 -8.47 -24.02 1.69
CA HIS C 158 -8.48 -24.04 1.68
C HIS C 158 -9.79 -24.70 1.32
N SER C 159 -10.88 -24.31 1.98
CA SER C 159 -12.20 -24.89 1.67
C SER C 159 -12.99 -24.00 0.72
N LEU C 160 -12.47 -22.84 0.38
CA LEU C 160 -13.15 -21.82 -0.37
C LEU C 160 -12.26 -21.27 -1.47
N GLY C 161 -11.01 -20.94 -1.25
CA GLY C 161 -10.23 -20.25 -2.28
C GLY C 161 -9.82 -21.20 -3.43
N LEU C 162 -9.49 -20.60 -4.57
CA LEU C 162 -9.07 -21.34 -5.73
C LEU C 162 -7.71 -22.00 -5.60
N ASN C 163 -6.82 -21.44 -4.80
CA ASN C 163 -5.54 -22.03 -4.55
C ASN C 163 -5.59 -23.06 -3.43
N ALA C 164 -6.40 -24.09 -3.63
CA ALA C 164 -6.84 -24.92 -2.53
C ALA C 164 -5.86 -25.99 -2.11
N PHE C 165 -4.93 -26.35 -2.97
CA PHE C 165 -4.04 -27.47 -2.78
C PHE C 165 -2.62 -26.95 -2.73
N GLN C 166 -1.84 -27.49 -1.79
CA GLN C 166 -0.50 -27.04 -1.64
C GLN C 166 0.34 -28.22 -1.45
N SER C 167 1.58 -28.06 -1.82
CA SER C 167 2.58 -29.05 -1.50
C SER C 167 3.17 -28.80 -0.12
N ILE C 168 3.27 -29.83 0.72
CA ILE C 168 3.49 -29.69 2.18
C ILE C 168 4.81 -30.31 2.53
N ASN C 169 5.76 -29.51 2.99
CA ASN C 169 7.09 -29.91 3.42
C ASN C 169 7.89 -30.44 2.25
N TYR C 170 7.60 -30.01 1.00
CA TYR C 170 8.27 -30.60 -0.19
C TYR C 170 7.97 -29.63 -1.32
N PRO C 171 8.91 -29.35 -2.20
CA PRO C 171 8.61 -28.33 -3.25
C PRO C 171 7.60 -28.81 -4.30
N ASP C 172 6.93 -27.85 -4.91
CA ASP C 172 6.17 -28.07 -6.16
C ASP C 172 7.05 -28.76 -7.19
N ILE C 173 6.47 -29.63 -7.96
CA ILE C 173 7.21 -30.35 -9.07
C ILE C 173 7.42 -29.46 -10.25
N ALA C 174 6.37 -28.79 -10.68
CA ALA C 174 6.42 -27.97 -11.87
C ALA C 174 5.32 -26.99 -11.97
N TYR C 175 5.46 -26.04 -12.86
CA TYR C 175 4.40 -25.11 -13.18
C TYR C 175 4.08 -25.19 -14.70
N VAL C 176 2.81 -25.07 -15.06
CA VAL C 176 2.43 -25.04 -16.42
C VAL C 176 2.04 -23.63 -16.79
N LYS C 177 2.70 -23.07 -17.79
CA LYS C 177 2.39 -21.72 -18.23
C LYS C 177 2.15 -21.78 -19.73
N GLY C 178 0.91 -21.52 -20.14
CA GLY C 178 0.47 -21.80 -21.56
C GLY C 178 0.59 -23.28 -21.81
N ASP C 179 1.43 -23.64 -22.77
CA ASP C 179 1.72 -25.02 -23.10
C ASP C 179 3.08 -25.48 -22.66
N GLU C 180 3.78 -24.68 -21.87
CA GLU C 180 5.13 -25.07 -21.40
C GLU C 180 5.09 -25.58 -19.87
N VAL C 181 5.91 -26.53 -19.58
CA VAL C 181 6.15 -27.10 -18.34
C VAL C 181 7.47 -26.55 -17.84
N LEU C 182 7.47 -25.81 -16.70
CA LEU C 182 8.69 -25.26 -16.08
C LEU C 182 8.93 -26.11 -14.84
N VAL C 183 9.99 -26.86 -14.86
CA VAL C 183 10.29 -27.77 -13.79
C VAL C 183 10.95 -27.02 -12.58
N ARG C 184 10.40 -27.21 -11.40
CA ARG C 184 10.93 -26.69 -10.12
C ARG C 184 11.70 -27.79 -9.40
N HIS C 185 11.26 -29.03 -9.42
CA HIS C 185 11.95 -30.10 -8.71
C HIS C 185 11.56 -31.42 -9.39
N LYS C 186 12.52 -32.12 -9.91
CA LYS C 186 12.31 -33.44 -10.48
C LYS C 186 12.51 -34.51 -9.45
N PRO C 187 11.50 -35.31 -9.13
CA PRO C 187 11.70 -36.37 -8.11
C PRO C 187 12.50 -37.53 -8.65
N ARG C 188 12.88 -38.45 -7.76
CA ARG C 188 13.47 -39.74 -8.20
C ARG C 188 12.41 -40.57 -8.86
N ILE C 189 12.70 -41.07 -10.06
CA ILE C 189 11.70 -41.77 -10.89
C ILE C 189 12.12 -43.23 -11.00
N GLY C 190 11.29 -44.11 -10.48
CA GLY C 190 11.66 -45.51 -10.27
C GLY C 190 11.77 -46.28 -11.56
N ASN C 191 12.98 -46.74 -11.92
CA ASN C 191 13.27 -47.47 -13.16
C ASN C 191 12.55 -48.83 -13.30
N GLY C 192 12.10 -49.43 -12.19
CA GLY C 192 11.52 -50.79 -12.19
C GLY C 192 10.26 -50.95 -13.01
N GLU C 193 9.73 -52.17 -13.05
CA GLU C 193 8.52 -52.48 -13.82
C GLU C 193 7.28 -52.02 -13.06
N PRO C 194 6.21 -51.57 -13.78
CA PRO C 194 4.98 -51.19 -13.08
C PRO C 194 4.39 -52.32 -12.24
N LEU C 195 3.95 -52.06 -11.02
CA LEU C 195 3.37 -53.09 -10.16
C LEU C 195 2.10 -52.53 -9.58
N PHE C 196 1.04 -53.32 -9.57
CA PHE C 196 -0.20 -52.94 -8.94
C PHE C 196 -0.25 -53.76 -7.67
N ASP C 197 -0.44 -53.08 -6.52
CA ASP C 197 -0.36 -53.72 -5.22
C ASP C 197 -1.45 -53.15 -4.32
N PRO C 198 -2.72 -53.56 -4.53
CA PRO C 198 -3.88 -52.92 -3.94
C PRO C 198 -4.34 -53.33 -2.54
N GLU C 199 -3.64 -54.23 -1.86
CA GLU C 199 -4.15 -54.69 -0.57
C GLU C 199 -4.04 -53.52 0.47
N LEU C 200 -5.16 -53.17 1.05
CA LEU C 200 -5.19 -52.24 2.13
C LEU C 200 -6.27 -52.59 3.15
N ASP C 201 -6.04 -52.17 4.39
CA ASP C 201 -6.97 -52.39 5.48
C ASP C 201 -7.58 -51.03 5.76
N PRO C 202 -8.85 -50.85 5.42
CA PRO C 202 -9.50 -49.56 5.62
C PRO C 202 -9.83 -49.17 7.11
N ASN C 203 -9.64 -50.10 8.05
CA ASN C 203 -10.09 -49.91 9.44
C ASN C 203 -9.07 -49.16 10.27
N VAL C 204 -8.90 -47.88 9.95
CA VAL C 204 -8.00 -46.98 10.64
C VAL C 204 -8.79 -45.75 11.01
N VAL C 205 -8.35 -45.08 12.06
CA VAL C 205 -9.04 -43.91 12.56
C VAL C 205 -8.02 -42.83 12.87
N HIS C 206 -8.41 -41.58 12.58
CA HIS C 206 -7.55 -40.44 12.75
C HIS C 206 -8.21 -39.55 13.81
N ILE C 207 -7.52 -39.42 14.93
CA ILE C 207 -8.09 -38.66 16.08
C ILE C 207 -7.11 -37.58 16.50
N ARG C 208 -7.64 -36.46 16.92
CA ARG C 208 -6.79 -35.37 17.39
C ARG C 208 -6.58 -35.47 18.92
N LEU C 209 -5.33 -35.46 19.36
CA LEU C 209 -5.05 -35.35 20.81
C LEU C 209 -5.37 -33.95 21.27
N THR C 210 -6.30 -33.84 22.22
CA THR C 210 -6.86 -32.58 22.58
C THR C 210 -6.83 -32.48 24.12
N PRO C 211 -6.72 -31.26 24.64
CA PRO C 211 -6.90 -31.16 26.07
C PRO C 211 -8.29 -31.67 26.40
N GLY C 212 -8.41 -32.48 27.45
CA GLY C 212 -9.67 -33.08 27.78
C GLY C 212 -9.94 -34.44 27.16
N LEU C 213 -9.18 -34.90 26.15
CA LEU C 213 -9.41 -36.20 25.60
C LEU C 213 -9.19 -37.24 26.69
N SER C 214 -10.20 -38.11 26.89
CA SER C 214 -10.12 -39.05 28.00
C SER C 214 -9.53 -40.40 27.62
N PRO C 215 -8.85 -41.06 28.57
CA PRO C 215 -8.45 -42.47 28.42
C PRO C 215 -9.57 -43.38 27.90
N GLU C 216 -10.81 -43.18 28.40
CA GLU C 216 -11.97 -44.00 28.04
C GLU C 216 -12.26 -43.93 26.53
N VAL C 217 -12.21 -42.72 25.96
CA VAL C 217 -12.45 -42.51 24.54
C VAL C 217 -11.40 -43.17 23.69
N LEU C 218 -10.15 -43.03 24.08
CA LEU C 218 -9.06 -43.59 23.29
C LEU C 218 -9.06 -45.12 23.37
N ARG C 219 -9.49 -45.68 24.50
CA ARG C 219 -9.70 -47.12 24.63
C ARG C 219 -10.81 -47.64 23.71
N ALA C 220 -11.94 -46.94 23.71
CA ALA C 220 -13.09 -47.29 22.89
C ALA C 220 -12.72 -47.26 21.40
N VAL C 221 -11.90 -46.28 21.00
CA VAL C 221 -11.43 -46.19 19.63
C VAL C 221 -10.49 -47.35 19.31
N ALA C 222 -9.56 -47.63 20.21
CA ALA C 222 -8.55 -48.65 19.98
C ALA C 222 -9.15 -50.03 19.81
N ARG C 223 -10.19 -50.37 20.58
CA ARG C 223 -10.86 -51.69 20.46
C ARG C 223 -11.74 -51.92 19.24
N ALA C 224 -11.97 -50.88 18.42
CA ALA C 224 -12.87 -50.89 17.29
C ALA C 224 -12.15 -50.68 15.95
N THR C 225 -10.83 -50.58 15.94
CA THR C 225 -10.08 -50.31 14.74
C THR C 225 -8.88 -51.20 14.70
N ASP C 226 -8.15 -51.19 13.59
CA ASP C 226 -6.87 -51.89 13.51
C ASP C 226 -5.66 -50.99 13.62
N GLY C 227 -5.82 -49.69 13.50
CA GLY C 227 -4.69 -48.77 13.52
C GLY C 227 -5.19 -47.38 13.84
N ILE C 228 -4.32 -46.55 14.41
CA ILE C 228 -4.72 -45.23 14.86
C ILE C 228 -3.71 -44.25 14.39
N VAL C 229 -4.19 -43.15 13.82
CA VAL C 229 -3.35 -41.99 13.58
C VAL C 229 -3.71 -40.93 14.66
N LEU C 230 -2.73 -40.58 15.50
CA LEU C 230 -2.91 -39.54 16.47
C LEU C 230 -2.34 -38.25 15.96
N GLU C 231 -3.10 -37.18 16.09
CA GLU C 231 -2.64 -35.88 15.61
C GLU C 231 -2.24 -35.07 16.87
N GLY C 232 -0.94 -35.02 17.15
CA GLY C 232 -0.41 -34.42 18.39
C GLY C 232 0.00 -32.95 18.16
N TYR C 233 0.43 -32.32 19.24
CA TYR C 233 0.80 -30.91 19.17
C TYR C 233 2.21 -30.70 18.71
N GLY C 234 2.47 -29.74 17.86
CA GLY C 234 3.84 -29.37 17.50
C GLY C 234 4.69 -30.55 17.02
N ALA C 235 5.83 -30.74 17.68
CA ALA C 235 6.79 -31.74 17.40
C ALA C 235 6.32 -33.15 17.80
N GLY C 236 5.25 -33.21 18.59
CA GLY C 236 4.62 -34.45 18.97
C GLY C 236 4.94 -34.94 20.36
N GLY C 237 3.97 -35.59 20.97
CA GLY C 237 4.04 -36.15 22.30
C GLY C 237 2.68 -36.51 22.82
N ILE C 238 2.60 -37.16 23.94
CA ILE C 238 1.31 -37.57 24.45
C ILE C 238 1.18 -37.03 25.91
N PRO C 239 0.00 -36.46 26.25
CA PRO C 239 -0.38 -36.07 27.59
C PRO C 239 -0.36 -37.27 28.54
N TYR C 240 0.32 -37.09 29.68
CA TYR C 240 0.32 -38.04 30.75
C TYR C 240 -0.16 -37.49 32.11
N ARG C 241 -0.51 -36.21 32.20
CA ARG C 241 -0.88 -35.58 33.44
C ARG C 241 -2.39 -35.46 33.53
N GLY C 242 -2.99 -35.82 34.66
CA GLY C 242 -4.45 -35.75 34.85
C GLY C 242 -5.23 -36.77 34.03
N ARG C 243 -5.18 -36.65 32.71
CA ARG C 243 -5.77 -37.62 31.80
C ARG C 243 -4.60 -38.30 31.16
N ASN C 244 -4.31 -39.51 31.66
CA ASN C 244 -3.09 -40.18 31.29
C ASN C 244 -3.36 -40.99 30.03
N LEU C 245 -3.17 -40.33 28.89
CA LEU C 245 -3.32 -40.96 27.61
C LEU C 245 -2.12 -41.80 27.23
N LEU C 246 -0.95 -41.51 27.81
CA LEU C 246 0.25 -42.34 27.55
C LEU C 246 0.07 -43.77 27.94
N GLU C 247 -0.58 -43.98 29.06
CA GLU C 247 -0.88 -45.33 29.55
C GLU C 247 -1.76 -46.10 28.54
N VAL C 248 -2.80 -45.44 28.02
CA VAL C 248 -3.68 -46.06 27.03
C VAL C 248 -2.89 -46.38 25.76
N VAL C 249 -1.98 -45.49 25.37
CA VAL C 249 -1.20 -45.69 24.17
C VAL C 249 -0.19 -46.84 24.31
N SER C 250 0.48 -47.00 25.46
CA SER C 250 1.46 -48.08 25.61
C SER C 250 0.81 -49.45 25.54
N GLU C 251 -0.41 -49.56 26.06
CA GLU C 251 -1.20 -50.81 25.96
C GLU C 251 -1.68 -51.08 24.52
N THR C 252 -2.26 -50.09 23.88
CA THR C 252 -2.69 -50.22 22.49
C THR C 252 -1.49 -50.60 21.59
N ALA C 253 -0.37 -49.91 21.71
CA ALA C 253 0.77 -50.09 20.82
C ALA C 253 1.48 -51.42 20.96
N ARG C 254 1.17 -52.19 22.00
CA ARG C 254 1.55 -53.59 22.04
C ARG C 254 0.83 -54.43 20.96
N GLU C 255 -0.43 -54.10 20.63
CA GLU C 255 -1.24 -54.91 19.72
C GLU C 255 -1.53 -54.26 18.34
N LYS C 256 -1.47 -52.93 18.22
CA LYS C 256 -1.89 -52.23 17.02
C LYS C 256 -0.99 -51.02 16.80
N PRO C 257 -0.72 -50.67 15.53
CA PRO C 257 0.05 -49.48 15.27
C PRO C 257 -0.68 -48.17 15.64
N VAL C 258 0.08 -47.29 16.25
CA VAL C 258 -0.33 -45.95 16.64
C VAL C 258 0.72 -45.05 16.03
N VAL C 259 0.27 -44.18 15.12
CA VAL C 259 1.17 -43.36 14.36
C VAL C 259 0.88 -41.93 14.78
N MET C 260 1.92 -41.14 14.89
CA MET C 260 1.75 -39.73 15.40
C MET C 260 2.16 -38.76 14.35
N THR C 261 1.22 -37.90 13.96
CA THR C 261 1.50 -36.75 13.10
C THR C 261 1.22 -35.49 13.94
N THR C 262 1.26 -34.33 13.33
CA THR C 262 1.09 -33.06 14.01
C THR C 262 -0.17 -32.33 13.58
N GLN C 263 -0.69 -31.50 14.49
CA GLN C 263 -1.77 -30.57 14.22
C GLN C 263 -1.31 -29.42 13.41
N ALA C 264 -0.02 -29.11 13.41
CA ALA C 264 0.46 -28.06 12.55
C ALA C 264 0.32 -28.56 11.07
N LEU C 265 0.25 -27.61 10.15
CA LEU C 265 0.16 -27.95 8.73
C LEU C 265 1.56 -28.25 8.23
N TYR C 266 2.54 -27.43 8.58
CA TYR C 266 3.92 -27.57 8.18
C TYR C 266 4.88 -28.09 9.29
N GLY C 267 5.96 -28.76 8.85
CA GLY C 267 6.99 -29.24 9.62
C GLY C 267 7.00 -30.66 10.14
N GLY C 268 5.92 -31.31 10.17
CA GLY C 268 5.85 -32.70 10.68
C GLY C 268 6.24 -32.87 12.12
N VAL C 269 6.53 -34.11 12.52
CA VAL C 269 6.93 -34.40 13.89
C VAL C 269 8.38 -34.73 14.11
N ASP C 270 8.82 -34.59 15.37
CA ASP C 270 10.12 -35.05 15.76
C ASP C 270 10.02 -35.41 17.27
N LEU C 271 9.67 -36.65 17.55
CA LEU C 271 9.44 -37.13 18.89
C LEU C 271 10.70 -37.20 19.73
N THR C 272 11.85 -37.01 19.13
CA THR C 272 13.14 -36.91 19.85
C THR C 272 13.32 -35.57 20.60
N ARG C 273 12.57 -34.55 20.23
CA ARG C 273 12.89 -33.20 20.62
C ARG C 273 12.52 -32.87 22.09
N TYR C 274 11.48 -33.50 22.62
CA TYR C 274 10.93 -33.21 23.93
C TYR C 274 10.66 -34.50 24.63
N GLU C 275 10.65 -34.41 25.95
CA GLU C 275 10.41 -35.51 26.82
C GLU C 275 9.03 -36.14 26.55
N VAL C 276 8.01 -35.32 26.34
CA VAL C 276 6.70 -35.82 25.99
C VAL C 276 6.72 -36.67 24.70
N GLY C 277 7.60 -36.31 23.77
CA GLY C 277 7.88 -37.12 22.61
C GLY C 277 8.62 -38.39 22.86
N ARG C 278 9.60 -38.33 23.78
CA ARG C 278 10.42 -39.47 24.05
C ARG C 278 9.61 -40.51 24.77
N ARG C 279 8.77 -40.10 25.74
CA ARG C 279 7.88 -41.05 26.39
C ARG C 279 6.94 -41.70 25.33
N ALA C 280 6.53 -40.93 24.32
CA ALA C 280 5.68 -41.47 23.26
C ALA C 280 6.42 -42.56 22.49
N LEU C 281 7.68 -42.31 22.13
CA LEU C 281 8.55 -43.33 21.50
C LEU C 281 8.71 -44.56 22.35
N GLU C 282 8.90 -44.38 23.67
CA GLU C 282 9.07 -45.50 24.57
C GLU C 282 7.81 -46.37 24.63
N ALA C 283 6.65 -45.75 24.51
CA ALA C 283 5.37 -46.46 24.51
C ALA C 283 5.05 -47.16 23.19
N GLY C 284 5.92 -47.08 22.15
CA GLY C 284 5.76 -47.81 20.90
C GLY C 284 5.22 -47.00 19.74
N VAL C 285 5.03 -45.69 19.92
CA VAL C 285 4.43 -44.85 18.89
C VAL C 285 5.31 -44.72 17.67
N ILE C 286 4.70 -44.80 16.48
CA ILE C 286 5.44 -44.68 15.21
C ILE C 286 5.32 -43.21 14.72
N PRO C 287 6.46 -42.55 14.52
CA PRO C 287 6.40 -41.19 14.06
C PRO C 287 6.11 -41.14 12.54
N ALA C 288 5.35 -40.15 12.10
CA ALA C 288 5.02 -39.93 10.74
C ALA C 288 6.00 -39.02 10.03
N GLY C 289 7.08 -38.64 10.72
CA GLY C 289 8.02 -37.66 10.19
C GLY C 289 7.34 -36.45 9.61
N ASP C 290 7.72 -36.07 8.39
CA ASP C 290 7.19 -34.89 7.77
C ASP C 290 6.01 -35.23 6.76
N MET C 291 5.41 -36.42 6.85
CA MET C 291 4.35 -36.78 5.94
C MET C 291 3.09 -35.97 6.07
N THR C 292 2.31 -35.79 5.00
CA THR C 292 1.01 -35.16 5.12
C THR C 292 0.09 -36.09 5.85
N LYS C 293 -1.00 -35.57 6.35
CA LYS C 293 -1.99 -36.36 7.03
C LYS C 293 -2.69 -37.39 6.17
N GLU C 294 -2.86 -37.05 4.88
CA GLU C 294 -3.49 -37.92 3.91
C GLU C 294 -2.56 -39.07 3.60
N ALA C 295 -1.29 -38.73 3.38
CA ALA C 295 -0.36 -39.78 3.12
C ALA C 295 -0.15 -40.68 4.33
N THR C 296 -0.14 -40.15 5.57
CA THR C 296 0.05 -40.98 6.73
C THR C 296 -1.09 -42.00 6.85
N LEU C 297 -2.31 -41.56 6.68
CA LEU C 297 -3.46 -42.42 6.80
C LEU C 297 -3.46 -43.54 5.72
N THR C 298 -3.25 -43.18 4.48
CA THR C 298 -3.35 -44.15 3.38
C THR C 298 -2.19 -45.12 3.43
N LYS C 299 -1.02 -44.61 3.81
CA LYS C 299 0.15 -45.52 3.98
C LYS C 299 -0.07 -46.53 5.06
N LEU C 300 -0.68 -46.11 6.17
CA LEU C 300 -0.99 -47.03 7.25
C LEU C 300 -2.02 -48.08 6.80
N MET C 301 -3.06 -47.67 6.08
CA MET C 301 -4.02 -48.59 5.49
C MET C 301 -3.30 -49.63 4.62
N TRP C 302 -2.38 -49.14 3.82
CA TRP C 302 -1.61 -50.01 2.92
C TRP C 302 -0.67 -50.95 3.70
N ALA C 303 0.01 -50.42 4.71
CA ALA C 303 0.80 -51.24 5.65
C ALA C 303 0.01 -52.39 6.24
N LEU C 304 -1.13 -52.06 6.84
CA LEU C 304 -1.97 -53.05 7.52
C LEU C 304 -2.55 -54.07 6.54
N GLY C 305 -2.72 -53.69 5.28
CA GLY C 305 -3.12 -54.62 4.23
C GLY C 305 -2.08 -55.67 3.89
N HIS C 306 -0.82 -55.40 4.20
CA HIS C 306 0.28 -56.31 3.92
C HIS C 306 0.82 -57.09 5.13
N THR C 307 0.55 -56.66 6.35
CA THR C 307 1.09 -57.32 7.54
C THR C 307 0.36 -56.86 8.80
N ARG C 308 0.31 -57.68 9.83
CA ARG C 308 -0.07 -57.28 11.19
C ARG C 308 1.11 -57.32 12.14
N ASP C 309 2.31 -57.67 11.65
CA ASP C 309 3.54 -57.53 12.42
C ASP C 309 3.84 -56.03 12.66
N LEU C 310 3.94 -55.64 13.89
CA LEU C 310 4.07 -54.26 14.31
C LEU C 310 5.46 -53.73 13.98
N GLU C 311 6.48 -54.55 14.08
CA GLU C 311 7.82 -54.11 13.69
C GLU C 311 7.90 -53.87 12.18
N GLU C 312 7.27 -54.72 11.36
CA GLU C 312 7.33 -54.51 9.93
C GLU C 312 6.48 -53.31 9.51
N ILE C 313 5.34 -53.09 10.20
CA ILE C 313 4.55 -51.85 10.01
C ILE C 313 5.39 -50.61 10.29
N ARG C 314 6.21 -50.66 11.31
CA ARG C 314 7.09 -49.53 11.63
C ARG C 314 8.05 -49.28 10.49
N LYS C 315 8.67 -50.33 9.98
CA LYS C 315 9.69 -50.21 8.92
C LYS C 315 9.05 -49.60 7.66
N ILE C 316 7.83 -50.04 7.33
CA ILE C 316 7.16 -49.52 6.15
C ILE C 316 6.81 -48.03 6.35
N MET C 317 6.27 -47.69 7.50
CA MET C 317 5.88 -46.29 7.77
C MET C 317 7.08 -45.34 7.71
N GLU C 318 8.24 -45.78 8.11
CA GLU C 318 9.42 -44.92 8.15
C GLU C 318 10.24 -44.93 6.87
N ARG C 319 10.09 -45.96 6.06
CA ARG C 319 10.75 -46.04 4.74
C ARG C 319 10.04 -45.17 3.69
N ASN C 320 10.84 -44.48 2.87
CA ASN C 320 10.33 -43.64 1.82
C ASN C 320 9.92 -44.52 0.59
N ILE C 321 8.64 -44.78 0.43
CA ILE C 321 8.15 -45.63 -0.68
C ILE C 321 8.02 -44.81 -2.00
N ALA C 322 7.42 -43.64 -1.94
CA ALA C 322 7.04 -42.89 -3.17
C ALA C 322 7.12 -41.37 -2.91
N GLY C 323 8.17 -40.93 -2.22
CA GLY C 323 8.41 -39.53 -2.02
C GLY C 323 7.65 -38.89 -0.89
N GLU C 324 6.89 -39.71 -0.14
CA GLU C 324 6.02 -39.19 0.91
C GLU C 324 6.73 -38.69 2.18
N ILE C 325 7.94 -39.17 2.42
CA ILE C 325 8.64 -38.90 3.67
C ILE C 325 10.13 -38.65 3.44
N THR C 326 10.66 -37.67 4.14
CA THR C 326 12.05 -37.21 4.01
C THR C 326 12.90 -38.08 4.95
N GLY C 327 14.05 -38.49 4.46
CA GLY C 327 14.62 -39.84 4.57
C GLY C 327 14.95 -40.10 3.05
N SER C 328 16.23 -39.84 2.69
CA SER C 328 16.63 -39.55 1.29
C SER C 328 18.07 -40.00 1.04
N MET D 1 1.75 3.02 35.17
CA MET D 1 1.75 1.81 34.22
C MET D 1 2.34 0.61 35.00
N LYS D 2 1.49 -0.35 35.36
CA LYS D 2 1.94 -1.56 35.96
C LYS D 2 1.52 -2.79 35.15
N LEU D 3 2.49 -3.61 34.79
CA LEU D 3 2.28 -4.86 34.04
C LEU D 3 2.62 -6.10 34.86
N LEU D 4 1.82 -7.14 34.71
CA LEU D 4 2.02 -8.45 35.30
C LEU D 4 2.45 -9.43 34.20
N VAL D 5 3.52 -10.16 34.44
CA VAL D 5 3.91 -11.32 33.65
C VAL D 5 3.67 -12.56 34.46
N LEU D 6 2.74 -13.41 34.01
CA LEU D 6 2.41 -14.70 34.60
C LEU D 6 3.11 -15.84 33.88
N GLY D 7 3.92 -16.60 34.61
CA GLY D 7 4.70 -17.69 34.06
C GLY D 7 3.98 -19.00 34.22
N THR D 8 3.92 -19.81 33.14
CA THR D 8 3.14 -21.00 33.19
C THR D 8 3.94 -22.22 32.69
N GLY D 9 5.18 -22.01 32.27
CA GLY D 9 5.99 -23.06 31.65
C GLY D 9 6.36 -22.83 30.20
N GLY D 10 6.45 -23.91 29.46
CA GLY D 10 6.75 -23.82 28.02
C GLY D 10 8.21 -23.86 27.79
N THR D 11 8.51 -24.12 26.54
CA THR D 11 9.84 -24.13 26.02
C THR D 11 10.59 -22.82 26.30
N ILE D 12 9.86 -21.70 26.34
CA ILE D 12 10.48 -20.42 26.58
C ILE D 12 11.27 -20.44 27.93
N ALA D 13 10.80 -21.25 28.91
CA ALA D 13 11.36 -21.26 30.25
C ALA D 13 12.39 -22.30 30.41
N SER D 14 12.65 -23.14 29.37
CA SER D 14 13.52 -24.28 29.59
CA SER D 14 13.51 -24.29 29.59
C SER D 14 15.00 -23.96 29.66
N ALA D 15 15.67 -24.61 30.59
CA ALA D 15 17.06 -24.33 30.95
C ALA D 15 17.65 -25.55 31.62
N LYS D 16 18.92 -25.81 31.46
CA LYS D 16 19.60 -26.84 32.23
C LYS D 16 20.54 -26.18 33.31
N THR D 17 20.83 -26.91 34.37
CA THR D 17 21.79 -26.48 35.35
C THR D 17 23.20 -26.96 35.00
N GLU D 18 24.14 -26.47 35.79
CA GLU D 18 25.49 -26.94 35.70
C GLU D 18 25.58 -28.48 35.95
N MET D 19 24.60 -29.04 36.69
CA MET D 19 24.60 -30.46 36.94
C MET D 19 23.57 -31.20 36.12
N GLY D 20 23.07 -30.64 35.00
CA GLY D 20 22.18 -31.38 34.14
C GLY D 20 20.74 -31.35 34.56
N TYR D 21 20.43 -30.70 35.68
CA TYR D 21 19.04 -30.57 36.08
C TYR D 21 18.26 -29.71 35.08
N LYS D 22 17.09 -30.21 34.73
CA LYS D 22 16.19 -29.43 33.82
C LYS D 22 15.11 -28.57 34.50
N ALA D 23 15.32 -27.24 34.43
CA ALA D 23 14.59 -26.30 35.22
C ALA D 23 13.68 -25.62 34.25
N ALA D 24 12.59 -25.02 34.74
CA ALA D 24 11.71 -24.17 33.99
C ALA D 24 11.96 -22.87 34.85
N LEU D 25 12.77 -22.01 34.28
CA LEU D 25 13.12 -20.69 34.72
C LEU D 25 11.91 -19.84 34.96
N SER D 26 11.98 -18.98 35.98
CA SER D 26 10.91 -18.10 36.37
C SER D 26 10.70 -16.95 35.48
N ALA D 27 9.51 -16.35 35.54
CA ALA D 27 9.27 -15.18 34.69
C ALA D 27 10.34 -14.08 34.84
N ASP D 28 10.88 -13.89 36.07
CA ASP D 28 11.87 -12.90 36.32
C ASP D 28 13.18 -13.25 35.58
N ASP D 29 13.62 -14.50 35.69
CA ASP D 29 14.82 -14.95 34.94
C ASP D 29 14.66 -14.79 33.44
N ILE D 30 13.47 -15.10 32.91
CA ILE D 30 13.21 -15.01 31.48
C ILE D 30 13.38 -13.55 31.05
N LEU D 31 12.70 -12.61 31.70
CA LEU D 31 12.84 -11.18 31.38
C LEU D 31 14.30 -10.70 31.48
N GLN D 32 15.00 -11.17 32.46
CA GLN D 32 16.39 -10.81 32.62
C GLN D 32 17.22 -11.33 31.45
N LEU D 33 17.08 -12.62 31.15
CA LEU D 33 17.82 -13.20 30.02
C LEU D 33 17.42 -12.58 28.69
N ALA D 34 16.19 -12.10 28.58
CA ALA D 34 15.76 -11.38 27.40
C ALA D 34 16.28 -9.95 27.30
N GLY D 35 16.94 -9.45 28.33
CA GLY D 35 17.39 -8.08 28.36
C GLY D 35 16.28 -7.09 28.56
N ILE D 36 15.16 -7.49 29.15
CA ILE D 36 14.02 -6.61 29.27
C ILE D 36 14.06 -5.87 30.65
N ARG D 37 13.49 -4.66 30.64
CA ARG D 37 13.06 -3.90 31.79
C ARG D 37 14.02 -2.76 31.90
N ARG D 38 15.30 -3.09 32.15
CA ARG D 38 16.30 -2.31 33.01
C ARG D 38 15.82 -0.99 33.75
N GLU D 39 15.06 -0.20 33.01
CA GLU D 39 14.49 1.09 33.40
C GLU D 39 13.38 1.47 32.40
N ASP D 40 12.49 2.33 32.82
CA ASP D 40 11.18 2.54 32.15
C ASP D 40 10.23 3.38 33.06
N GLY D 41 9.15 3.82 32.42
CA GLY D 41 7.98 4.31 33.09
C GLY D 41 6.96 3.22 33.35
N ALA D 42 7.12 2.01 32.80
CA ALA D 42 6.34 0.84 33.15
C ALA D 42 6.98 -0.09 34.23
N LYS D 43 6.29 -0.29 35.34
CA LYS D 43 6.74 -1.24 36.33
C LYS D 43 6.28 -2.65 35.93
N ILE D 44 7.22 -3.59 35.85
CA ILE D 44 6.86 -5.00 35.51
C ILE D 44 7.03 -5.93 36.70
N GLU D 45 5.93 -6.53 37.11
CA GLU D 45 5.89 -7.51 38.20
C GLU D 45 5.66 -8.89 37.61
N THR D 46 6.07 -9.87 38.39
CA THR D 46 6.19 -11.24 37.95
C THR D 46 5.59 -12.18 38.91
N ARG D 47 4.96 -13.23 38.41
CA ARG D 47 4.41 -14.29 39.24
C ARG D 47 4.47 -15.58 38.45
N ASP D 48 4.82 -16.69 39.06
CA ASP D 48 4.88 -18.01 38.39
C ASP D 48 3.79 -18.84 39.02
N ILE D 49 2.86 -19.34 38.20
CA ILE D 49 1.75 -20.16 38.63
C ILE D 49 1.80 -21.62 38.21
N LEU D 50 2.60 -21.96 37.23
CA LEU D 50 2.65 -23.37 36.73
C LEU D 50 3.98 -23.51 36.07
N ASN D 51 4.45 -24.72 35.94
CA ASN D 51 5.67 -24.97 35.19
C ASN D 51 5.47 -26.24 34.29
N LEU D 52 4.67 -26.12 33.26
CA LEU D 52 4.32 -27.27 32.38
C LEU D 52 4.77 -27.10 30.96
N ASP D 53 5.31 -28.19 30.43
CA ASP D 53 5.27 -28.44 29.00
C ASP D 53 3.81 -28.28 28.57
N SER D 54 3.50 -27.40 27.66
CA SER D 54 2.10 -27.16 27.31
C SER D 54 1.32 -28.36 26.68
N THR D 55 2.01 -29.41 26.22
CA THR D 55 1.35 -30.67 25.92
C THR D 55 0.56 -31.25 27.07
N LEU D 56 0.99 -30.92 28.31
CA LEU D 56 0.35 -31.47 29.47
C LEU D 56 -0.78 -30.63 29.99
N ILE D 57 -1.08 -29.52 29.33
CA ILE D 57 -2.14 -28.64 29.78
C ILE D 57 -3.48 -29.36 29.66
N GLN D 58 -4.29 -29.22 30.70
CA GLN D 58 -5.61 -29.78 30.73
C GLN D 58 -6.60 -28.64 30.98
N PRO D 59 -7.90 -28.86 30.66
CA PRO D 59 -8.83 -27.79 30.84
C PRO D 59 -8.97 -27.22 32.26
N GLU D 60 -8.72 -28.04 33.26
CA GLU D 60 -8.73 -27.56 34.66
C GLU D 60 -7.66 -26.46 34.85
N ASP D 61 -6.51 -26.57 34.17
CA ASP D 61 -5.49 -25.52 34.19
C ASP D 61 -5.97 -24.18 33.63
N TRP D 62 -6.94 -24.19 32.69
CA TRP D 62 -7.48 -22.93 32.17
C TRP D 62 -8.21 -22.18 33.28
N VAL D 63 -8.86 -22.89 34.18
CA VAL D 63 -9.49 -22.27 35.33
C VAL D 63 -8.44 -21.59 36.22
N THR D 64 -7.34 -22.28 36.50
CA THR D 64 -6.26 -21.73 37.34
C THR D 64 -5.67 -20.46 36.68
N ILE D 65 -5.35 -20.55 35.38
CA ILE D 65 -4.77 -19.41 34.67
C ILE D 65 -5.81 -18.27 34.63
N GLY D 66 -7.07 -18.63 34.34
CA GLY D 66 -8.13 -17.66 34.25
C GLY D 66 -8.37 -16.90 35.53
N ARG D 67 -8.33 -17.62 36.67
CA ARG D 67 -8.54 -17.02 37.99
C ARG D 67 -7.44 -16.02 38.24
N ALA D 68 -6.18 -16.41 37.95
CA ALA D 68 -5.06 -15.49 38.14
C ALA D 68 -5.18 -14.23 37.25
N VAL D 69 -5.62 -14.39 36.00
CA VAL D 69 -5.80 -13.22 35.14
C VAL D 69 -6.85 -12.29 35.66
N PHE D 70 -8.01 -12.84 35.98
CA PHE D 70 -9.16 -12.04 36.39
C PHE D 70 -8.91 -11.25 37.70
N GLU D 71 -8.29 -11.90 38.66
CA GLU D 71 -7.91 -11.26 39.91
C GLU D 71 -6.88 -10.19 39.70
N ALA D 72 -6.02 -10.32 38.68
CA ALA D 72 -5.03 -9.29 38.37
C ALA D 72 -5.67 -8.02 37.76
N PHE D 73 -6.93 -8.08 37.32
CA PHE D 73 -7.57 -6.90 36.73
C PHE D 73 -7.70 -5.73 37.71
N ASP D 74 -7.85 -5.99 39.02
CA ASP D 74 -7.75 -4.87 39.97
C ASP D 74 -6.44 -4.10 40.00
N GLU D 75 -5.32 -4.81 40.00
CA GLU D 75 -3.98 -4.19 40.27
C GLU D 75 -3.25 -3.73 39.01
N TYR D 76 -3.51 -4.27 37.82
CA TYR D 76 -2.60 -4.02 36.67
C TYR D 76 -3.26 -3.37 35.45
N ASP D 77 -2.41 -2.76 34.62
CA ASP D 77 -2.81 -2.11 33.36
C ASP D 77 -2.67 -3.02 32.14
N GLY D 78 -1.92 -4.10 32.27
CA GLY D 78 -1.78 -5.10 31.20
C GLY D 78 -1.18 -6.37 31.79
N ILE D 79 -1.39 -7.48 31.10
CA ILE D 79 -0.89 -8.78 31.49
C ILE D 79 -0.28 -9.49 30.30
N VAL D 80 0.88 -10.11 30.51
CA VAL D 80 1.49 -11.03 29.55
C VAL D 80 1.60 -12.39 30.24
N ILE D 81 1.24 -13.45 29.53
CA ILE D 81 1.34 -14.85 30.02
C ILE D 81 2.36 -15.57 29.18
N THR D 82 3.41 -16.11 29.80
CA THR D 82 4.38 -16.92 29.13
C THR D 82 3.91 -18.37 29.24
N HIS D 83 3.88 -19.09 28.08
CA HIS D 83 3.12 -20.34 27.93
C HIS D 83 3.84 -21.18 26.87
N GLY D 84 3.67 -22.51 26.94
CA GLY D 84 4.20 -23.36 25.88
C GLY D 84 3.44 -23.09 24.54
N THR D 85 4.10 -23.32 23.40
CA THR D 85 3.39 -23.15 22.07
C THR D 85 2.45 -24.22 21.73
N ASP D 86 2.71 -25.46 22.12
CA ASP D 86 1.81 -26.60 21.74
C ASP D 86 0.36 -26.35 21.98
N THR D 87 -0.02 -25.74 23.13
CA THR D 87 -1.44 -25.52 23.39
C THR D 87 -1.72 -24.10 23.65
N LEU D 88 -0.84 -23.19 23.27
CA LEU D 88 -1.12 -21.77 23.37
C LEU D 88 -2.46 -21.35 22.79
N ALA D 89 -2.81 -21.87 21.58
CA ALA D 89 -4.07 -21.44 20.97
C ALA D 89 -5.29 -22.00 21.64
N TYR D 90 -5.14 -23.16 22.25
CA TYR D 90 -6.23 -23.68 23.08
C TYR D 90 -6.46 -22.83 24.33
N THR D 91 -5.38 -22.48 25.01
CA THR D 91 -5.51 -21.61 26.22
C THR D 91 -6.05 -20.28 25.85
N SER D 92 -5.51 -19.65 24.80
CA SER D 92 -6.03 -18.30 24.43
C SER D 92 -7.49 -18.33 24.02
N SER D 93 -7.94 -19.40 23.39
CA SER D 93 -9.37 -19.53 23.04
C SER D 93 -10.23 -19.70 24.24
N ALA D 94 -9.84 -20.68 25.06
CA ALA D 94 -10.63 -20.96 26.29
C ALA D 94 -10.74 -19.76 27.20
N LEU D 95 -9.64 -19.03 27.40
CA LEU D 95 -9.72 -17.78 28.22
C LEU D 95 -10.64 -16.72 27.64
N SER D 96 -10.78 -16.69 26.32
CA SER D 96 -11.69 -15.75 25.68
C SER D 96 -13.15 -16.06 25.95
N PHE D 97 -13.51 -17.30 26.18
CA PHE D 97 -14.88 -17.61 26.53
C PHE D 97 -15.10 -17.51 28.07
N MET D 98 -14.07 -17.84 28.86
CA MET D 98 -14.17 -17.84 30.31
C MET D 98 -14.11 -16.42 30.93
N ILE D 99 -13.47 -15.47 30.25
CA ILE D 99 -13.39 -14.09 30.67
C ILE D 99 -14.08 -13.14 29.68
N ARG D 100 -15.24 -12.61 30.02
CA ARG D 100 -15.89 -11.55 29.25
C ARG D 100 -15.44 -10.13 29.62
N ASN D 101 -15.32 -9.28 28.60
CA ASN D 101 -15.01 -7.85 28.77
C ASN D 101 -13.73 -7.65 29.63
N PRO D 102 -12.66 -8.30 29.27
CA PRO D 102 -11.43 -7.96 29.92
C PRO D 102 -11.18 -6.44 29.85
N PRO D 103 -10.82 -5.79 30.97
CA PRO D 103 -10.64 -4.35 30.92
C PRO D 103 -9.24 -3.90 30.49
N ILE D 104 -8.33 -4.83 30.29
CA ILE D 104 -6.95 -4.49 29.89
C ILE D 104 -6.49 -5.50 28.81
N PRO D 105 -5.38 -5.23 28.12
CA PRO D 105 -4.81 -6.26 27.28
C PRO D 105 -4.23 -7.43 28.08
N VAL D 106 -4.56 -8.64 27.64
CA VAL D 106 -4.01 -9.87 28.16
C VAL D 106 -3.41 -10.62 26.97
N VAL D 107 -2.09 -10.72 26.94
CA VAL D 107 -1.34 -11.19 25.79
C VAL D 107 -0.57 -12.44 26.14
N LEU D 108 -0.91 -13.56 25.52
CA LEU D 108 -0.14 -14.80 25.66
C LEU D 108 0.98 -14.87 24.68
N THR D 109 2.10 -15.44 25.08
CA THR D 109 3.20 -15.59 24.18
C THR D 109 4.07 -16.78 24.62
N GLY D 110 4.99 -17.12 23.74
CA GLY D 110 5.84 -18.26 23.96
C GLY D 110 7.02 -18.13 23.05
N SER D 111 7.75 -19.22 22.90
CA SER D 111 8.82 -19.22 21.93
C SER D 111 9.02 -20.64 21.40
N MET D 112 9.63 -20.72 20.23
CA MET D 112 10.00 -22.02 19.68
C MET D 112 11.33 -22.50 20.19
N LEU D 113 12.24 -21.57 20.52
CA LEU D 113 13.54 -21.87 21.15
C LEU D 113 13.57 -21.36 22.65
N PRO D 114 14.23 -22.10 23.56
CA PRO D 114 14.44 -21.66 24.92
C PRO D 114 15.08 -20.29 24.98
N ILE D 115 14.67 -19.45 25.96
CA ILE D 115 15.37 -18.16 26.17
C ILE D 115 16.87 -18.30 26.40
N THR D 116 17.30 -19.41 26.98
CA THR D 116 18.72 -19.68 27.17
C THR D 116 19.47 -19.98 25.86
N GLU D 117 18.80 -20.34 24.76
CA GLU D 117 19.51 -20.59 23.49
C GLU D 117 19.98 -19.27 22.88
N PRO D 118 21.18 -19.29 22.24
CA PRO D 118 21.57 -18.09 21.52
C PRO D 118 20.76 -18.16 20.23
N ASN D 119 20.30 -17.00 19.83
CA ASN D 119 19.37 -16.87 18.66
C ASN D 119 17.93 -17.20 18.95
N SER D 120 17.58 -17.20 20.25
CA SER D 120 16.23 -17.40 20.66
C SER D 120 15.26 -16.39 20.01
N ASP D 121 14.07 -16.86 19.67
CA ASP D 121 12.95 -15.99 19.32
C ASP D 121 12.20 -15.34 20.53
N ALA D 122 12.47 -15.86 21.72
CA ALA D 122 11.81 -15.41 22.91
C ALA D 122 11.96 -13.90 23.17
N PRO D 123 13.15 -13.32 23.05
CA PRO D 123 13.24 -11.84 23.34
C PRO D 123 12.31 -11.01 22.44
N ARG D 124 12.24 -11.34 21.16
CA ARG D 124 11.38 -10.59 20.28
C ARG D 124 9.91 -10.82 20.64
N ASN D 125 9.52 -12.06 20.92
CA ASN D 125 8.12 -12.35 21.23
C ASN D 125 7.65 -11.65 22.52
N LEU D 126 8.54 -11.59 23.51
CA LEU D 126 8.27 -10.86 24.76
C LEU D 126 8.12 -9.40 24.55
N ARG D 127 9.03 -8.81 23.78
CA ARG D 127 8.90 -7.37 23.44
C ARG D 127 7.63 -7.05 22.78
N THR D 128 7.23 -7.91 21.86
CA THR D 128 5.99 -7.62 21.15
C THR D 128 4.83 -7.71 22.13
N ALA D 129 4.82 -8.76 22.97
CA ALA D 129 3.74 -8.91 23.96
C ALA D 129 3.68 -7.75 24.99
N LEU D 130 4.84 -7.37 25.47
CA LEU D 130 4.93 -6.27 26.45
C LEU D 130 4.55 -4.91 25.86
N THR D 131 4.99 -4.63 24.63
CA THR D 131 4.63 -3.37 23.94
C THR D 131 3.12 -3.28 23.80
N PHE D 132 2.49 -4.37 23.39
CA PHE D 132 1.04 -4.35 23.26
C PHE D 132 0.32 -4.30 24.60
N ALA D 133 0.87 -5.02 25.60
CA ALA D 133 0.33 -4.96 26.95
C ALA D 133 0.28 -3.51 27.47
N ARG D 134 1.26 -2.68 27.11
CA ARG D 134 1.27 -1.33 27.56
C ARG D 134 0.61 -0.29 26.67
N LYS D 135 0.58 -0.51 25.36
CA LYS D 135 0.04 0.47 24.43
C LYS D 135 -1.13 -0.05 23.59
N GLY D 136 -1.56 -1.29 23.79
CA GLY D 136 -2.60 -1.87 22.97
C GLY D 136 -3.96 -1.55 23.54
N PHE D 137 -4.89 -2.49 23.49
CA PHE D 137 -6.25 -2.20 23.95
C PHE D 137 -6.82 -3.52 24.49
N PRO D 138 -7.95 -3.44 25.19
CA PRO D 138 -8.43 -4.61 25.94
C PRO D 138 -8.74 -5.85 25.11
N GLY D 139 -8.62 -7.01 25.72
CA GLY D 139 -8.89 -8.26 25.11
C GLY D 139 -7.86 -9.32 25.37
N ILE D 140 -8.07 -10.50 24.76
CA ILE D 140 -7.21 -11.64 24.88
C ILE D 140 -6.54 -11.89 23.54
N TYR D 141 -5.22 -11.80 23.49
CA TYR D 141 -4.40 -11.78 22.30
C TYR D 141 -3.26 -12.72 22.44
N VAL D 142 -2.70 -13.12 21.26
CA VAL D 142 -1.46 -13.85 21.20
C VAL D 142 -0.43 -13.04 20.48
N ALA D 143 0.78 -13.02 21.01
CA ALA D 143 1.90 -12.30 20.42
C ALA D 143 2.89 -13.34 19.92
N PHE D 144 3.35 -13.15 18.71
CA PHE D 144 4.37 -14.06 18.14
C PHE D 144 5.05 -13.33 17.00
N MET D 145 6.37 -13.44 16.95
CA MET D 145 7.16 -12.58 16.11
C MET D 145 6.81 -11.10 16.41
N ASP D 146 6.50 -10.29 15.38
CA ASP D 146 6.06 -8.94 15.54
C ASP D 146 4.53 -8.85 15.51
N LYS D 147 3.79 -9.92 15.68
CA LYS D 147 2.35 -9.88 15.45
C LYS D 147 1.56 -10.05 16.70
N ILE D 148 0.43 -9.37 16.73
CA ILE D 148 -0.59 -9.50 17.74
C ILE D 148 -1.84 -10.02 17.01
N MET D 149 -2.38 -11.11 17.52
CA MET D 149 -3.49 -11.84 16.90
C MET D 149 -4.57 -12.09 17.93
N LEU D 150 -5.82 -12.10 17.47
CA LEU D 150 -6.92 -12.37 18.35
C LEU D 150 -6.81 -13.76 18.91
N GLY D 151 -6.98 -13.90 20.20
CA GLY D 151 -6.82 -15.17 20.88
C GLY D 151 -7.71 -16.32 20.49
N THR D 152 -8.86 -15.96 20.04
CA THR D 152 -9.81 -16.93 19.46
C THR D 152 -9.66 -17.23 17.94
N ARG D 153 -8.60 -16.74 17.32
CA ARG D 153 -8.39 -16.80 15.93
C ARG D 153 -7.02 -17.25 15.54
N VAL D 154 -6.25 -17.83 16.45
CA VAL D 154 -4.88 -18.26 16.15
C VAL D 154 -4.83 -19.77 16.11
N SER D 155 -3.91 -20.29 15.30
CA SER D 155 -3.48 -21.66 15.40
C SER D 155 -2.02 -21.76 15.23
N LYS D 156 -1.47 -22.83 15.77
CA LYS D 156 -0.09 -23.20 15.57
C LYS D 156 0.00 -23.97 14.24
N VAL D 157 0.49 -23.34 13.17
CA VAL D 157 0.51 -23.88 11.87
C VAL D 157 1.84 -24.43 11.46
N HIS D 158 2.94 -24.06 12.17
CA HIS D 158 4.24 -24.68 11.90
C HIS D 158 4.74 -25.36 13.17
N SER D 159 5.38 -26.53 13.06
CA SER D 159 5.90 -27.23 14.23
C SER D 159 7.38 -26.97 14.43
N LEU D 160 8.02 -26.30 13.49
CA LEU D 160 9.44 -26.10 13.43
C LEU D 160 9.77 -24.61 13.18
N GLY D 161 9.12 -23.91 12.29
CA GLY D 161 9.64 -22.57 11.94
C GLY D 161 9.27 -21.52 13.05
N LEU D 162 9.98 -20.39 13.02
CA LEU D 162 9.76 -19.29 13.89
C LEU D 162 8.41 -18.60 13.75
N ASN D 163 7.87 -18.56 12.50
CA ASN D 163 6.57 -17.92 12.34
C ASN D 163 5.49 -18.94 12.54
N ALA D 164 5.36 -19.43 13.77
CA ALA D 164 4.61 -20.63 14.02
C ALA D 164 3.09 -20.41 14.13
N PHE D 165 2.65 -19.21 14.37
CA PHE D 165 1.26 -18.91 14.70
C PHE D 165 0.68 -17.99 13.62
N GLN D 166 -0.52 -18.26 13.18
CA GLN D 166 -1.17 -17.40 12.24
C GLN D 166 -2.55 -17.13 12.68
N SER D 167 -3.04 -16.01 12.26
CA SER D 167 -4.43 -15.69 12.39
C SER D 167 -5.24 -16.29 11.20
N ILE D 168 -6.36 -16.95 11.48
CA ILE D 168 -7.04 -17.84 10.60
C ILE D 168 -8.41 -17.31 10.34
N ASN D 169 -8.66 -16.96 9.07
CA ASN D 169 -9.97 -16.46 8.57
C ASN D 169 -10.30 -15.12 9.22
N TYR D 170 -9.30 -14.34 9.62
CA TYR D 170 -9.55 -13.09 10.39
C TYR D 170 -8.24 -12.31 10.34
N PRO D 171 -8.26 -11.02 10.16
CA PRO D 171 -6.97 -10.30 10.06
C PRO D 171 -6.19 -10.26 11.40
N ASP D 172 -4.87 -10.16 11.30
CA ASP D 172 -4.01 -9.75 12.38
C ASP D 172 -4.55 -8.48 13.02
N ILE D 173 -4.40 -8.42 14.33
CA ILE D 173 -4.86 -7.21 15.11
C ILE D 173 -3.90 -6.07 14.94
N ALA D 174 -2.61 -6.38 15.10
CA ALA D 174 -1.61 -5.31 15.07
C ALA D 174 -0.25 -5.88 14.86
N TYR D 175 0.66 -5.01 14.50
CA TYR D 175 2.07 -5.35 14.42
C TYR D 175 2.86 -4.40 15.37
N VAL D 176 3.93 -4.92 15.97
CA VAL D 176 4.77 -4.12 16.81
C VAL D 176 6.06 -3.84 16.06
N LYS D 177 6.40 -2.57 15.95
CA LYS D 177 7.64 -2.21 15.28
C LYS D 177 8.37 -1.26 16.25
N GLY D 178 9.51 -1.66 16.76
CA GLY D 178 10.22 -1.01 17.85
C GLY D 178 9.32 -0.97 19.07
N ASP D 179 8.96 0.24 19.50
CA ASP D 179 8.06 0.47 20.60
C ASP D 179 6.69 0.91 20.21
N GLU D 180 6.37 0.92 18.90
CA GLU D 180 5.05 1.26 18.44
C GLU D 180 4.15 0.06 18.07
N VAL D 181 2.86 0.23 18.30
CA VAL D 181 1.83 -0.67 17.88
C VAL D 181 1.22 -0.05 16.61
N LEU D 182 1.21 -0.78 15.51
CA LEU D 182 0.54 -0.33 14.25
C LEU D 182 -0.67 -1.21 14.11
N VAL D 183 -1.82 -0.61 14.29
CA VAL D 183 -3.06 -1.33 14.34
C VAL D 183 -3.53 -1.65 12.89
N ARG D 184 -3.85 -2.93 12.63
CA ARG D 184 -4.36 -3.44 11.39
C ARG D 184 -5.88 -3.60 11.53
N HIS D 185 -6.39 -4.10 12.65
CA HIS D 185 -7.83 -4.29 12.81
C HIS D 185 -8.14 -4.21 14.32
N LYS D 186 -8.97 -3.26 14.72
CA LYS D 186 -9.43 -3.19 16.07
C LYS D 186 -10.74 -3.93 16.20
N PRO D 187 -10.84 -4.98 17.02
CA PRO D 187 -12.13 -5.68 17.17
C PRO D 187 -13.15 -4.89 17.96
N ARG D 188 -14.38 -5.39 18.03
CA ARG D 188 -15.41 -4.79 18.92
C ARG D 188 -15.02 -5.13 20.35
N ILE D 189 -14.96 -4.12 21.21
CA ILE D 189 -14.45 -4.27 22.58
C ILE D 189 -15.62 -3.98 23.51
N GLY D 190 -16.01 -4.99 24.28
CA GLY D 190 -17.23 -4.91 25.08
C GLY D 190 -17.07 -3.96 26.26
N ASN D 191 -17.89 -2.89 26.27
CA ASN D 191 -17.98 -1.91 27.33
C ASN D 191 -18.38 -2.44 28.72
N GLY D 192 -19.01 -3.61 28.80
CA GLY D 192 -19.58 -4.16 30.03
C GLY D 192 -18.57 -4.46 31.14
N GLU D 193 -19.06 -4.95 32.26
CA GLU D 193 -18.20 -5.23 33.42
C GLU D 193 -17.44 -6.58 33.19
N PRO D 194 -16.19 -6.70 33.68
CA PRO D 194 -15.50 -7.98 33.57
C PRO D 194 -16.25 -9.13 34.24
N LEU D 195 -16.35 -10.29 33.60
CA LEU D 195 -17.06 -11.45 34.17
C LEU D 195 -16.19 -12.66 34.02
N PHE D 196 -16.09 -13.45 35.06
CA PHE D 196 -15.37 -14.70 35.03
C PHE D 196 -16.42 -15.77 35.02
N ASP D 197 -16.35 -16.67 34.03
CA ASP D 197 -17.39 -17.68 33.81
C ASP D 197 -16.75 -18.98 33.39
N PRO D 198 -16.16 -19.70 34.36
CA PRO D 198 -15.24 -20.83 34.08
C PRO D 198 -15.83 -22.21 33.85
N GLU D 199 -17.15 -22.39 33.92
CA GLU D 199 -17.67 -23.75 33.88
C GLU D 199 -17.46 -24.28 32.41
N LEU D 200 -16.80 -25.42 32.33
CA LEU D 200 -16.68 -26.13 31.12
C LEU D 200 -16.67 -27.63 31.34
N ASP D 201 -17.10 -28.37 30.29
CA ASP D 201 -17.18 -29.81 30.33
C ASP D 201 -16.05 -30.26 29.43
N PRO D 202 -14.99 -30.83 30.02
CA PRO D 202 -13.85 -31.25 29.23
C PRO D 202 -14.06 -32.55 28.36
N ASN D 203 -15.21 -33.23 28.48
CA ASN D 203 -15.42 -34.52 27.84
C ASN D 203 -15.90 -34.39 26.41
N VAL D 204 -15.02 -33.90 25.56
CA VAL D 204 -15.30 -33.71 24.14
C VAL D 204 -14.17 -34.35 23.38
N VAL D 205 -14.48 -34.78 22.17
CA VAL D 205 -13.53 -35.50 21.36
C VAL D 205 -13.55 -34.94 19.95
N HIS D 206 -12.34 -34.85 19.36
CA HIS D 206 -12.17 -34.23 18.06
C HIS D 206 -11.65 -35.35 17.13
N ILE D 207 -12.48 -35.70 16.17
CA ILE D 207 -12.14 -36.81 15.27
C ILE D 207 -12.19 -36.36 13.82
N ARG D 208 -11.31 -36.92 13.01
CA ARG D 208 -11.29 -36.59 11.60
C ARG D 208 -12.14 -37.57 10.80
N LEU D 209 -13.07 -37.07 10.00
CA LEU D 209 -13.82 -37.95 9.05
C LEU D 209 -12.88 -38.34 7.95
N THR D 210 -12.67 -39.64 7.78
CA THR D 210 -11.69 -40.16 6.89
C THR D 210 -12.33 -41.24 6.02
N PRO D 211 -11.86 -41.40 4.78
CA PRO D 211 -12.40 -42.58 4.07
C PRO D 211 -12.02 -43.80 4.85
N GLY D 212 -12.95 -44.73 5.01
CA GLY D 212 -12.70 -45.88 5.84
C GLY D 212 -13.13 -45.75 7.29
N LEU D 213 -13.41 -44.56 7.82
CA LEU D 213 -13.95 -44.46 9.17
C LEU D 213 -15.24 -45.23 9.28
N SER D 214 -15.32 -46.15 10.23
CA SER D 214 -16.50 -47.04 10.30
C SER D 214 -17.59 -46.51 11.25
N PRO D 215 -18.86 -46.82 10.95
CA PRO D 215 -19.98 -46.61 11.89
C PRO D 215 -19.68 -47.10 13.31
N GLU D 216 -19.04 -48.25 13.45
CA GLU D 216 -18.72 -48.88 14.75
C GLU D 216 -17.84 -47.96 15.60
N VAL D 217 -16.81 -47.39 14.99
CA VAL D 217 -15.88 -46.48 15.67
C VAL D 217 -16.59 -45.23 16.14
N LEU D 218 -17.41 -44.65 15.28
CA LEU D 218 -18.07 -43.41 15.61
C LEU D 218 -19.13 -43.62 16.70
N ARG D 219 -19.75 -44.82 16.71
CA ARG D 219 -20.65 -45.21 17.81
C ARG D 219 -19.92 -45.32 19.15
N ALA D 220 -18.79 -46.02 19.13
CA ALA D 220 -17.98 -46.22 20.33
C ALA D 220 -17.51 -44.89 20.91
N VAL D 221 -17.15 -43.94 20.04
CA VAL D 221 -16.76 -42.61 20.47
C VAL D 221 -17.94 -41.85 21.07
N ALA D 222 -19.09 -41.91 20.40
CA ALA D 222 -20.25 -41.17 20.81
C ALA D 222 -20.73 -41.59 22.22
N ARG D 223 -20.71 -42.89 22.51
CA ARG D 223 -21.10 -43.39 23.83
C ARG D 223 -19.64 -43.34 24.28
N ALA D 224 -19.32 -42.45 25.08
CA ALA D 224 -18.03 -42.30 25.81
C ALA D 224 -17.68 -40.86 25.98
N THR D 225 -18.34 -39.93 25.31
CA THR D 225 -18.06 -38.49 25.41
C THR D 225 -19.35 -37.76 25.54
N ASP D 226 -19.27 -36.47 25.79
CA ASP D 226 -20.48 -35.62 25.81
C ASP D 226 -20.68 -34.77 24.57
N GLY D 227 -19.64 -34.64 23.74
CA GLY D 227 -19.72 -33.78 22.56
C GLY D 227 -18.69 -34.26 21.57
N ILE D 228 -18.94 -34.00 20.30
CA ILE D 228 -18.00 -34.44 19.24
C ILE D 228 -17.74 -33.29 18.34
N VAL D 229 -16.47 -33.05 18.05
CA VAL D 229 -16.08 -32.21 16.92
C VAL D 229 -15.64 -33.10 15.78
N LEU D 230 -16.36 -33.03 14.67
CA LEU D 230 -16.00 -33.77 13.44
C LEU D 230 -15.26 -32.84 12.53
N GLU D 231 -14.13 -33.30 12.02
CA GLU D 231 -13.36 -32.52 11.09
C GLU D 231 -13.63 -33.12 9.67
N GLY D 232 -14.51 -32.45 8.92
CA GLY D 232 -14.95 -32.92 7.56
C GLY D 232 -14.12 -32.35 6.43
N TYR D 233 -14.34 -32.79 5.23
CA TYR D 233 -13.60 -32.35 4.04
C TYR D 233 -14.18 -31.05 3.51
N GLY D 234 -13.34 -30.11 3.13
CA GLY D 234 -13.77 -28.90 2.46
C GLY D 234 -14.85 -28.11 3.18
N ALA D 235 -15.94 -27.87 2.51
CA ALA D 235 -17.09 -27.15 2.94
C ALA D 235 -17.91 -27.92 3.96
N GLY D 236 -17.65 -29.24 4.06
CA GLY D 236 -18.24 -30.04 5.16
C GLY D 236 -19.38 -30.92 4.67
N GLY D 237 -19.51 -32.08 5.30
CA GLY D 237 -20.54 -33.05 4.98
C GLY D 237 -20.17 -34.40 5.57
N ILE D 238 -21.07 -35.35 5.52
CA ILE D 238 -20.79 -36.64 6.12
C ILE D 238 -21.00 -37.74 5.05
N PRO D 239 -20.06 -38.71 4.96
CA PRO D 239 -20.21 -39.89 4.10
C PRO D 239 -21.43 -40.71 4.49
N TYR D 240 -22.23 -41.06 3.49
CA TYR D 240 -23.35 -41.96 3.65
C TYR D 240 -23.33 -43.22 2.75
N ARG D 241 -22.31 -43.38 1.91
CA ARG D 241 -22.20 -44.46 0.98
C ARG D 241 -21.24 -45.50 1.54
N GLY D 242 -21.60 -46.79 1.49
CA GLY D 242 -20.74 -47.89 1.93
C GLY D 242 -20.57 -47.93 3.45
N ARG D 243 -19.94 -46.91 4.02
CA ARG D 243 -19.85 -46.75 5.47
C ARG D 243 -20.73 -45.59 5.80
N ASN D 244 -21.94 -45.88 6.27
CA ASN D 244 -22.96 -44.89 6.42
C ASN D 244 -22.78 -44.24 7.80
N LEU D 245 -21.95 -43.18 7.81
CA LEU D 245 -21.70 -42.43 9.00
C LEU D 245 -22.83 -41.44 9.29
N LEU D 246 -23.60 -41.05 8.27
CA LEU D 246 -24.74 -40.16 8.48
C LEU D 246 -25.78 -40.73 9.42
N GLU D 247 -26.02 -42.02 9.28
CA GLU D 247 -26.95 -42.71 10.15
C GLU D 247 -26.50 -42.66 11.63
N VAL D 248 -25.21 -42.91 11.87
CA VAL D 248 -24.66 -42.83 13.23
C VAL D 248 -24.79 -41.40 13.76
N VAL D 249 -24.55 -40.41 12.90
CA VAL D 249 -24.64 -39.03 13.32
C VAL D 249 -26.05 -38.56 13.64
N SER D 250 -27.06 -38.97 12.88
CA SER D 250 -28.45 -38.53 13.16
C SER D 250 -28.93 -39.07 14.49
N GLU D 251 -28.52 -40.29 14.85
CA GLU D 251 -28.84 -40.87 16.17
C GLU D 251 -28.11 -40.15 17.32
N THR D 252 -26.80 -39.99 17.18
CA THR D 252 -26.00 -39.28 18.17
C THR D 252 -26.54 -37.85 18.38
N ALA D 253 -26.80 -37.11 17.30
CA ALA D 253 -27.17 -35.69 17.41
C ALA D 253 -28.54 -35.44 18.00
N ARG D 254 -29.36 -36.50 18.15
CA ARG D 254 -30.53 -36.41 19.01
C ARG D 254 -30.17 -36.21 20.49
N GLU D 255 -29.06 -36.78 20.96
CA GLU D 255 -28.71 -36.75 22.40
C GLU D 255 -27.47 -35.88 22.77
N LYS D 256 -26.55 -35.65 21.83
CA LYS D 256 -25.32 -34.94 22.09
C LYS D 256 -24.94 -34.06 20.93
N PRO D 257 -24.33 -32.89 21.19
CA PRO D 257 -23.88 -32.04 20.10
C PRO D 257 -22.75 -32.63 19.28
N VAL D 258 -22.90 -32.48 17.96
CA VAL D 258 -21.92 -32.87 16.98
C VAL D 258 -21.68 -31.62 16.17
N VAL D 259 -20.44 -31.17 16.16
CA VAL D 259 -20.10 -29.91 15.53
C VAL D 259 -19.15 -30.25 14.42
N MET D 260 -19.31 -29.56 13.28
CA MET D 260 -18.49 -29.88 12.10
C MET D 260 -17.61 -28.73 11.73
N THR D 261 -16.30 -28.98 11.69
CA THR D 261 -15.34 -28.02 11.15
C THR D 261 -14.72 -28.70 9.92
N THR D 262 -13.70 -28.08 9.36
CA THR D 262 -13.05 -28.57 8.16
C THR D 262 -11.61 -29.01 8.39
N GLN D 263 -11.15 -29.93 7.58
CA GLN D 263 -9.76 -30.36 7.50
C GLN D 263 -8.92 -29.33 6.86
N ALA D 264 -9.49 -28.45 6.01
CA ALA D 264 -8.68 -27.39 5.48
C ALA D 264 -8.25 -26.45 6.65
N LEU D 265 -7.17 -25.74 6.45
CA LEU D 265 -6.73 -24.73 7.48
C LEU D 265 -7.52 -23.48 7.30
N TYR D 266 -7.71 -23.02 6.07
CA TYR D 266 -8.48 -21.77 5.78
C TYR D 266 -9.89 -22.01 5.19
N GLY D 267 -10.78 -21.10 5.49
CA GLY D 267 -12.07 -21.00 4.93
C GLY D 267 -13.26 -21.53 5.69
N GLY D 268 -13.06 -22.32 6.69
CA GLY D 268 -14.19 -22.90 7.42
C GLY D 268 -15.16 -23.75 6.64
N VAL D 269 -16.34 -23.97 7.20
CA VAL D 269 -17.37 -24.77 6.58
C VAL D 269 -18.56 -23.99 6.07
N ASP D 270 -19.27 -24.61 5.13
CA ASP D 270 -20.56 -24.10 4.70
C ASP D 270 -21.40 -25.30 4.27
N LEU D 271 -22.16 -25.85 5.22
CA LEU D 271 -22.93 -27.04 5.02
C LEU D 271 -24.11 -26.84 4.06
N THR D 272 -24.38 -25.60 3.68
CA THR D 272 -25.39 -25.22 2.67
C THR D 272 -24.96 -25.57 1.23
N ARG D 273 -23.66 -25.72 0.99
CA ARG D 273 -23.12 -25.62 -0.32
C ARG D 273 -23.33 -26.92 -1.16
N TYR D 274 -23.33 -28.06 -0.50
CA TYR D 274 -23.40 -29.37 -1.12
C TYR D 274 -24.42 -30.20 -0.40
N GLU D 275 -24.91 -31.16 -1.11
CA GLU D 275 -25.92 -32.10 -0.62
C GLU D 275 -25.38 -32.88 0.58
N VAL D 276 -24.14 -33.32 0.53
CA VAL D 276 -23.54 -34.00 1.68
C VAL D 276 -23.55 -33.11 2.94
N GLY D 277 -23.40 -31.80 2.75
CA GLY D 277 -23.60 -30.83 3.80
C GLY D 277 -25.02 -30.68 4.28
N ARG D 278 -25.96 -30.70 3.33
CA ARG D 278 -27.35 -30.48 3.66
C ARG D 278 -27.88 -31.66 4.41
N ARG D 279 -27.53 -32.87 3.99
CA ARG D 279 -27.91 -34.08 4.75
C ARG D 279 -27.33 -33.98 6.20
N ALA D 280 -26.13 -33.43 6.33
CA ALA D 280 -25.52 -33.26 7.66
C ALA D 280 -26.35 -32.33 8.52
N LEU D 281 -26.77 -31.19 7.96
CA LEU D 281 -27.70 -30.27 8.65
C LEU D 281 -29.00 -30.94 9.04
N GLU D 282 -29.56 -31.76 8.15
CA GLU D 282 -30.82 -32.44 8.45
C GLU D 282 -30.66 -33.43 9.60
N ALA D 283 -29.48 -34.03 9.72
CA ALA D 283 -29.19 -34.94 10.83
C ALA D 283 -28.89 -34.25 12.16
N GLY D 284 -28.92 -32.91 12.23
CA GLY D 284 -28.74 -32.17 13.49
C GLY D 284 -27.35 -31.58 13.72
N VAL D 285 -26.45 -31.71 12.76
CA VAL D 285 -25.07 -31.29 12.93
C VAL D 285 -24.96 -29.77 13.04
N ILE D 286 -24.10 -29.30 13.95
CA ILE D 286 -23.91 -27.87 14.17
C ILE D 286 -22.68 -27.42 13.39
N PRO D 287 -22.84 -26.44 12.49
CA PRO D 287 -21.66 -25.95 11.78
C PRO D 287 -20.81 -25.05 12.62
N ALA D 288 -19.51 -25.12 12.45
CA ALA D 288 -18.55 -24.30 13.19
C ALA D 288 -18.20 -23.06 12.39
N GLY D 289 -18.89 -22.81 11.28
CA GLY D 289 -18.59 -21.68 10.41
C GLY D 289 -17.12 -21.58 10.10
N ASP D 290 -16.58 -20.37 10.28
CA ASP D 290 -15.19 -20.12 9.97
C ASP D 290 -14.26 -20.21 11.26
N MET D 291 -14.71 -20.84 12.31
CA MET D 291 -13.92 -20.91 13.58
C MET D 291 -12.67 -21.71 13.47
N THR D 292 -11.62 -21.37 14.23
CA THR D 292 -10.44 -22.24 14.32
C THR D 292 -10.83 -23.54 14.98
N LYS D 293 -10.04 -24.58 14.80
CA LYS D 293 -10.28 -25.84 15.49
C LYS D 293 -10.13 -25.75 17.01
N GLU D 294 -9.25 -24.88 17.46
CA GLU D 294 -9.00 -24.65 18.89
C GLU D 294 -10.20 -23.94 19.48
N ALA D 295 -10.66 -22.92 18.79
CA ALA D 295 -11.81 -22.23 19.27
C ALA D 295 -13.08 -23.10 19.24
N THR D 296 -13.25 -23.95 18.20
CA THR D 296 -14.44 -24.79 18.13
C THR D 296 -14.49 -25.72 19.32
N LEU D 297 -13.37 -26.35 19.62
CA LEU D 297 -13.32 -27.32 20.72
C LEU D 297 -13.59 -26.63 22.09
N THR D 298 -12.93 -25.52 22.35
CA THR D 298 -13.03 -24.86 23.69
C THR D 298 -14.40 -24.27 23.87
N LYS D 299 -14.95 -23.73 22.78
CA LYS D 299 -16.32 -23.16 22.83
C LYS D 299 -17.36 -24.25 23.13
N LEU D 300 -17.19 -25.42 22.54
CA LEU D 300 -18.08 -26.52 22.83
C LEU D 300 -17.95 -26.99 24.28
N MET D 301 -16.73 -27.10 24.79
CA MET D 301 -16.48 -27.41 26.20
C MET D 301 -17.21 -26.40 27.10
N TRP D 302 -17.12 -25.13 26.73
CA TRP D 302 -17.76 -24.06 27.49
C TRP D 302 -19.29 -24.13 27.41
N ALA D 303 -19.82 -24.39 26.19
CA ALA D 303 -21.25 -24.64 26.02
C ALA D 303 -21.78 -25.75 26.90
N LEU D 304 -21.12 -26.90 26.85
CA LEU D 304 -21.55 -28.07 27.60
C LEU D 304 -21.44 -27.87 29.10
N GLY D 305 -20.52 -27.01 29.53
CA GLY D 305 -20.43 -26.63 30.93
C GLY D 305 -21.59 -25.83 31.47
N HIS D 306 -22.33 -25.17 30.58
CA HIS D 306 -23.48 -24.36 30.94
C HIS D 306 -24.84 -25.01 30.69
N THR D 307 -24.94 -26.00 29.82
CA THR D 307 -26.24 -26.61 29.47
C THR D 307 -26.05 -27.96 28.77
N ARG D 308 -27.03 -28.85 28.90
CA ARG D 308 -27.14 -30.05 28.03
C ARG D 308 -28.30 -29.95 27.07
N ASP D 309 -29.01 -28.81 27.06
CA ASP D 309 -30.03 -28.53 26.05
C ASP D 309 -29.35 -28.34 24.70
N LEU D 310 -29.74 -29.16 23.72
CA LEU D 310 -29.08 -29.19 22.43
C LEU D 310 -29.41 -27.97 21.61
N GLU D 311 -30.63 -27.47 21.72
CA GLU D 311 -30.97 -26.23 21.01
C GLU D 311 -30.19 -25.04 21.56
N GLU D 312 -30.00 -24.94 22.89
CA GLU D 312 -29.25 -23.82 23.42
C GLU D 312 -27.77 -23.94 23.12
N ILE D 313 -27.23 -25.17 23.11
CA ILE D 313 -25.86 -25.42 22.63
C ILE D 313 -25.67 -24.93 21.19
N ARG D 314 -26.67 -25.14 20.34
CA ARG D 314 -26.59 -24.69 18.96
C ARG D 314 -26.51 -23.17 18.91
N LYS D 315 -27.36 -22.50 19.69
CA LYS D 315 -27.41 -21.03 19.69
C LYS D 315 -26.08 -20.45 20.15
N ILE D 316 -25.47 -21.06 21.17
CA ILE D 316 -24.18 -20.60 21.68
C ILE D 316 -23.08 -20.80 20.63
N MET D 317 -23.05 -21.98 20.01
CA MET D 317 -22.01 -22.28 19.02
C MET D 317 -22.07 -21.32 17.81
N GLU D 318 -23.26 -20.90 17.43
CA GLU D 318 -23.43 -20.05 16.27
C GLU D 318 -23.37 -18.56 16.56
N ARG D 319 -23.59 -18.16 17.82
CA ARG D 319 -23.45 -16.77 18.24
C ARG D 319 -21.98 -16.37 18.43
N ASN D 320 -21.64 -15.16 17.99
CA ASN D 320 -20.30 -14.64 18.10
C ASN D 320 -20.09 -14.09 19.52
N ILE D 321 -19.41 -14.86 20.39
CA ILE D 321 -19.19 -14.44 21.78
C ILE D 321 -18.01 -13.47 21.89
N ALA D 322 -16.88 -13.78 21.26
CA ALA D 322 -15.63 -13.02 21.49
C ALA D 322 -14.79 -13.01 20.21
N GLY D 323 -15.42 -12.79 19.07
CA GLY D 323 -14.69 -12.64 17.83
C GLY D 323 -14.32 -13.90 17.13
N GLU D 324 -14.73 -15.03 17.69
CA GLU D 324 -14.32 -16.35 17.16
C GLU D 324 -15.00 -16.76 15.83
N ILE D 325 -16.15 -16.19 15.54
CA ILE D 325 -16.95 -16.63 14.41
C ILE D 325 -17.61 -15.46 13.70
N THR D 326 -17.60 -15.52 12.35
CA THR D 326 -18.15 -14.46 11.48
C THR D 326 -19.60 -14.75 11.30
N GLY D 327 -20.41 -13.69 11.37
CA GLY D 327 -21.84 -13.74 11.15
C GLY D 327 -22.12 -12.88 9.94
N SER D 328 -22.11 -13.49 8.77
CA SER D 328 -22.17 -12.80 7.45
C SER D 328 -22.83 -13.72 6.41
N MET E 1 -12.22 39.76 -13.67
CA MET E 1 -11.44 39.34 -12.46
C MET E 1 -11.17 37.82 -12.54
N LYS E 2 -9.90 37.46 -12.79
CA LYS E 2 -9.51 36.07 -12.76
C LYS E 2 -8.42 35.82 -11.70
N LEU E 3 -8.71 34.88 -10.79
CA LEU E 3 -7.79 34.51 -9.72
C LEU E 3 -7.27 33.07 -9.89
N LEU E 4 -5.99 32.88 -9.58
CA LEU E 4 -5.35 31.58 -9.56
C LEU E 4 -5.10 31.17 -8.10
N VAL E 5 -5.51 29.95 -7.74
CA VAL E 5 -5.11 29.31 -6.51
C VAL E 5 -4.12 28.21 -6.85
N LEU E 6 -2.87 28.37 -6.34
CA LEU E 6 -1.82 27.38 -6.42
C LEU E 6 -1.72 26.58 -5.17
N GLY E 7 -1.85 25.25 -5.32
CA GLY E 7 -1.84 24.34 -4.16
C GLY E 7 -0.45 23.80 -4.00
N THR E 8 -0.02 23.72 -2.73
CA THR E 8 1.35 23.26 -2.46
C THR E 8 1.34 22.19 -1.36
N GLY E 9 0.19 21.91 -0.75
CA GLY E 9 0.13 21.02 0.42
C GLY E 9 -0.27 21.63 1.73
N GLY E 10 0.35 21.15 2.80
CA GLY E 10 0.12 21.70 4.13
C GLY E 10 -1.01 21.02 4.80
N THR E 11 -1.19 21.38 6.05
CA THR E 11 -2.28 20.91 6.85
C THR E 11 -3.63 21.33 6.25
N ILE E 12 -3.67 22.44 5.55
CA ILE E 12 -4.91 22.89 4.93
C ILE E 12 -5.44 21.81 3.90
N ALA E 13 -4.52 21.05 3.32
CA ALA E 13 -4.86 20.01 2.33
C ALA E 13 -4.86 18.64 2.95
N SER E 14 -4.85 18.53 4.28
CA SER E 14 -4.71 17.23 4.90
C SER E 14 -6.03 16.46 4.90
N ALA E 15 -5.89 15.14 4.73
CA ALA E 15 -6.95 14.18 4.91
C ALA E 15 -6.43 13.02 5.73
N LYS E 16 -7.29 12.42 6.51
CA LYS E 16 -6.83 11.32 7.36
C LYS E 16 -6.96 10.00 6.58
N THR E 17 -5.83 9.40 6.32
CA THR E 17 -5.77 8.10 5.64
C THR E 17 -5.62 7.02 6.69
N GLU E 18 -5.63 5.80 6.23
CA GLU E 18 -5.28 4.65 7.02
C GLU E 18 -3.89 4.76 7.62
N MET E 19 -2.99 5.51 7.00
CA MET E 19 -1.60 5.67 7.49
C MET E 19 -1.42 7.08 8.02
N GLY E 20 -2.47 7.77 8.48
CA GLY E 20 -2.27 9.07 9.12
C GLY E 20 -2.45 10.20 8.18
N TYR E 21 -2.38 11.45 8.66
CA TYR E 21 -2.67 12.59 7.83
C TYR E 21 -1.63 12.77 6.73
N LYS E 22 -2.12 12.89 5.48
CA LYS E 22 -1.31 13.21 4.31
C LYS E 22 -1.82 14.49 3.78
N ALA E 23 -0.95 15.27 3.12
CA ALA E 23 -1.37 16.53 2.49
C ALA E 23 -1.86 16.32 1.06
N ALA E 24 -2.87 15.47 0.96
CA ALA E 24 -3.35 14.95 -0.29
C ALA E 24 -4.51 15.70 -1.07
N LEU E 25 -5.21 16.66 -0.47
CA LEU E 25 -6.28 17.33 -1.13
C LEU E 25 -5.70 18.30 -2.14
N SER E 26 -6.38 18.50 -3.24
CA SER E 26 -5.99 19.45 -4.30
C SER E 26 -6.55 20.83 -3.91
N ALA E 27 -6.02 21.81 -4.56
CA ALA E 27 -6.60 23.17 -4.47
C ALA E 27 -8.13 23.24 -4.71
N ASP E 28 -8.62 22.44 -5.63
CA ASP E 28 -10.04 22.37 -5.95
C ASP E 28 -10.82 21.81 -4.75
N ASP E 29 -10.34 20.73 -4.15
CA ASP E 29 -11.01 20.16 -2.99
C ASP E 29 -11.05 21.17 -1.81
N ILE E 30 -9.94 21.91 -1.60
CA ILE E 30 -9.85 22.86 -0.52
C ILE E 30 -10.93 23.94 -0.71
N LEU E 31 -10.99 24.56 -1.91
CA LEU E 31 -12.01 25.56 -2.17
C LEU E 31 -13.44 25.04 -1.98
N GLN E 32 -13.66 23.81 -2.41
CA GLN E 32 -14.96 23.22 -2.29
C GLN E 32 -15.30 23.01 -0.81
N LEU E 33 -14.39 22.42 -0.07
CA LEU E 33 -14.65 22.16 1.36
C LEU E 33 -14.79 23.49 2.13
N ALA E 34 -14.12 24.54 1.67
CA ALA E 34 -14.29 25.86 2.26
C ALA E 34 -15.57 26.55 1.95
N GLY E 35 -16.39 26.00 1.04
CA GLY E 35 -17.59 26.65 0.61
C GLY E 35 -17.34 27.84 -0.26
N ILE E 36 -16.21 27.86 -0.96
CA ILE E 36 -15.87 29.03 -1.78
C ILE E 36 -16.33 28.82 -3.22
N ARG E 37 -16.61 29.95 -3.88
CA ARG E 37 -16.75 30.10 -5.31
C ARG E 37 -18.19 30.35 -5.56
N ARG E 38 -19.04 29.38 -5.20
CA ARG E 38 -20.48 29.29 -5.57
C ARG E 38 -21.33 30.52 -6.01
N GLU E 39 -20.81 31.75 -5.93
CA GLU E 39 -21.37 32.93 -6.61
C GLU E 39 -20.25 33.97 -6.85
N ASP E 40 -20.37 34.79 -7.88
CA ASP E 40 -19.15 35.50 -8.36
C ASP E 40 -19.11 36.46 -9.51
N GLY E 41 -18.40 37.55 -9.31
CA GLY E 41 -17.77 38.36 -10.40
C GLY E 41 -16.38 37.83 -10.70
N ALA E 42 -15.77 37.09 -9.77
CA ALA E 42 -14.43 36.53 -9.89
C ALA E 42 -14.38 35.06 -10.38
N LYS E 43 -13.71 34.82 -11.49
CA LYS E 43 -13.47 33.44 -11.95
C LYS E 43 -12.24 32.89 -11.20
N ILE E 44 -12.39 31.75 -10.53
CA ILE E 44 -11.28 31.15 -9.74
C ILE E 44 -10.81 29.86 -10.41
N GLU E 45 -9.54 29.85 -10.83
CA GLU E 45 -8.90 28.70 -11.40
C GLU E 45 -7.89 28.14 -10.42
N THR E 46 -7.49 26.90 -10.67
CA THR E 46 -6.73 26.08 -9.80
C THR E 46 -5.56 25.46 -10.52
N ARG E 47 -4.50 25.26 -9.78
CA ARG E 47 -3.38 24.47 -10.26
C ARG E 47 -2.69 23.88 -9.04
N ASP E 48 -2.25 22.61 -9.14
CA ASP E 48 -1.54 21.96 -8.03
C ASP E 48 -0.13 21.77 -8.44
N ILE E 49 0.83 22.30 -7.67
CA ILE E 49 2.26 22.11 -7.98
C ILE E 49 3.01 21.22 -7.01
N LEU E 50 2.49 21.04 -5.80
CA LEU E 50 3.14 20.18 -4.82
C LEU E 50 2.04 19.73 -3.93
N ASN E 51 2.24 18.62 -3.27
CA ASN E 51 1.35 18.18 -2.20
C ASN E 51 2.23 17.69 -1.01
N LEU E 52 2.88 18.64 -0.31
CA LEU E 52 3.84 18.31 0.76
C LEU E 52 3.45 18.89 2.08
N ASP E 53 3.69 18.13 3.12
CA ASP E 53 3.91 18.69 4.45
C ASP E 53 4.98 19.77 4.30
N SER E 54 4.67 21.00 4.71
CA SER E 54 5.67 22.09 4.54
C SER E 54 7.01 21.93 5.31
N THR E 55 7.09 21.01 6.27
CA THR E 55 8.40 20.61 6.82
C THR E 55 9.35 20.08 5.78
N LEU E 56 8.81 19.53 4.70
CA LEU E 56 9.63 18.93 3.66
C LEU E 56 10.04 19.92 2.59
N ILE E 57 9.63 21.18 2.72
CA ILE E 57 9.95 22.16 1.69
C ILE E 57 11.45 22.42 1.64
N GLN E 58 11.99 22.46 0.42
CA GLN E 58 13.39 22.72 0.23
C GLN E 58 13.53 23.93 -0.69
N PRO E 59 14.72 24.57 -0.72
CA PRO E 59 14.81 25.79 -1.50
C PRO E 59 14.57 25.63 -2.99
N GLU E 60 14.86 24.45 -3.53
CA GLU E 60 14.55 24.17 -4.94
C GLU E 60 13.05 24.30 -5.19
N ASP E 61 12.21 23.92 -4.23
CA ASP E 61 10.75 24.13 -4.34
C ASP E 61 10.34 25.58 -4.46
N TRP E 62 11.12 26.51 -3.91
CA TRP E 62 10.79 27.94 -4.06
C TRP E 62 10.92 28.35 -5.52
N VAL E 63 11.88 27.78 -6.24
CA VAL E 63 12.00 28.02 -7.66
C VAL E 63 10.75 27.51 -8.39
N THR E 64 10.29 26.31 -8.08
CA THR E 64 9.11 25.72 -8.71
C THR E 64 7.87 26.60 -8.44
N ILE E 65 7.67 26.98 -7.16
CA ILE E 65 6.52 27.82 -6.80
C ILE E 65 6.67 29.17 -7.49
N GLY E 66 7.87 29.73 -7.46
CA GLY E 66 8.13 31.03 -8.04
C GLY E 66 7.87 31.08 -9.54
N ARG E 67 8.27 30.02 -10.25
CA ARG E 67 8.08 29.94 -11.70
C ARG E 67 6.57 29.92 -11.98
N ALA E 68 5.83 29.12 -11.25
CA ALA E 68 4.37 29.08 -11.41
C ALA E 68 3.70 30.42 -11.11
N VAL E 69 4.16 31.15 -10.07
CA VAL E 69 3.63 32.48 -9.84
C VAL E 69 3.90 33.43 -10.95
N PHE E 70 5.15 33.51 -11.37
CA PHE E 70 5.59 34.46 -12.39
C PHE E 70 4.91 34.26 -13.75
N GLU E 71 4.80 32.99 -14.17
CA GLU E 71 4.07 32.66 -15.37
C GLU E 71 2.60 32.99 -15.29
N ALA E 72 2.01 32.94 -14.09
CA ALA E 72 0.61 33.31 -13.91
C ALA E 72 0.37 34.85 -14.02
N PHE E 73 1.43 35.65 -14.02
CA PHE E 73 1.25 37.12 -14.16
C PHE E 73 0.66 37.53 -15.49
N ASP E 74 0.92 36.79 -16.56
CA ASP E 74 0.20 37.02 -17.81
C ASP E 74 -1.32 36.88 -17.74
N GLU E 75 -1.82 35.80 -17.12
CA GLU E 75 -3.24 35.43 -17.21
C GLU E 75 -4.09 35.98 -16.06
N TYR E 76 -3.54 36.31 -14.87
CA TYR E 76 -4.40 36.54 -13.70
C TYR E 76 -4.29 37.91 -13.06
N ASP E 77 -5.34 38.27 -12.31
CA ASP E 77 -5.44 39.54 -11.57
C ASP E 77 -5.00 39.40 -10.11
N GLY E 78 -4.92 38.16 -9.60
CA GLY E 78 -4.43 37.91 -8.24
C GLY E 78 -4.14 36.42 -8.09
N ILE E 79 -3.26 36.08 -7.15
CA ILE E 79 -2.89 34.72 -6.86
C ILE E 79 -2.95 34.46 -5.35
N VAL E 80 -3.50 33.29 -4.97
CA VAL E 80 -3.42 32.77 -3.63
C VAL E 80 -2.70 31.45 -3.67
N ILE E 81 -1.73 31.26 -2.76
CA ILE E 81 -1.01 30.01 -2.61
C ILE E 81 -1.38 29.37 -1.30
N THR E 82 -1.89 28.15 -1.33
CA THR E 82 -2.20 27.38 -0.14
C THR E 82 -0.96 26.54 0.17
N HIS E 83 -0.53 26.58 1.43
CA HIS E 83 0.85 26.15 1.84
C HIS E 83 0.76 25.71 3.31
N GLY E 84 1.68 24.82 3.70
CA GLY E 84 1.72 24.44 5.09
C GLY E 84 2.22 25.63 5.94
N THR E 85 1.87 25.64 7.23
CA THR E 85 2.32 26.71 8.15
C THR E 85 3.76 26.59 8.58
N ASP E 86 4.29 25.39 8.72
CA ASP E 86 5.65 25.18 9.16
C ASP E 86 6.68 25.99 8.46
N THR E 87 6.60 26.12 7.12
CA THR E 87 7.60 26.90 6.42
C THR E 87 7.00 28.00 5.63
N LEU E 88 5.75 28.36 5.90
CA LEU E 88 5.10 29.43 5.19
C LEU E 88 5.92 30.73 5.14
N ALA E 89 6.53 31.10 6.24
CA ALA E 89 7.27 32.34 6.32
C ALA E 89 8.59 32.29 5.57
N TYR E 90 9.17 31.11 5.48
CA TYR E 90 10.36 30.94 4.67
C TYR E 90 10.00 31.08 3.17
N THR E 91 8.92 30.44 2.74
CA THR E 91 8.51 30.54 1.35
C THR E 91 8.12 31.98 1.01
N SER E 92 7.32 32.62 1.88
CA SER E 92 6.94 34.01 1.61
C SER E 92 8.10 34.98 1.52
N SER E 93 9.11 34.76 2.35
CA SER E 93 10.33 35.59 2.31
C SER E 93 11.10 35.35 1.05
N ALA E 94 11.39 34.08 0.76
CA ALA E 94 12.17 33.73 -0.42
C ALA E 94 11.52 34.20 -1.71
N LEU E 95 10.19 34.06 -1.85
CA LEU E 95 9.51 34.58 -3.03
C LEU E 95 9.62 36.09 -3.19
N SER E 96 9.70 36.80 -2.06
CA SER E 96 9.86 38.25 -2.10
C SER E 96 11.20 38.70 -2.67
N PHE E 97 12.24 37.89 -2.52
CA PHE E 97 13.51 38.24 -3.10
C PHE E 97 13.61 37.71 -4.55
N MET E 98 13.01 36.56 -4.85
CA MET E 98 13.07 35.94 -6.15
C MET E 98 12.17 36.59 -7.20
N ILE E 99 11.08 37.24 -6.78
CA ILE E 99 10.17 37.95 -7.67
C ILE E 99 10.13 39.45 -7.35
N ARG E 100 10.76 40.27 -8.18
CA ARG E 100 10.67 41.72 -8.07
C ARG E 100 9.48 42.32 -8.80
N ASN E 101 8.88 43.35 -8.20
CA ASN E 101 7.78 44.14 -8.80
C ASN E 101 6.64 43.24 -9.26
N PRO E 102 6.16 42.37 -8.40
CA PRO E 102 4.99 41.62 -8.80
C PRO E 102 3.88 42.61 -9.23
N PRO E 103 3.20 42.33 -10.36
CA PRO E 103 2.17 43.27 -10.80
C PRO E 103 0.78 43.04 -10.16
N ILE E 104 0.63 42.01 -9.35
CA ILE E 104 -0.64 41.70 -8.72
C ILE E 104 -0.42 41.25 -7.29
N PRO E 105 -1.47 41.18 -6.48
CA PRO E 105 -1.31 40.55 -5.20
C PRO E 105 -1.07 39.07 -5.24
N VAL E 106 -0.07 38.61 -4.51
CA VAL E 106 0.27 37.20 -4.38
C VAL E 106 0.24 36.92 -2.85
N VAL E 107 -0.76 36.15 -2.43
CA VAL E 107 -1.07 35.96 -1.05
C VAL E 107 -0.95 34.50 -0.66
N LEU E 108 -0.01 34.19 0.24
CA LEU E 108 0.13 32.86 0.79
C LEU E 108 -0.74 32.70 2.01
N THR E 109 -1.27 31.51 2.19
CA THR E 109 -2.08 31.24 3.36
C THR E 109 -2.08 29.74 3.65
N GLY E 110 -2.65 29.41 4.79
CA GLY E 110 -2.70 28.01 5.21
C GLY E 110 -3.61 27.93 6.39
N SER E 111 -3.50 26.86 7.13
CA SER E 111 -4.33 26.76 8.31
C SER E 111 -3.65 25.86 9.35
N MET E 112 -4.01 26.07 10.60
CA MET E 112 -3.52 25.24 11.68
C MET E 112 -4.30 23.94 11.84
N LEU E 113 -5.60 23.97 11.47
CA LEU E 113 -6.48 22.84 11.45
C LEU E 113 -6.87 22.41 10.01
N PRO E 114 -7.00 21.08 9.76
CA PRO E 114 -7.51 20.57 8.50
C PRO E 114 -8.84 21.20 8.15
N ILE E 115 -9.03 21.50 6.87
CA ILE E 115 -10.33 22.02 6.39
C ILE E 115 -11.50 21.08 6.74
N THR E 116 -11.23 19.77 6.81
CA THR E 116 -12.25 18.80 7.20
C THR E 116 -12.65 18.92 8.70
N GLU E 117 -11.87 19.58 9.57
CA GLU E 117 -12.23 19.68 10.99
C GLU E 117 -13.36 20.69 11.17
N PRO E 118 -14.24 20.46 12.15
CA PRO E 118 -15.39 21.38 12.25
C PRO E 118 -15.16 22.87 12.69
N ASN E 119 -14.19 23.14 13.52
CA ASN E 119 -13.87 24.51 13.88
C ASN E 119 -12.63 25.03 13.13
N SER E 120 -12.45 24.58 11.90
CA SER E 120 -11.27 24.91 11.15
C SER E 120 -11.11 26.41 10.94
N ASP E 121 -9.87 26.87 11.05
CA ASP E 121 -9.47 28.21 10.66
C ASP E 121 -9.32 28.41 9.11
N ALA E 122 -9.25 27.31 8.36
CA ALA E 122 -8.98 27.37 6.95
C ALA E 122 -9.99 28.22 6.17
N PRO E 123 -11.30 28.05 6.41
CA PRO E 123 -12.25 28.89 5.60
C PRO E 123 -12.04 30.38 5.79
N ARG E 124 -11.80 30.80 7.00
CA ARG E 124 -11.57 32.22 7.28
C ARG E 124 -10.27 32.66 6.59
N ASN E 125 -9.20 31.87 6.73
CA ASN E 125 -7.92 32.27 6.14
C ASN E 125 -7.98 32.41 4.62
N LEU E 126 -8.69 31.51 3.99
CA LEU E 126 -8.92 31.57 2.52
C LEU E 126 -9.68 32.78 2.10
N ARG E 127 -10.75 33.07 2.80
CA ARG E 127 -11.54 34.29 2.51
C ARG E 127 -10.74 35.53 2.65
N THR E 128 -9.92 35.59 3.68
CA THR E 128 -9.11 36.78 3.86
C THR E 128 -8.13 36.87 2.67
N ALA E 129 -7.47 35.76 2.32
CA ALA E 129 -6.52 35.76 1.21
C ALA E 129 -7.17 36.10 -0.16
N LEU E 130 -8.33 35.52 -0.42
CA LEU E 130 -9.05 35.78 -1.66
C LEU E 130 -9.58 37.22 -1.75
N THR E 131 -10.11 37.77 -0.66
CA THR E 131 -10.57 39.16 -0.64
C THR E 131 -9.39 40.08 -0.96
N PHE E 132 -8.24 39.85 -0.36
CA PHE E 132 -7.10 40.68 -0.70
C PHE E 132 -6.56 40.44 -2.10
N ALA E 133 -6.57 39.20 -2.55
CA ALA E 133 -6.18 38.87 -3.91
C ALA E 133 -7.02 39.66 -4.95
N ARG E 134 -8.29 39.89 -4.65
CA ARG E 134 -9.12 40.63 -5.57
C ARG E 134 -9.23 42.12 -5.37
N LYS E 135 -9.06 42.61 -4.13
CA LYS E 135 -9.19 44.04 -3.83
C LYS E 135 -7.96 44.64 -3.23
N GLY E 136 -6.87 43.92 -3.10
CA GLY E 136 -5.66 44.45 -2.42
C GLY E 136 -4.79 45.14 -3.42
N PHE E 137 -3.49 45.00 -3.30
CA PHE E 137 -2.58 45.71 -4.15
C PHE E 137 -1.34 44.85 -4.31
N PRO E 138 -0.48 45.18 -5.28
CA PRO E 138 0.61 44.25 -5.62
C PRO E 138 1.61 43.96 -4.52
N GLY E 139 2.22 42.79 -4.60
CA GLY E 139 3.22 42.36 -3.63
C GLY E 139 3.01 40.94 -3.17
N ILE E 140 3.87 40.49 -2.27
CA ILE E 140 3.87 39.18 -1.70
C ILE E 140 3.51 39.30 -0.21
N TYR E 141 2.37 38.68 0.17
CA TYR E 141 1.73 38.82 1.44
C TYR E 141 1.35 37.48 1.99
N VAL E 142 1.11 37.44 3.30
CA VAL E 142 0.58 36.31 3.99
C VAL E 142 -0.73 36.71 4.61
N ALA E 143 -1.74 35.86 4.48
CA ALA E 143 -3.04 36.05 5.07
C ALA E 143 -3.21 35.03 6.16
N PHE E 144 -3.64 35.49 7.33
CA PHE E 144 -3.88 34.55 8.45
C PHE E 144 -4.85 35.25 9.41
N MET E 145 -5.83 34.50 9.85
CA MET E 145 -6.99 35.07 10.49
C MET E 145 -7.60 36.17 9.62
N ASP E 146 -7.84 37.37 10.13
CA ASP E 146 -8.32 38.48 9.33
C ASP E 146 -7.17 39.39 8.91
N LYS E 147 -5.91 38.96 8.99
CA LYS E 147 -4.79 39.88 8.77
C LYS E 147 -4.08 39.57 7.47
N ILE E 148 -3.61 40.65 6.83
CA ILE E 148 -2.70 40.61 5.74
C ILE E 148 -1.38 41.21 6.20
N MET E 149 -0.30 40.48 6.02
CA MET E 149 1.02 40.81 6.51
C MET E 149 2.03 40.72 5.39
N LEU E 150 3.06 41.58 5.47
CA LEU E 150 4.09 41.52 4.50
C LEU E 150 4.83 40.20 4.57
N GLY E 151 5.05 39.60 3.42
CA GLY E 151 5.63 38.28 3.37
C GLY E 151 7.05 38.12 3.88
N THR E 152 7.77 39.19 3.83
CA THR E 152 9.10 39.28 4.44
C THR E 152 9.17 39.68 5.92
N ARG E 153 8.02 39.76 6.58
CA ARG E 153 7.93 40.24 7.93
C ARG E 153 7.13 39.37 8.84
N VAL E 154 6.84 38.11 8.42
CA VAL E 154 6.03 37.22 9.24
C VAL E 154 6.87 36.15 9.84
N SER E 155 6.46 35.66 11.00
CA SER E 155 6.97 34.40 11.54
C SER E 155 5.85 33.66 12.18
N LYS E 156 6.05 32.37 12.25
CA LYS E 156 5.15 31.46 12.92
C LYS E 156 5.54 31.45 14.41
N VAL E 157 4.75 32.12 15.25
CA VAL E 157 5.10 32.29 16.64
C VAL E 157 4.34 31.36 17.54
N HIS E 158 3.24 30.72 17.08
CA HIS E 158 2.58 29.70 17.88
C HIS E 158 2.62 28.36 17.12
N SER E 159 2.82 27.24 17.86
CA SER E 159 2.73 25.92 17.27
C SER E 159 1.36 25.33 17.50
N LEU E 160 0.49 26.00 18.27
CA LEU E 160 -0.77 25.44 18.63
C LEU E 160 -1.95 26.38 18.36
N GLY E 161 -1.89 27.62 18.74
CA GLY E 161 -3.07 28.49 18.59
C GLY E 161 -3.33 28.94 17.15
N LEU E 162 -4.56 29.36 16.92
CA LEU E 162 -5.01 29.77 15.60
C LEU E 162 -4.37 31.06 15.13
N ASN E 163 -4.00 31.98 16.03
CA ASN E 163 -3.35 33.21 15.65
C ASN E 163 -1.85 32.96 15.57
N ALA E 164 -1.44 32.12 14.62
CA ALA E 164 -0.11 31.58 14.65
C ALA E 164 0.92 32.46 14.02
N PHE E 165 0.51 33.43 13.19
CA PHE E 165 1.48 34.22 12.42
C PHE E 165 1.38 35.68 12.86
N GLN E 166 2.52 36.31 13.05
CA GLN E 166 2.54 37.69 13.43
C GLN E 166 3.48 38.42 12.55
N SER E 167 3.19 39.70 12.42
CA SER E 167 4.12 40.60 11.77
C SER E 167 5.13 41.12 12.82
N ILE E 168 6.42 41.10 12.49
CA ILE E 168 7.50 41.26 13.47
C ILE E 168 8.26 42.52 13.15
N ASN E 169 8.26 43.48 14.09
CA ASN E 169 8.97 44.76 13.99
C ASN E 169 8.43 45.59 12.82
N TYR E 170 7.15 45.44 12.45
CA TYR E 170 6.64 46.06 11.19
C TYR E 170 5.11 45.93 11.28
N PRO E 171 4.36 46.96 10.95
CA PRO E 171 2.91 46.83 11.10
C PRO E 171 2.25 45.82 10.08
N ASP E 172 1.12 45.30 10.48
CA ASP E 172 0.16 44.69 9.60
C ASP E 172 -0.12 45.56 8.44
N ILE E 173 -0.27 44.95 7.25
CA ILE E 173 -0.57 45.69 6.01
C ILE E 173 -2.03 46.07 5.97
N ALA E 174 -2.90 45.10 6.29
CA ALA E 174 -4.32 45.35 6.20
C ALA E 174 -5.08 44.35 7.06
N TYR E 175 -6.34 44.66 7.30
CA TYR E 175 -7.27 43.71 7.83
C TYR E 175 -8.45 43.48 6.86
N VAL E 176 -8.99 42.27 6.84
CA VAL E 176 -10.15 42.00 6.04
C VAL E 176 -11.35 41.87 6.94
N LYS E 177 -12.37 42.65 6.69
CA LYS E 177 -13.58 42.61 7.52
C LYS E 177 -14.74 42.48 6.54
N GLY E 178 -15.43 41.32 6.59
CA GLY E 178 -16.41 40.91 5.55
C GLY E 178 -15.68 40.83 4.21
N ASP E 179 -16.12 41.67 3.29
CA ASP E 179 -15.54 41.75 1.95
C ASP E 179 -14.71 43.00 1.75
N GLU E 180 -14.43 43.76 2.81
CA GLU E 180 -13.59 44.94 2.69
C GLU E 180 -12.15 44.73 3.21
N VAL E 181 -11.23 45.41 2.56
CA VAL E 181 -9.84 45.48 2.94
C VAL E 181 -9.69 46.86 3.63
N LEU E 182 -9.25 46.89 4.88
CA LEU E 182 -8.99 48.11 5.63
C LEU E 182 -7.48 48.21 5.77
N VAL E 183 -6.92 49.13 5.03
CA VAL E 183 -5.52 49.25 4.85
C VAL E 183 -4.93 50.01 6.09
N ARG E 184 -3.90 49.43 6.71
CA ARG E 184 -3.14 50.09 7.77
C ARG E 184 -1.85 50.67 7.16
N HIS E 185 -1.17 49.92 6.30
CA HIS E 185 0.10 50.37 5.78
C HIS E 185 0.29 49.76 4.37
N LYS E 186 0.46 50.60 3.41
CA LYS E 186 0.82 50.21 2.05
C LYS E 186 2.31 50.27 1.91
N PRO E 187 2.99 49.16 1.62
CA PRO E 187 4.47 49.25 1.45
C PRO E 187 4.86 49.90 0.13
N ARG E 188 6.16 50.18 -0.03
CA ARG E 188 6.67 50.81 -1.24
C ARG E 188 6.61 49.76 -2.37
N ILE E 189 5.99 50.15 -3.50
CA ILE E 189 5.69 49.24 -4.60
C ILE E 189 6.51 49.74 -5.77
N GLY E 190 7.42 48.87 -6.25
CA GLY E 190 8.28 49.24 -7.33
C GLY E 190 7.51 49.30 -8.65
N ASN E 191 7.57 50.48 -9.27
CA ASN E 191 7.04 50.77 -10.61
C ASN E 191 7.62 49.90 -11.76
N GLY E 192 8.79 49.28 -11.56
CA GLY E 192 9.51 48.55 -12.57
C GLY E 192 8.79 47.34 -13.16
N GLU E 193 9.43 46.68 -14.11
CA GLU E 193 8.84 45.50 -14.78
C GLU E 193 8.97 44.27 -13.88
N PRO E 194 8.03 43.33 -13.91
CA PRO E 194 8.23 42.09 -13.12
C PRO E 194 9.49 41.34 -13.51
N LEU E 195 10.28 40.87 -12.56
CA LEU E 195 11.52 40.18 -12.84
C LEU E 195 11.53 38.92 -12.00
N PHE E 196 11.94 37.82 -12.61
CA PHE E 196 12.11 36.59 -11.88
C PHE E 196 13.59 36.39 -11.75
N ASP E 197 14.08 36.19 -10.53
CA ASP E 197 15.52 36.16 -10.26
C ASP E 197 15.79 35.08 -9.22
N PRO E 198 15.76 33.79 -9.66
CA PRO E 198 15.70 32.65 -8.74
C PRO E 198 17.01 32.09 -8.22
N GLU E 199 18.18 32.66 -8.56
CA GLU E 199 19.42 32.04 -8.16
C GLU E 199 19.56 32.18 -6.63
N LEU E 200 19.72 31.04 -5.97
CA LEU E 200 20.04 31.03 -4.58
C LEU E 200 20.94 29.86 -4.25
N ASP E 201 21.74 30.03 -3.20
CA ASP E 201 22.68 29.03 -2.73
C ASP E 201 22.07 28.51 -1.45
N PRO E 202 21.57 27.26 -1.48
CA PRO E 202 20.92 26.70 -0.29
C PRO E 202 21.87 26.27 0.86
N ASN E 203 23.19 26.33 0.66
CA ASN E 203 24.16 25.85 1.65
C ASN E 203 24.46 26.94 2.68
N VAL E 204 23.46 27.18 3.54
CA VAL E 204 23.59 28.08 4.66
C VAL E 204 23.12 27.34 5.88
N VAL E 205 23.62 27.77 7.02
CA VAL E 205 23.28 27.13 8.29
C VAL E 205 22.97 28.21 9.32
N HIS E 206 21.99 27.92 10.17
CA HIS E 206 21.53 28.79 11.20
C HIS E 206 21.82 28.10 12.53
N ILE E 207 22.71 28.71 13.30
CA ILE E 207 23.03 28.15 14.61
C ILE E 207 22.74 29.19 15.72
N ARG E 208 22.33 28.70 16.88
CA ARG E 208 22.14 29.53 18.02
C ARG E 208 23.43 29.63 18.86
N LEU E 209 23.89 30.86 19.15
CA LEU E 209 25.00 31.04 20.08
C LEU E 209 24.51 30.73 21.47
N THR E 210 25.19 29.79 22.13
CA THR E 210 24.74 29.34 23.43
C THR E 210 25.95 29.28 24.34
N PRO E 211 25.76 29.52 25.66
CA PRO E 211 26.91 29.28 26.51
C PRO E 211 27.32 27.83 26.34
N GLY E 212 28.62 27.60 26.25
CA GLY E 212 29.11 26.26 25.99
C GLY E 212 29.34 25.91 24.53
N LEU E 213 28.81 26.66 23.57
CA LEU E 213 29.16 26.41 22.18
C LEU E 213 30.67 26.52 21.97
N SER E 214 31.27 25.48 21.42
CA SER E 214 32.73 25.42 21.32
C SER E 214 33.28 25.95 20.00
N PRO E 215 34.49 26.53 20.02
CA PRO E 215 35.23 26.87 18.80
C PRO E 215 35.26 25.73 17.77
N GLU E 216 35.44 24.49 18.22
CA GLU E 216 35.54 23.29 17.38
C GLU E 216 34.27 23.11 16.51
N VAL E 217 33.12 23.24 17.16
CA VAL E 217 31.82 23.10 16.47
C VAL E 217 31.62 24.17 15.43
N LEU E 218 31.94 25.41 15.77
CA LEU E 218 31.72 26.51 14.86
C LEU E 218 32.68 26.43 13.66
N ARG E 219 33.90 25.90 13.89
CA ARG E 219 34.84 25.61 12.80
C ARG E 219 34.31 24.53 11.85
N ALA E 220 33.83 23.44 12.42
CA ALA E 220 33.26 22.33 11.66
C ALA E 220 32.09 22.78 10.79
N VAL E 221 31.26 23.67 11.34
CA VAL E 221 30.13 24.22 10.60
C VAL E 221 30.62 25.13 9.48
N ALA E 222 31.58 25.99 9.78
CA ALA E 222 32.06 26.96 8.82
C ALA E 222 32.68 26.30 7.59
N ARG E 223 33.44 25.20 7.79
CA ARG E 223 34.05 24.45 6.67
C ARG E 223 33.13 23.62 5.76
N ALA E 224 31.85 23.52 6.11
CA ALA E 224 30.88 22.68 5.44
C ALA E 224 29.71 23.46 4.83
N THR E 225 29.74 24.79 4.91
CA THR E 225 28.65 25.62 4.41
C THR E 225 29.24 26.78 3.67
N ASP E 226 28.40 27.56 3.02
CA ASP E 226 28.86 28.79 2.36
C ASP E 226 28.52 30.07 3.11
N GLY E 227 27.65 29.99 4.10
CA GLY E 227 27.24 31.16 4.85
C GLY E 227 26.64 30.73 6.17
N ILE E 228 26.74 31.58 7.19
CA ILE E 228 26.25 31.22 8.51
C ILE E 228 25.38 32.31 9.05
N VAL E 229 24.24 31.93 9.60
CA VAL E 229 23.43 32.83 10.42
C VAL E 229 23.65 32.46 11.89
N LEU E 230 24.18 33.41 12.67
CA LEU E 230 24.30 33.25 14.12
C LEU E 230 23.13 33.92 14.78
N GLU E 231 22.52 33.23 15.72
CA GLU E 231 21.41 33.78 16.48
C GLU E 231 21.96 34.14 17.88
N GLY E 232 22.27 35.42 18.07
CA GLY E 232 22.88 35.91 19.33
C GLY E 232 21.90 36.40 20.34
N TYR E 233 22.37 36.75 21.52
CA TYR E 233 21.50 37.20 22.62
C TYR E 233 21.18 38.67 22.49
N GLY E 234 19.92 39.04 22.69
CA GLY E 234 19.56 40.46 22.78
C GLY E 234 19.97 41.26 21.55
N ALA E 235 20.71 42.34 21.80
CA ALA E 235 21.16 43.25 20.78
C ALA E 235 22.30 42.69 19.94
N GLY E 236 22.89 41.58 20.40
CA GLY E 236 23.84 40.82 19.58
C GLY E 236 25.30 41.02 19.99
N GLY E 237 26.09 39.96 19.82
CA GLY E 237 27.53 40.01 20.09
C GLY E 237 28.08 38.59 20.12
N ILE E 238 29.37 38.42 20.25
CA ILE E 238 29.92 37.08 20.24
C ILE E 238 30.77 36.85 21.52
N PRO E 239 30.59 35.68 22.18
CA PRO E 239 31.43 35.26 23.31
C PRO E 239 32.89 35.16 22.91
N TYR E 240 33.76 35.78 23.72
CA TYR E 240 35.20 35.61 23.61
C TYR E 240 35.90 35.06 24.86
N ARG E 241 35.16 34.78 25.94
CA ARG E 241 35.74 34.41 27.21
C ARG E 241 35.58 32.90 27.37
N GLY E 242 36.64 32.22 27.80
CA GLY E 242 36.60 30.75 27.98
C GLY E 242 36.54 29.98 26.66
N ARG E 243 35.43 30.12 25.95
CA ARG E 243 35.28 29.54 24.62
C ARG E 243 35.29 30.72 23.68
N ASN E 244 36.43 30.92 23.03
CA ASN E 244 36.64 32.09 22.22
C ASN E 244 36.07 31.87 20.84
N LEU E 245 34.79 32.19 20.69
CA LEU E 245 34.12 32.08 19.42
C LEU E 245 34.43 33.27 18.52
N LEU E 246 34.82 34.41 19.09
CA LEU E 246 35.22 35.57 18.28
C LEU E 246 36.36 35.29 17.33
N GLU E 247 37.33 34.54 17.84
CA GLU E 247 38.49 34.16 17.05
C GLU E 247 38.06 33.31 15.83
N VAL E 248 37.16 32.33 16.05
CA VAL E 248 36.68 31.50 14.96
C VAL E 248 35.90 32.35 13.96
N VAL E 249 35.14 33.33 14.44
CA VAL E 249 34.35 34.16 13.56
C VAL E 249 35.21 35.11 12.70
N SER E 250 36.28 35.71 13.27
CA SER E 250 37.09 36.62 12.47
C SER E 250 37.79 35.90 11.32
N GLU E 251 38.20 34.65 11.55
CA GLU E 251 38.79 33.82 10.49
C GLU E 251 37.77 33.40 9.42
N THR E 252 36.63 32.88 9.84
CA THR E 252 35.56 32.52 8.93
C THR E 252 35.12 33.72 8.09
N ALA E 253 34.89 34.88 8.71
CA ALA E 253 34.36 36.06 8.00
C ALA E 253 35.31 36.68 6.98
N ARG E 254 36.57 36.28 6.99
CA ARG E 254 37.45 36.55 5.85
C ARG E 254 37.01 35.84 4.56
N GLU E 255 36.46 34.63 4.67
CA GLU E 255 36.13 33.80 3.50
C GLU E 255 34.61 33.62 3.22
N LYS E 256 33.74 33.76 4.24
CA LYS E 256 32.33 33.52 4.10
C LYS E 256 31.53 34.49 4.94
N PRO E 257 30.32 34.86 4.49
CA PRO E 257 29.47 35.74 5.29
C PRO E 257 28.94 35.08 6.55
N VAL E 258 28.97 35.87 7.62
CA VAL E 258 28.43 35.49 8.92
C VAL E 258 27.47 36.60 9.27
N VAL E 259 26.22 36.25 9.45
CA VAL E 259 25.16 37.22 9.68
C VAL E 259 24.64 36.98 11.08
N MET E 260 24.35 38.05 11.78
CA MET E 260 23.90 37.95 13.19
C MET E 260 22.50 38.45 13.35
N THR E 261 21.61 37.60 13.82
CA THR E 261 20.27 38.01 14.25
C THR E 261 20.17 37.74 15.76
N THR E 262 18.98 37.88 16.30
CA THR E 262 18.77 37.73 17.74
C THR E 262 17.87 36.55 18.08
N GLN E 263 18.07 36.02 19.28
CA GLN E 263 17.22 35.02 19.91
C GLN E 263 15.91 35.61 20.35
N ALA E 264 15.84 36.91 20.57
CA ALA E 264 14.57 37.49 20.90
C ALA E 264 13.64 37.41 19.66
N LEU E 265 12.34 37.43 19.91
CA LEU E 265 11.35 37.44 18.80
C LEU E 265 11.25 38.83 18.24
N TYR E 266 11.15 39.84 19.12
CA TYR E 266 11.05 41.27 18.71
C TYR E 266 12.32 42.07 18.95
N GLY E 267 12.48 43.12 18.13
CA GLY E 267 13.49 44.15 18.31
C GLY E 267 14.76 44.05 17.50
N GLY E 268 15.04 42.91 16.90
CA GLY E 268 16.25 42.77 16.08
C GLY E 268 17.56 43.00 16.81
N VAL E 269 18.63 43.22 16.04
CA VAL E 269 19.95 43.47 16.62
C VAL E 269 20.43 44.89 16.47
N ASP E 270 21.38 45.24 17.32
CA ASP E 270 22.08 46.50 17.21
C ASP E 270 23.49 46.29 17.78
N LEU E 271 24.41 45.87 16.90
CA LEU E 271 25.75 45.52 17.28
C LEU E 271 26.58 46.75 17.72
N THR E 272 26.03 47.95 17.54
CA THR E 272 26.60 49.22 18.05
C THR E 272 26.48 49.38 19.56
N ARG E 273 25.53 48.69 20.19
CA ARG E 273 25.09 49.05 21.52
C ARG E 273 26.06 48.58 22.63
N TYR E 274 26.79 47.50 22.40
CA TYR E 274 27.64 46.85 23.39
C TYR E 274 28.95 46.53 22.76
N GLU E 275 29.94 46.44 23.62
CA GLU E 275 31.29 46.14 23.22
C GLU E 275 31.37 44.74 22.54
N VAL E 276 30.65 43.77 23.09
CA VAL E 276 30.58 42.46 22.46
C VAL E 276 30.03 42.51 21.04
N GLY E 277 29.09 43.44 20.80
CA GLY E 277 28.64 43.75 19.46
C GLY E 277 29.65 44.42 18.57
N ARG E 278 30.41 45.35 19.14
CA ARG E 278 31.35 46.12 18.36
C ARG E 278 32.50 45.24 17.94
N ARG E 279 32.98 44.38 18.84
CA ARG E 279 33.99 43.39 18.47
C ARG E 279 33.47 42.48 17.36
N ALA E 280 32.18 42.15 17.39
CA ALA E 280 31.58 41.33 16.33
C ALA E 280 31.66 42.03 15.00
N LEU E 281 31.30 43.33 14.96
CA LEU E 281 31.45 44.15 13.74
C LEU E 281 32.90 44.21 13.26
N GLU E 282 33.85 44.35 14.18
CA GLU E 282 35.26 44.42 13.81
C GLU E 282 35.74 43.10 13.18
N ALA E 283 35.19 41.98 13.62
CA ALA E 283 35.53 40.69 13.07
C ALA E 283 34.84 40.39 11.71
N GLY E 284 34.04 41.31 11.17
CA GLY E 284 33.43 41.16 9.85
C GLY E 284 31.97 40.71 9.83
N VAL E 285 31.34 40.58 10.99
CA VAL E 285 29.98 40.09 11.08
C VAL E 285 28.97 41.07 10.48
N ILE E 286 27.99 40.54 9.74
CA ILE E 286 26.96 41.35 9.09
C ILE E 286 25.72 41.35 9.98
N PRO E 287 25.27 42.54 10.41
CA PRO E 287 24.07 42.58 11.23
C PRO E 287 22.83 42.40 10.38
N ALA E 288 21.82 41.73 10.91
CA ALA E 288 20.55 41.50 10.26
C ALA E 288 19.54 42.56 10.59
N GLY E 289 19.95 43.60 11.32
CA GLY E 289 19.05 44.66 11.76
C GLY E 289 17.79 44.11 12.40
N ASP E 290 16.64 44.60 11.95
CA ASP E 290 15.39 44.18 12.54
C ASP E 290 14.68 43.02 11.70
N MET E 291 15.41 42.35 10.81
CA MET E 291 14.82 41.33 9.95
C MET E 291 14.34 40.10 10.70
N THR E 292 13.30 39.44 10.19
CA THR E 292 12.87 38.17 10.77
C THR E 292 13.95 37.15 10.50
N LYS E 293 13.93 36.07 11.25
CA LYS E 293 14.89 34.97 11.03
C LYS E 293 14.72 34.29 9.69
N GLU E 294 13.48 34.23 9.21
CA GLU E 294 13.15 33.60 7.94
C GLU E 294 13.67 34.47 6.82
N ALA E 295 13.41 35.77 6.95
CA ALA E 295 13.93 36.65 5.93
C ALA E 295 15.46 36.71 5.92
N THR E 296 16.12 36.67 7.09
CA THR E 296 17.58 36.73 7.14
C THR E 296 18.18 35.52 6.38
N LEU E 297 17.64 34.33 6.63
CA LEU E 297 18.16 33.14 6.04
C LEU E 297 17.96 33.14 4.49
N THR E 298 16.76 33.45 4.04
CA THR E 298 16.43 33.34 2.61
C THR E 298 17.17 34.43 1.84
N LYS E 299 17.30 35.61 2.46
CA LYS E 299 18.05 36.71 1.82
C LYS E 299 19.53 36.36 1.64
N LEU E 300 20.11 35.70 2.64
CA LEU E 300 21.49 35.27 2.55
C LEU E 300 21.65 34.19 1.44
N MET E 301 20.73 33.24 1.37
CA MET E 301 20.71 32.25 0.29
C MET E 301 20.69 32.95 -1.07
N TRP E 302 19.84 33.96 -1.16
CA TRP E 302 19.70 34.73 -2.40
C TRP E 302 20.97 35.53 -2.74
N ALA E 303 21.55 36.18 -1.72
CA ALA E 303 22.86 36.84 -1.85
C ALA E 303 23.94 35.93 -2.40
N LEU E 304 24.11 34.77 -1.76
CA LEU E 304 25.15 33.84 -2.14
C LEU E 304 24.93 33.25 -3.54
N GLY E 305 23.66 33.18 -3.97
CA GLY E 305 23.33 32.77 -5.32
C GLY E 305 23.77 33.73 -6.39
N HIS E 306 23.98 35.00 -6.03
CA HIS E 306 24.40 36.03 -6.97
C HIS E 306 25.89 36.41 -6.91
N THR E 307 26.58 36.13 -5.81
CA THR E 307 27.98 36.56 -5.66
C THR E 307 28.65 35.81 -4.49
N ARG E 308 29.98 35.67 -4.58
CA ARG E 308 30.80 35.23 -3.44
C ARG E 308 31.71 36.38 -2.94
N ASP E 309 31.45 37.59 -3.37
CA ASP E 309 32.30 38.74 -3.09
C ASP E 309 32.59 38.99 -1.59
N LEU E 310 31.61 38.83 -0.75
CA LEU E 310 31.63 39.38 0.60
C LEU E 310 31.39 40.85 0.77
N GLU E 311 32.07 41.80 0.12
CA GLU E 311 31.64 43.19 0.25
C GLU E 311 30.25 43.43 -0.37
N GLU E 312 29.99 42.83 -1.53
CA GLU E 312 28.68 43.01 -2.16
C GLU E 312 27.62 42.23 -1.41
N ILE E 313 27.94 41.07 -0.83
CA ILE E 313 27.04 40.35 0.09
C ILE E 313 26.63 41.25 1.27
N ARG E 314 27.57 42.02 1.81
CA ARG E 314 27.27 42.93 2.91
C ARG E 314 26.28 43.98 2.47
N LYS E 315 26.53 44.57 1.30
CA LYS E 315 25.68 45.66 0.79
C LYS E 315 24.25 45.16 0.56
N ILE E 316 24.11 43.95 0.03
CA ILE E 316 22.79 43.36 -0.22
C ILE E 316 22.08 43.08 1.10
N MET E 317 22.77 42.48 2.06
CA MET E 317 22.15 42.15 3.35
C MET E 317 21.63 43.39 4.09
N GLU E 318 22.33 44.49 3.95
CA GLU E 318 21.94 45.72 4.66
C GLU E 318 20.97 46.61 3.89
N ARG E 319 20.92 46.46 2.58
CA ARG E 319 19.96 47.21 1.72
C ARG E 319 18.55 46.60 1.78
N ASN E 320 17.55 47.47 1.82
CA ASN E 320 16.17 47.07 1.84
C ASN E 320 15.70 46.65 0.43
N ILE E 321 15.61 45.36 0.16
CA ILE E 321 15.20 44.87 -1.17
C ILE E 321 13.66 44.87 -1.31
N ALA E 322 12.93 44.38 -0.33
CA ALA E 322 11.50 44.14 -0.45
C ALA E 322 10.79 44.29 0.89
N GLY E 323 11.15 45.32 1.64
CA GLY E 323 10.48 45.64 2.89
C GLY E 323 10.93 44.87 4.08
N GLU E 324 11.94 44.03 3.90
CA GLU E 324 12.39 43.12 4.99
C GLU E 324 13.17 43.79 6.12
N ILE E 325 13.75 44.95 5.83
CA ILE E 325 14.67 45.58 6.80
C ILE E 325 14.48 47.09 6.82
N THR E 326 14.51 47.66 8.03
CA THR E 326 14.30 49.09 8.24
C THR E 326 15.60 49.83 8.06
N GLY E 327 15.56 50.95 7.40
CA GLY E 327 16.62 51.97 7.52
C GLY E 327 16.10 53.06 6.66
N SER E 328 15.40 54.05 7.26
CA SER E 328 14.50 54.98 6.52
C SER E 328 14.47 56.38 7.14
N MET F 1 15.12 39.07 59.38
CA MET F 1 15.02 39.04 57.89
C MET F 1 16.36 39.50 57.28
N LYS F 2 17.11 38.58 56.70
CA LYS F 2 18.36 38.91 56.07
C LYS F 2 18.40 38.44 54.63
N LEU F 3 18.67 39.39 53.71
CA LEU F 3 18.77 39.11 52.28
C LEU F 3 20.19 39.32 51.75
N LEU F 4 20.59 38.44 50.83
CA LEU F 4 21.86 38.54 50.13
C LEU F 4 21.58 38.94 48.67
N VAL F 5 22.29 39.97 48.20
CA VAL F 5 22.32 40.33 46.79
C VAL F 5 23.69 39.96 46.24
N LEU F 6 23.69 39.02 45.28
CA LEU F 6 24.88 38.58 44.56
C LEU F 6 24.99 39.28 43.20
N GLY F 7 26.09 39.97 42.97
CA GLY F 7 26.33 40.70 41.74
C GLY F 7 27.09 39.84 40.73
N THR F 8 26.68 39.91 39.50
CA THR F 8 27.33 39.12 38.47
C THR F 8 27.69 39.93 37.21
N GLY F 9 27.26 41.19 37.19
CA GLY F 9 27.46 42.07 36.02
C GLY F 9 26.14 42.47 35.33
N GLY F 10 26.18 42.52 34.01
CA GLY F 10 25.01 42.86 33.22
C GLY F 10 24.89 44.33 33.01
N THR F 11 23.95 44.66 32.16
CA THR F 11 23.62 46.03 31.89
C THR F 11 23.18 46.80 33.15
N ILE F 12 22.58 46.08 34.07
CA ILE F 12 22.14 46.70 35.32
C ILE F 12 23.34 47.35 36.08
N ALA F 13 24.54 46.77 35.90
CA ALA F 13 25.76 47.25 36.58
C ALA F 13 26.59 48.09 35.68
N SER F 14 26.07 48.52 34.54
CA SER F 14 26.87 49.34 33.62
C SER F 14 26.98 50.77 34.07
N ALA F 15 28.15 51.35 33.86
CA ALA F 15 28.48 52.73 34.27
C ALA F 15 27.63 53.73 33.52
N LYS F 16 28.11 54.76 32.82
CA LYS F 16 27.26 55.62 32.06
C LYS F 16 27.86 55.66 30.66
N THR F 17 28.19 56.85 30.13
CA THR F 17 29.00 56.98 28.92
C THR F 17 30.45 57.23 29.32
N GLU F 18 31.22 58.04 28.58
CA GLU F 18 32.65 58.06 28.54
C GLU F 18 33.33 56.72 28.57
N MET F 19 32.69 55.75 27.88
CA MET F 19 32.98 54.33 27.73
C MET F 19 32.68 53.42 28.92
N GLY F 20 31.86 53.88 29.83
CA GLY F 20 31.65 53.11 31.08
C GLY F 20 30.49 52.17 31.00
N TYR F 21 30.09 51.78 29.79
CA TYR F 21 28.91 50.94 29.59
C TYR F 21 29.29 49.54 30.06
N LYS F 22 30.57 49.17 30.04
CA LYS F 22 31.16 48.14 30.89
C LYS F 22 30.40 47.87 32.19
N ALA F 23 30.33 46.60 32.51
CA ALA F 23 29.52 46.11 33.63
C ALA F 23 30.23 46.13 34.97
N ALA F 24 30.75 47.30 35.33
CA ALA F 24 31.63 47.44 36.53
C ALA F 24 31.07 48.10 37.83
N LEU F 25 29.77 48.18 38.03
CA LEU F 25 29.22 48.61 39.32
C LEU F 25 29.03 47.42 40.24
N SER F 26 29.29 47.64 41.52
CA SER F 26 29.12 46.60 42.55
C SER F 26 27.68 46.53 42.99
N ALA F 27 27.31 45.40 43.56
CA ALA F 27 25.96 45.27 44.08
C ALA F 27 25.52 46.39 45.05
N ASP F 28 26.48 46.87 45.86
CA ASP F 28 26.22 47.95 46.79
C ASP F 28 25.86 49.23 46.05
N ASP F 29 26.65 49.59 45.03
CA ASP F 29 26.31 50.77 44.26
C ASP F 29 24.97 50.68 43.56
N ILE F 30 24.65 49.50 43.02
CA ILE F 30 23.38 49.28 42.33
C ILE F 30 22.23 49.56 43.29
N LEU F 31 22.23 48.90 44.46
CA LEU F 31 21.17 49.13 45.45
C LEU F 31 21.06 50.61 45.87
N GLN F 32 22.20 51.27 46.03
CA GLN F 32 22.18 52.64 46.39
C GLN F 32 21.58 53.50 45.28
N LEU F 33 22.05 53.31 44.06
CA LEU F 33 21.50 54.10 42.93
C LEU F 33 20.03 53.78 42.71
N ALA F 34 19.59 52.57 43.03
CA ALA F 34 18.19 52.25 42.93
C ALA F 34 17.32 52.84 44.07
N GLY F 35 16.10 52.32 44.15
CA GLY F 35 15.40 52.28 45.42
C GLY F 35 16.13 51.48 46.59
N ILE F 36 16.20 52.11 47.72
CA ILE F 36 16.03 51.47 48.98
C ILE F 36 17.38 51.15 49.64
N ARG F 37 17.26 50.53 50.81
CA ARG F 37 18.30 50.17 51.76
C ARG F 37 18.15 51.11 52.91
N ARG F 38 18.35 52.40 52.64
CA ARG F 38 18.48 53.47 53.70
C ARG F 38 17.40 53.51 54.85
N GLU F 39 17.00 52.35 55.37
CA GLU F 39 15.69 52.05 56.03
C GLU F 39 15.81 50.57 56.52
N ASP F 40 14.87 50.05 57.30
CA ASP F 40 14.22 48.71 57.14
C ASP F 40 14.28 47.69 58.29
N GLY F 41 13.30 46.80 58.25
CA GLY F 41 13.28 45.58 59.02
C GLY F 41 13.93 44.43 58.27
N ALA F 42 14.20 44.55 56.96
CA ALA F 42 15.08 43.60 56.25
C ALA F 42 16.54 44.09 56.10
N LYS F 43 17.50 43.34 56.63
CA LYS F 43 18.91 43.68 56.46
C LYS F 43 19.40 43.13 55.12
N ILE F 44 19.99 44.00 54.28
CA ILE F 44 20.46 43.61 52.94
C ILE F 44 21.98 43.64 52.88
N GLU F 45 22.57 42.47 52.62
CA GLU F 45 24.01 42.30 52.48
C GLU F 45 24.33 42.00 51.03
N THR F 46 25.60 42.18 50.69
CA THR F 46 26.07 42.23 49.34
C THR F 46 27.28 41.35 49.14
N ARG F 47 27.42 40.84 47.93
CA ARG F 47 28.63 40.15 47.52
C ARG F 47 28.74 40.24 46.02
N ASP F 48 29.94 40.46 45.49
CA ASP F 48 30.16 40.52 44.03
C ASP F 48 30.96 39.33 43.64
N ILE F 49 30.45 38.50 42.73
CA ILE F 49 31.18 37.30 42.26
C ILE F 49 31.67 37.36 40.84
N LEU F 50 31.10 38.21 40.00
CA LEU F 50 31.54 38.34 38.61
C LEU F 50 31.18 39.71 38.18
N ASN F 51 31.83 40.21 37.15
CA ASN F 51 31.46 41.49 36.59
C ASN F 51 31.45 41.42 35.03
N LEU F 52 30.52 40.68 34.48
CA LEU F 52 30.50 40.34 33.02
C LEU F 52 29.24 40.81 32.34
N ASP F 53 29.42 41.31 31.14
CA ASP F 53 28.37 41.27 30.12
C ASP F 53 27.89 39.82 30.05
N SER F 54 26.61 39.60 30.26
CA SER F 54 26.11 38.20 30.27
C SER F 54 26.27 37.39 28.95
N THR F 55 26.55 38.04 27.82
CA THR F 55 27.02 37.32 26.64
C THR F 55 28.26 36.47 26.88
N LEU F 56 29.07 36.87 27.85
CA LEU F 56 30.30 36.17 28.15
C LEU F 56 30.14 35.07 29.18
N ILE F 57 28.93 34.85 29.68
CA ILE F 57 28.70 33.79 30.63
C ILE F 57 28.94 32.43 30.01
N GLN F 58 29.63 31.58 30.73
CA GLN F 58 29.89 30.23 30.29
C GLN F 58 29.36 29.25 31.34
N PRO F 59 29.17 27.98 30.99
CA PRO F 59 28.58 27.07 31.98
C PRO F 59 29.38 26.88 33.25
N GLU F 60 30.70 27.04 33.18
CA GLU F 60 31.54 27.00 34.38
C GLU F 60 31.10 28.10 35.39
N ASP F 61 30.70 29.26 34.90
CA ASP F 61 30.13 30.33 35.76
C ASP F 61 28.88 29.93 36.51
N TRP F 62 28.08 29.01 35.95
CA TRP F 62 26.89 28.53 36.67
C TRP F 62 27.30 27.80 37.95
N VAL F 63 28.39 27.07 37.89
CA VAL F 63 28.91 26.39 39.07
C VAL F 63 29.33 27.43 40.12
N THR F 64 30.05 28.48 39.70
CA THR F 64 30.49 29.53 40.60
C THR F 64 29.29 30.23 41.28
N ILE F 65 28.30 30.61 40.46
CA ILE F 65 27.11 31.29 41.00
C ILE F 65 26.36 30.33 41.91
N GLY F 66 26.23 29.09 41.45
CA GLY F 66 25.51 28.07 42.22
C GLY F 66 26.11 27.78 43.57
N ARG F 67 27.45 27.71 43.62
CA ARG F 67 28.17 27.46 44.88
C ARG F 67 27.89 28.61 45.85
N ALA F 68 27.97 29.85 45.36
CA ALA F 68 27.67 31.00 46.19
C ALA F 68 26.20 31.01 46.70
N VAL F 69 25.25 30.63 45.85
CA VAL F 69 23.87 30.54 46.29
C VAL F 69 23.69 29.51 47.39
N PHE F 70 24.19 28.31 47.15
CA PHE F 70 23.99 27.18 48.05
C PHE F 70 24.63 27.41 49.45
N GLU F 71 25.84 27.96 49.46
CA GLU F 71 26.50 28.34 50.68
C GLU F 71 25.76 29.43 51.42
N ALA F 72 25.06 30.32 50.72
CA ALA F 72 24.27 31.36 51.36
C ALA F 72 22.99 30.83 52.06
N PHE F 73 22.60 29.57 51.79
CA PHE F 73 21.41 29.02 52.43
C PHE F 73 21.52 28.92 53.95
N ASP F 74 22.72 28.73 54.48
CA ASP F 74 22.92 28.80 55.92
C ASP F 74 22.59 30.17 56.55
N GLU F 75 23.04 31.27 55.95
CA GLU F 75 22.96 32.59 56.61
C GLU F 75 21.73 33.40 56.24
N TYR F 76 21.06 33.17 55.10
CA TYR F 76 20.05 34.15 54.63
C TYR F 76 18.63 33.61 54.46
N ASP F 77 17.65 34.53 54.46
CA ASP F 77 16.24 34.21 54.31
C ASP F 77 15.78 34.35 52.81
N GLY F 78 16.56 35.04 51.99
CA GLY F 78 16.30 35.14 50.57
C GLY F 78 17.52 35.68 49.86
N ILE F 79 17.56 35.43 48.54
CA ILE F 79 18.69 35.82 47.70
C ILE F 79 18.17 36.47 46.43
N VAL F 80 18.80 37.58 46.01
CA VAL F 80 18.60 38.19 44.72
C VAL F 80 19.94 38.18 44.00
N ILE F 81 19.95 37.79 42.71
CA ILE F 81 21.14 37.80 41.86
C ILE F 81 20.93 38.83 40.77
N THR F 82 21.82 39.81 40.65
CA THR F 82 21.79 40.77 39.58
C THR F 82 22.67 40.22 38.46
N HIS F 83 22.13 40.23 37.23
CA HIS F 83 22.68 39.45 36.11
C HIS F 83 22.33 40.18 34.80
N GLY F 84 23.13 39.96 33.76
CA GLY F 84 22.80 40.51 32.47
C GLY F 84 21.54 39.81 31.91
N THR F 85 20.79 40.48 31.03
CA THR F 85 19.59 39.91 30.44
C THR F 85 19.86 38.90 29.34
N ASP F 86 20.93 39.09 28.56
CA ASP F 86 21.24 38.19 27.47
C ASP F 86 21.22 36.73 27.82
N THR F 87 21.76 36.33 28.98
CA THR F 87 21.75 34.92 29.33
C THR F 87 21.07 34.66 30.63
N LEU F 88 20.31 35.62 31.14
CA LEU F 88 19.56 35.41 32.37
C LEU F 88 18.77 34.12 32.44
N ALA F 89 18.06 33.79 31.36
CA ALA F 89 17.20 32.62 31.34
C ALA F 89 17.99 31.33 31.28
N TYR F 90 19.17 31.37 30.70
CA TYR F 90 20.05 30.20 30.74
C TYR F 90 20.56 29.97 32.17
N THR F 91 21.01 31.04 32.85
CA THR F 91 21.47 30.89 34.23
C THR F 91 20.34 30.43 35.13
N SER F 92 19.17 31.07 35.01
CA SER F 92 18.05 30.66 35.86
C SER F 92 17.61 29.22 35.68
N SER F 93 17.66 28.75 34.43
CA SER F 93 17.32 27.34 34.14
C SER F 93 18.36 26.41 34.71
N ALA F 94 19.63 26.67 34.40
CA ALA F 94 20.72 25.81 34.88
C ALA F 94 20.74 25.72 36.39
N LEU F 95 20.58 26.85 37.11
CA LEU F 95 20.53 26.78 38.57
C LEU F 95 19.37 25.95 39.11
N SER F 96 18.26 25.91 38.38
CA SER F 96 17.12 25.08 38.79
C SER F 96 17.39 23.60 38.72
N PHE F 97 18.26 23.16 37.84
CA PHE F 97 18.63 21.74 37.81
C PHE F 97 19.79 21.45 38.77
N MET F 98 20.72 22.40 38.95
CA MET F 98 21.90 22.23 39.79
C MET F 98 21.60 22.34 41.30
N ILE F 99 20.56 23.07 41.68
CA ILE F 99 20.13 23.20 43.05
C ILE F 99 18.72 22.64 43.27
N ARG F 100 18.61 21.48 43.92
CA ARG F 100 17.32 20.92 44.33
C ARG F 100 16.83 21.40 45.68
N ASN F 101 15.53 21.62 45.80
CA ASN F 101 14.82 22.01 47.01
C ASN F 101 15.50 23.23 47.67
N PRO F 102 15.66 24.29 46.92
CA PRO F 102 16.16 25.48 47.60
C PRO F 102 15.24 25.82 48.79
N PRO F 103 15.80 26.16 49.97
CA PRO F 103 14.95 26.40 51.13
C PRO F 103 14.41 27.84 51.23
N ILE F 104 14.84 28.73 50.33
CA ILE F 104 14.42 30.11 50.35
C ILE F 104 14.18 30.59 48.91
N PRO F 105 13.55 31.75 48.73
CA PRO F 105 13.48 32.30 47.38
C PRO F 105 14.85 32.79 46.87
N VAL F 106 15.17 32.40 45.65
CA VAL F 106 16.34 32.84 44.92
C VAL F 106 15.84 33.47 43.62
N VAL F 107 15.99 34.78 43.52
CA VAL F 107 15.41 35.57 42.47
C VAL F 107 16.47 36.27 41.63
N LEU F 108 16.55 35.91 40.35
CA LEU F 108 17.43 36.59 39.41
C LEU F 108 16.75 37.77 38.79
N THR F 109 17.50 38.82 38.52
CA THR F 109 16.94 39.98 37.85
C THR F 109 18.03 40.77 37.15
N GLY F 110 17.58 41.74 36.37
CA GLY F 110 18.50 42.55 35.58
C GLY F 110 17.74 43.73 35.06
N SER F 111 18.28 44.39 34.07
CA SER F 111 17.55 45.50 33.45
C SER F 111 17.95 45.64 31.99
N MET F 112 17.08 46.26 31.23
CA MET F 112 17.39 46.59 29.85
C MET F 112 18.14 47.89 29.70
N LEU F 113 17.92 48.82 30.63
CA LEU F 113 18.66 50.09 30.71
C LEU F 113 19.60 50.15 31.95
N PRO F 114 20.78 50.80 31.78
CA PRO F 114 21.67 51.05 32.91
C PRO F 114 20.99 51.73 34.06
N ILE F 115 21.31 51.35 35.29
CA ILE F 115 20.77 52.04 36.48
C ILE F 115 21.10 53.55 36.45
N THR F 116 22.21 53.94 35.85
CA THR F 116 22.55 55.35 35.69
C THR F 116 21.64 56.11 34.71
N GLU F 117 20.89 55.43 33.83
CA GLU F 117 19.99 56.14 32.87
C GLU F 117 18.77 56.64 33.61
N PRO F 118 18.23 57.80 33.17
CA PRO F 118 17.14 58.39 34.00
C PRO F 118 15.76 57.68 34.06
N ASN F 119 15.33 57.03 33.00
CA ASN F 119 14.09 56.25 33.07
C ASN F 119 14.36 54.75 33.16
N SER F 120 15.38 54.40 33.94
CA SER F 120 15.81 53.01 34.01
C SER F 120 14.70 52.10 34.55
N ASP F 121 14.63 50.91 33.97
CA ASP F 121 13.81 49.83 34.54
C ASP F 121 14.42 49.10 35.77
N ALA F 122 15.71 49.32 36.00
CA ALA F 122 16.43 48.62 37.05
C ALA F 122 15.82 48.82 38.46
N PRO F 123 15.48 50.07 38.83
CA PRO F 123 14.90 50.21 40.20
C PRO F 123 13.62 49.40 40.41
N ARG F 124 12.75 49.38 39.42
CA ARG F 124 11.52 48.62 39.53
C ARG F 124 11.83 47.11 39.61
N ASN F 125 12.73 46.64 38.75
CA ASN F 125 13.05 45.22 38.73
C ASN F 125 13.65 44.72 40.07
N LEU F 126 14.52 45.55 40.64
CA LEU F 126 15.10 45.25 41.96
C LEU F 126 14.09 45.20 43.06
N ARG F 127 13.19 46.19 43.08
CA ARG F 127 12.12 46.19 44.09
C ARG F 127 11.27 44.97 44.01
N THR F 128 10.93 44.58 42.78
CA THR F 128 10.08 43.43 42.65
C THR F 128 10.86 42.18 43.13
N ALA F 129 12.14 42.04 42.75
CA ALA F 129 12.96 40.90 43.19
C ALA F 129 13.15 40.85 44.72
N LEU F 130 13.43 41.99 45.31
CA LEU F 130 13.62 42.07 46.76
C LEU F 130 12.32 41.80 47.54
N THR F 131 11.19 42.34 47.08
CA THR F 131 9.91 42.07 47.73
C THR F 131 9.62 40.58 47.72
N PHE F 132 9.84 39.92 46.58
CA PHE F 132 9.60 38.49 46.55
C PHE F 132 10.63 37.69 47.35
N ALA F 133 11.89 38.14 47.32
CA ALA F 133 12.92 37.52 48.14
C ALA F 133 12.53 37.52 49.64
N ARG F 134 11.84 38.55 50.10
CA ARG F 134 11.46 38.60 51.50
C ARG F 134 10.07 38.06 51.83
N LYS F 135 9.13 38.10 50.90
CA LYS F 135 7.75 37.67 51.17
C LYS F 135 7.28 36.54 50.27
N GLY F 136 8.12 36.01 49.39
CA GLY F 136 7.70 34.99 48.47
C GLY F 136 7.85 33.62 49.06
N PHE F 137 8.25 32.64 48.27
CA PHE F 137 8.35 31.28 48.78
C PHE F 137 9.50 30.60 48.04
N PRO F 138 9.95 29.44 48.52
CA PRO F 138 11.18 28.86 47.99
C PRO F 138 11.17 28.51 46.51
N GLY F 139 12.36 28.52 45.92
CA GLY F 139 12.53 28.22 44.51
C GLY F 139 13.43 29.20 43.80
N ILE F 140 13.60 28.98 42.50
CA ILE F 140 14.44 29.75 41.64
C ILE F 140 13.53 30.48 40.64
N TYR F 141 13.53 31.81 40.67
CA TYR F 141 12.61 32.68 39.99
C TYR F 141 13.36 33.79 39.31
N VAL F 142 12.68 34.43 38.33
CA VAL F 142 13.16 35.60 37.67
C VAL F 142 12.17 36.69 37.89
N ALA F 143 12.68 37.89 38.21
CA ALA F 143 11.87 39.07 38.44
C ALA F 143 12.13 40.03 37.29
N PHE F 144 11.06 40.54 36.71
CA PHE F 144 11.21 41.52 35.61
C PHE F 144 9.90 42.28 35.51
N MET F 145 10.02 43.59 35.37
CA MET F 145 8.90 44.49 35.60
C MET F 145 8.27 44.21 36.97
N ASP F 146 6.96 44.00 37.05
CA ASP F 146 6.28 43.62 38.28
C ASP F 146 6.07 42.12 38.34
N LYS F 147 6.74 41.31 37.51
CA LYS F 147 6.44 39.88 37.48
C LYS F 147 7.52 39.04 38.13
N ILE F 148 7.06 37.96 38.73
CA ILE F 148 7.88 36.87 39.19
C ILE F 148 7.49 35.64 38.38
N MET F 149 8.50 35.02 37.77
CA MET F 149 8.32 33.92 36.82
C MET F 149 9.23 32.76 37.24
N LEU F 150 8.78 31.54 36.98
CA LEU F 150 9.59 30.40 37.27
C LEU F 150 10.83 30.39 36.42
N GLY F 151 11.95 30.14 37.07
CA GLY F 151 13.28 30.27 36.41
C GLY F 151 13.54 29.32 35.27
N THR F 152 12.87 28.20 35.28
CA THR F 152 12.88 27.26 34.18
C THR F 152 11.83 27.49 33.07
N ARG F 153 11.12 28.61 33.12
CA ARG F 153 10.03 28.89 32.24
C ARG F 153 10.08 30.25 31.62
N VAL F 154 11.24 30.94 31.69
CA VAL F 154 11.34 32.26 31.12
C VAL F 154 12.18 32.25 29.89
N SER F 155 11.89 33.19 29.00
CA SER F 155 12.82 33.53 27.92
C SER F 155 12.82 35.01 27.72
N LYS F 156 13.92 35.46 27.16
CA LYS F 156 14.09 36.81 26.73
C LYS F 156 13.46 36.95 25.33
N VAL F 157 12.27 37.55 25.23
CA VAL F 157 11.55 37.65 24.01
C VAL F 157 11.71 38.97 23.30
N HIS F 158 12.18 40.04 23.98
CA HIS F 158 12.42 41.32 23.30
CA HIS F 158 12.43 41.35 23.31
C HIS F 158 13.90 41.70 23.47
N SER F 159 14.50 42.28 22.42
CA SER F 159 15.90 42.73 22.52
C SER F 159 15.98 44.20 22.83
N LEU F 160 14.84 44.91 22.84
CA LEU F 160 14.78 46.33 22.98
C LEU F 160 13.75 46.72 24.03
N GLY F 161 12.55 46.20 24.03
CA GLY F 161 11.50 46.66 24.94
C GLY F 161 11.73 46.30 26.41
N LEU F 162 11.14 47.10 27.32
CA LEU F 162 11.30 46.89 28.74
C LEU F 162 10.65 45.62 29.26
N ASN F 163 9.56 45.17 28.64
CA ASN F 163 8.92 43.93 29.08
C ASN F 163 9.57 42.75 28.38
N ALA F 164 10.84 42.53 28.67
CA ALA F 164 11.66 41.67 27.88
C ALA F 164 11.53 40.19 28.15
N PHE F 165 11.01 39.81 29.29
CA PHE F 165 11.01 38.42 29.76
C PHE F 165 9.58 37.96 29.92
N GLN F 166 9.29 36.76 29.42
CA GLN F 166 7.94 36.25 29.52
C GLN F 166 8.01 34.86 30.03
N SER F 167 6.95 34.46 30.70
CA SER F 167 6.78 33.08 31.06
C SER F 167 6.11 32.33 29.88
N ILE F 168 6.66 31.16 29.51
CA ILE F 168 6.36 30.52 28.23
C ILE F 168 5.70 29.19 28.53
N ASN F 169 4.45 29.06 28.10
CA ASN F 169 3.64 27.82 28.21
C ASN F 169 3.38 27.50 29.68
N TYR F 170 3.33 28.49 30.57
CA TYR F 170 3.24 28.22 32.02
C TYR F 170 2.87 29.58 32.63
N PRO F 171 1.97 29.62 33.60
CA PRO F 171 1.61 30.94 34.14
C PRO F 171 2.73 31.64 34.94
N ASP F 172 2.68 32.97 34.96
CA ASP F 172 3.42 33.77 35.90
C ASP F 172 3.17 33.26 37.32
N ILE F 173 4.20 33.31 38.15
CA ILE F 173 4.10 32.86 39.54
C ILE F 173 3.38 33.89 40.39
N ALA F 174 3.79 35.15 40.26
CA ALA F 174 3.26 36.20 41.08
C ALA F 174 3.50 37.55 40.48
N TYR F 175 2.78 38.54 41.00
CA TYR F 175 3.02 39.92 40.67
C TYR F 175 3.36 40.70 41.96
N VAL F 176 4.25 41.68 41.86
CA VAL F 176 4.52 42.54 42.98
C VAL F 176 3.85 43.88 42.72
N LYS F 177 3.01 44.32 43.63
CA LYS F 177 2.40 45.62 43.51
C LYS F 177 2.67 46.37 44.81
N GLY F 178 3.45 47.45 44.73
CA GLY F 178 4.02 48.12 45.91
C GLY F 178 4.88 47.15 46.68
N ASP F 179 4.48 46.86 47.93
CA ASP F 179 5.16 45.89 48.77
C ASP F 179 4.42 44.59 48.94
N GLU F 180 3.35 44.39 48.16
CA GLU F 180 2.60 43.13 48.23
C GLU F 180 2.92 42.14 47.06
N VAL F 181 2.88 40.86 47.39
CA VAL F 181 3.02 39.79 46.49
C VAL F 181 1.60 39.27 46.25
N LEU F 182 1.13 39.27 44.98
CA LEU F 182 -0.16 38.66 44.60
C LEU F 182 0.17 37.41 43.84
N VAL F 183 -0.11 36.28 44.44
CA VAL F 183 0.21 35.01 43.87
C VAL F 183 -0.81 34.60 42.78
N ARG F 184 -0.30 34.25 41.60
CA ARG F 184 -1.07 33.77 40.46
C ARG F 184 -0.98 32.24 40.43
N HIS F 185 0.18 31.65 40.68
CA HIS F 185 0.32 30.20 40.62
C HIS F 185 1.47 29.78 41.54
N LYS F 186 1.19 28.96 42.54
CA LYS F 186 2.22 28.45 43.41
C LYS F 186 2.68 27.09 42.87
N PRO F 187 3.96 26.93 42.51
CA PRO F 187 4.40 25.60 42.04
C PRO F 187 4.52 24.60 43.17
N ARG F 188 4.83 23.32 42.88
CA ARG F 188 5.57 22.47 43.86
C ARG F 188 6.99 23.04 44.04
N ILE F 189 7.44 23.33 45.21
CA ILE F 189 8.89 23.35 45.52
C ILE F 189 8.94 23.03 46.99
N GLY F 190 9.62 21.94 47.40
CA GLY F 190 10.14 21.90 48.78
C GLY F 190 10.46 20.53 49.33
N ASN F 191 9.62 20.02 50.22
CA ASN F 191 9.97 18.97 51.24
C ASN F 191 11.47 18.55 51.58
N GLY F 192 12.18 18.07 50.55
CA GLY F 192 13.49 17.41 50.73
C GLY F 192 14.60 18.33 51.19
N GLU F 193 15.78 17.78 51.42
CA GLU F 193 16.93 18.61 51.86
C GLU F 193 17.55 19.37 50.69
N PRO F 194 18.08 20.58 50.88
CA PRO F 194 18.80 21.24 49.76
C PRO F 194 19.95 20.41 49.22
N LEU F 195 20.10 20.28 47.90
CA LEU F 195 21.17 19.50 47.31
C LEU F 195 21.81 20.32 46.23
N PHE F 196 23.12 20.31 46.17
CA PHE F 196 23.86 20.97 45.11
C PHE F 196 24.38 19.86 44.23
N ASP F 197 24.10 19.92 42.94
CA ASP F 197 24.43 18.83 42.02
C ASP F 197 24.89 19.44 40.69
N PRO F 198 26.15 19.94 40.66
CA PRO F 198 26.63 20.81 39.58
C PRO F 198 27.20 20.17 38.31
N GLU F 199 27.23 18.86 38.20
CA GLU F 199 27.90 18.25 37.06
C GLU F 199 27.09 18.51 35.79
N LEU F 200 27.74 19.12 34.82
CA LEU F 200 27.16 19.28 33.51
C LEU F 200 28.22 19.18 32.43
N ASP F 201 27.77 18.78 31.23
CA ASP F 201 28.63 18.63 30.08
C ASP F 201 28.27 19.79 29.19
N PRO F 202 29.19 20.76 29.05
CA PRO F 202 28.90 21.93 28.23
C PRO F 202 28.92 21.73 26.70
N ASN F 203 29.32 20.54 26.23
CA ASN F 203 29.56 20.29 24.79
C ASN F 203 28.26 19.88 24.09
N VAL F 204 27.36 20.85 23.98
CA VAL F 204 26.09 20.68 23.30
C VAL F 204 25.94 21.82 22.33
N VAL F 205 25.15 21.59 21.29
CA VAL F 205 24.94 22.58 20.26
C VAL F 205 23.46 22.66 19.93
N HIS F 206 23.01 23.88 19.65
CA HIS F 206 21.62 24.17 19.37
C HIS F 206 21.57 24.69 17.93
N ILE F 207 20.94 23.94 17.07
CA ILE F 207 20.92 24.28 15.63
C ILE F 207 19.48 24.33 15.13
N ARG F 208 19.22 25.23 14.21
CA ARG F 208 17.89 25.38 13.67
C ARG F 208 17.74 24.56 12.38
N LEU F 209 16.71 23.71 12.31
CA LEU F 209 16.41 23.01 11.05
C LEU F 209 15.83 24.02 10.08
N THR F 210 16.46 24.14 8.92
CA THR F 210 16.08 25.16 7.96
C THR F 210 16.00 24.48 6.59
N PRO F 211 15.11 24.95 5.69
CA PRO F 211 15.20 24.44 4.36
C PRO F 211 16.60 24.71 3.84
N GLY F 212 17.19 23.71 3.18
CA GLY F 212 18.54 23.83 2.73
C GLY F 212 19.62 23.34 3.68
N LEU F 213 19.32 23.11 4.96
CA LEU F 213 20.33 22.52 5.85
C LEU F 213 20.77 21.16 5.29
N SER F 214 22.07 20.98 5.11
CA SER F 214 22.57 19.77 4.45
C SER F 214 22.94 18.65 5.45
N PRO F 215 22.79 17.38 5.02
CA PRO F 215 23.33 16.24 5.73
C PRO F 215 24.78 16.40 6.19
N GLU F 216 25.62 16.97 5.32
CA GLU F 216 27.06 17.17 5.58
C GLU F 216 27.29 18.05 6.82
N VAL F 217 26.55 19.15 6.93
CA VAL F 217 26.66 20.07 8.06
C VAL F 217 26.26 19.41 9.36
N LEU F 218 25.16 18.67 9.32
CA LEU F 218 24.65 18.05 10.54
C LEU F 218 25.58 16.92 11.00
N ARG F 219 26.22 16.24 10.05
CA ARG F 219 27.26 15.26 10.37
C ARG F 219 28.47 15.87 11.05
N ALA F 220 28.96 16.97 10.47
CA ALA F 220 30.11 17.69 11.00
C ALA F 220 29.84 18.18 12.44
N VAL F 221 28.61 18.65 12.69
CA VAL F 221 28.21 19.08 14.02
C VAL F 221 28.14 17.90 14.99
N ALA F 222 27.54 16.80 14.54
CA ALA F 222 27.36 15.63 15.39
C ALA F 222 28.69 15.05 15.86
N ARG F 223 29.70 15.00 14.98
CA ARG F 223 31.04 14.47 15.34
C ARG F 223 31.90 15.33 16.28
N ALA F 224 31.46 16.56 16.59
CA ALA F 224 32.20 17.52 17.36
C ALA F 224 31.52 17.91 18.69
N THR F 225 30.40 17.28 19.01
CA THR F 225 29.64 17.61 20.20
C THR F 225 29.23 16.34 20.88
N ASP F 226 28.67 16.46 22.08
CA ASP F 226 28.10 15.28 22.76
C ASP F 226 26.58 15.23 22.73
N GLY F 227 25.92 16.31 22.33
CA GLY F 227 24.47 16.35 22.34
C GLY F 227 23.99 17.45 21.42
N ILE F 228 22.79 17.31 20.87
CA ILE F 228 22.28 18.27 19.91
C ILE F 228 20.90 18.66 20.29
N VAL F 229 20.61 19.94 20.28
CA VAL F 229 19.23 20.44 20.30
C VAL F 229 18.87 20.90 18.89
N LEU F 230 17.87 20.26 18.29
CA LEU F 230 17.32 20.69 17.01
C LEU F 230 16.11 21.54 17.23
N GLU F 231 16.06 22.65 16.54
CA GLU F 231 14.92 23.56 16.65
C GLU F 231 14.10 23.36 15.34
N GLY F 232 13.02 22.59 15.45
CA GLY F 232 12.16 22.22 14.29
C GLY F 232 10.98 23.16 14.11
N TYR F 233 10.24 23.01 13.06
CA TYR F 233 9.11 23.91 12.73
C TYR F 233 7.86 23.39 13.48
N GLY F 234 7.09 24.31 14.02
CA GLY F 234 5.77 23.99 14.57
C GLY F 234 5.78 22.91 15.63
N ALA F 235 4.97 21.87 15.38
CA ALA F 235 4.82 20.76 16.29
C ALA F 235 6.02 19.81 16.26
N GLY F 236 6.90 19.98 15.28
CA GLY F 236 8.21 19.29 15.27
C GLY F 236 8.26 18.14 14.28
N GLY F 237 9.43 17.91 13.72
CA GLY F 237 9.66 16.89 12.71
C GLY F 237 10.99 17.11 12.01
N ILE F 238 11.45 16.16 11.24
CA ILE F 238 12.69 16.34 10.55
C ILE F 238 12.49 16.14 9.04
N PRO F 239 13.05 17.06 8.20
CA PRO F 239 13.04 16.93 6.74
C PRO F 239 13.75 15.65 6.30
N TYR F 240 13.09 14.90 5.42
CA TYR F 240 13.64 13.73 4.79
C TYR F 240 13.66 13.75 3.27
N ARG F 241 13.16 14.81 2.63
CA ARG F 241 13.03 14.86 1.19
C ARG F 241 14.15 15.69 0.62
N GLY F 242 14.83 15.21 -0.44
CA GLY F 242 15.90 15.98 -1.09
C GLY F 242 17.18 16.09 -0.23
N ARG F 243 17.09 16.74 0.92
CA ARG F 243 18.18 16.73 1.89
C ARG F 243 17.69 15.92 3.04
N ASN F 244 18.15 14.69 3.09
CA ASN F 244 17.62 13.72 4.03
C ASN F 244 18.35 13.86 5.35
N LEU F 245 17.82 14.73 6.18
CA LEU F 245 18.38 14.94 7.51
C LEU F 245 17.92 13.87 8.48
N LEU F 246 16.80 13.20 8.21
CA LEU F 246 16.35 12.09 9.07
C LEU F 246 17.36 10.96 9.17
N GLU F 247 18.00 10.66 8.05
CA GLU F 247 19.03 9.66 8.00
C GLU F 247 20.22 10.02 8.88
N VAL F 248 20.66 11.28 8.83
CA VAL F 248 21.74 11.76 9.68
C VAL F 248 21.34 11.66 11.15
N VAL F 249 20.09 11.98 11.44
CA VAL F 249 19.62 11.96 12.82
C VAL F 249 19.51 10.53 13.38
N SER F 250 19.05 9.56 12.60
CA SER F 250 18.92 8.19 13.12
C SER F 250 20.27 7.57 13.45
N GLU F 251 21.31 7.92 12.67
CA GLU F 251 22.68 7.49 12.95
C GLU F 251 23.26 8.17 14.18
N THR F 252 23.15 9.50 14.26
CA THR F 252 23.62 10.22 15.43
C THR F 252 22.92 9.72 16.69
N ALA F 253 21.60 9.56 16.67
CA ALA F 253 20.84 9.19 17.87
C ALA F 253 21.10 7.79 18.40
N ARG F 254 21.77 6.96 17.63
CA ARG F 254 22.34 5.72 18.18
C ARG F 254 23.44 5.97 19.20
N GLU F 255 24.23 7.04 19.03
CA GLU F 255 25.39 7.34 19.91
C GLU F 255 25.25 8.55 20.83
N LYS F 256 24.39 9.51 20.49
CA LYS F 256 24.31 10.79 21.22
C LYS F 256 22.87 11.26 21.25
N PRO F 257 22.46 11.93 22.34
CA PRO F 257 21.10 12.47 22.40
C PRO F 257 20.86 13.64 21.44
N VAL F 258 19.71 13.60 20.80
CA VAL F 258 19.21 14.62 19.94
C VAL F 258 17.84 14.98 20.47
N VAL F 259 17.68 16.24 20.82
CA VAL F 259 16.46 16.72 21.42
C VAL F 259 15.82 17.69 20.46
N MET F 260 14.49 17.69 20.40
CA MET F 260 13.78 18.55 19.45
C MET F 260 12.90 19.51 20.16
N THR F 261 13.12 20.81 19.95
CA THR F 261 12.19 21.85 20.39
C THR F 261 11.65 22.52 19.10
N THR F 262 10.92 23.60 19.25
CA THR F 262 10.28 24.30 18.16
C THR F 262 10.84 25.70 17.94
N GLN F 263 10.74 26.16 16.69
CA GLN F 263 11.03 27.53 16.29
C GLN F 263 9.96 28.47 16.75
N ALA F 264 8.77 28.00 17.02
CA ALA F 264 7.76 28.88 17.57
C ALA F 264 8.17 29.27 18.99
N LEU F 265 7.68 30.43 19.43
CA LEU F 265 7.90 30.84 20.84
C LEU F 265 6.98 30.09 21.75
N TYR F 266 5.70 30.02 21.37
CA TYR F 266 4.66 29.30 22.20
C TYR F 266 4.23 27.95 21.68
N GLY F 267 3.87 27.09 22.60
CA GLY F 267 3.19 25.80 22.29
C GLY F 267 4.05 24.57 22.33
N GLY F 268 5.39 24.69 22.31
CA GLY F 268 6.24 23.53 22.34
C GLY F 268 6.08 22.56 21.19
N VAL F 269 6.58 21.34 21.35
CA VAL F 269 6.42 20.30 20.35
C VAL F 269 5.44 19.21 20.70
N ASP F 270 4.95 18.55 19.64
CA ASP F 270 4.17 17.35 19.81
C ASP F 270 4.45 16.46 18.57
N LEU F 271 5.47 15.62 18.70
CA LEU F 271 5.93 14.80 17.60
C LEU F 271 4.95 13.71 17.19
N THR F 272 3.88 13.53 17.97
CA THR F 272 2.75 12.63 17.68
C THR F 272 1.85 13.16 16.57
N ARG F 273 1.85 14.47 16.31
CA ARG F 273 0.78 15.09 15.57
C ARG F 273 0.89 14.86 14.04
N TYR F 274 2.11 14.72 13.52
CA TYR F 274 2.37 14.63 12.08
C TYR F 274 3.34 13.51 11.85
N GLU F 275 3.28 13.01 10.63
CA GLU F 275 4.15 11.93 10.21
C GLU F 275 5.63 12.32 10.29
N VAL F 276 5.94 13.55 9.91
CA VAL F 276 7.30 14.05 10.03
C VAL F 276 7.81 14.01 11.49
N GLY F 277 6.90 14.22 12.43
CA GLY F 277 7.16 14.01 13.84
C GLY F 277 7.34 12.59 14.26
N ARG F 278 6.51 11.73 13.70
CA ARG F 278 6.55 10.32 14.10
C ARG F 278 7.82 9.68 13.58
N ARG F 279 8.22 10.00 12.34
CA ARG F 279 9.52 9.56 11.85
C ARG F 279 10.66 10.05 12.73
N ALA F 280 10.54 11.25 13.25
CA ALA F 280 11.57 11.80 14.16
C ALA F 280 11.65 10.97 15.43
N LEU F 281 10.50 10.62 16.02
CA LEU F 281 10.46 9.69 17.17
C LEU F 281 11.06 8.32 16.85
N GLU F 282 10.78 7.80 15.68
CA GLU F 282 11.31 6.49 15.27
C GLU F 282 12.82 6.53 15.14
N ALA F 283 13.37 7.67 14.74
CA ALA F 283 14.82 7.82 14.63
C ALA F 283 15.53 8.04 15.96
N GLY F 284 14.80 8.07 17.10
CA GLY F 284 15.39 8.15 18.43
C GLY F 284 15.36 9.53 19.06
N VAL F 285 14.73 10.52 18.39
CA VAL F 285 14.73 11.90 18.85
C VAL F 285 13.95 12.05 20.15
N ILE F 286 14.49 12.88 21.05
CA ILE F 286 13.86 13.16 22.35
C ILE F 286 13.08 14.43 22.25
N PRO F 287 11.75 14.36 22.52
CA PRO F 287 10.96 15.61 22.40
C PRO F 287 11.17 16.44 23.65
N ALA F 288 11.17 17.75 23.48
CA ALA F 288 11.34 18.71 24.57
C ALA F 288 10.01 19.14 25.13
N GLY F 289 8.91 18.53 24.69
CA GLY F 289 7.57 18.92 25.11
C GLY F 289 7.38 20.43 24.99
N ASP F 290 6.85 21.00 26.07
CA ASP F 290 6.58 22.42 26.09
C ASP F 290 7.74 23.27 26.78
N MET F 291 8.94 22.70 26.93
CA MET F 291 10.05 23.40 27.58
C MET F 291 10.55 24.60 26.81
N THR F 292 11.05 25.62 27.52
CA THR F 292 11.74 26.74 26.87
C THR F 292 13.02 26.22 26.23
N LYS F 293 13.53 26.97 25.26
CA LYS F 293 14.80 26.62 24.65
C LYS F 293 15.99 26.64 25.58
N GLU F 294 15.94 27.55 26.55
CA GLU F 294 17.00 27.71 27.56
C GLU F 294 16.96 26.53 28.49
N ALA F 295 15.77 26.17 28.92
CA ALA F 295 15.66 25.01 29.78
C ALA F 295 16.05 23.72 29.06
N THR F 296 15.69 23.57 27.78
CA THR F 296 16.03 22.37 27.04
C THR F 296 17.55 22.19 26.97
N LEU F 297 18.25 23.26 26.65
CA LEU F 297 19.70 23.21 26.51
C LEU F 297 20.39 22.87 27.86
N THR F 298 20.02 23.58 28.91
CA THR F 298 20.71 23.43 30.21
C THR F 298 20.39 22.08 30.82
N LYS F 299 19.14 21.63 30.63
CA LYS F 299 18.76 20.28 31.13
C LYS F 299 19.56 19.17 30.45
N LEU F 300 19.76 19.32 29.13
CA LEU F 300 20.55 18.36 28.39
C LEU F 300 22.02 18.38 28.87
N MET F 301 22.59 19.56 29.07
CA MET F 301 23.94 19.69 29.63
C MET F 301 24.03 18.96 30.96
N TRP F 302 23.01 19.15 31.80
CA TRP F 302 22.95 18.54 33.11
C TRP F 302 22.81 17.00 33.01
N ALA F 303 21.93 16.54 32.11
CA ALA F 303 21.80 15.12 31.82
C ALA F 303 23.13 14.47 31.43
N LEU F 304 23.80 15.07 30.46
CA LEU F 304 25.05 14.53 29.95
C LEU F 304 26.17 14.55 30.98
N GLY F 305 26.09 15.49 31.93
CA GLY F 305 27.01 15.53 33.06
C GLY F 305 26.88 14.38 34.02
N HIS F 306 25.73 13.72 34.04
CA HIS F 306 25.46 12.60 34.93
C HIS F 306 25.52 11.21 34.29
N THR F 307 25.39 11.12 32.95
CA THR F 307 25.37 9.81 32.28
C THR F 307 25.61 9.98 30.78
N ARG F 308 26.15 8.95 30.13
CA ARG F 308 26.13 8.85 28.66
C ARG F 308 25.20 7.77 28.16
N ASP F 309 24.48 7.11 29.08
CA ASP F 309 23.44 6.15 28.72
C ASP F 309 22.26 6.92 28.08
N LEU F 310 21.92 6.56 26.86
CA LEU F 310 20.95 7.29 26.08
C LEU F 310 19.54 7.06 26.60
N GLU F 311 19.25 5.86 27.09
CA GLU F 311 17.93 5.62 27.68
C GLU F 311 17.73 6.44 28.95
N GLU F 312 18.78 6.55 29.81
CA GLU F 312 18.58 7.32 31.03
C GLU F 312 18.52 8.82 30.73
N ILE F 313 19.27 9.28 29.72
CA ILE F 313 19.13 10.67 29.23
C ILE F 313 17.70 10.97 28.78
N ARG F 314 17.06 10.02 28.10
CA ARG F 314 15.69 10.18 27.65
C ARG F 314 14.77 10.35 28.85
N LYS F 315 14.93 9.49 29.87
CA LYS F 315 14.05 9.51 31.01
C LYS F 315 14.16 10.84 31.76
N ILE F 316 15.40 11.34 31.88
CA ILE F 316 15.62 12.63 32.56
C ILE F 316 15.00 13.78 31.76
N MET F 317 15.23 13.79 30.46
CA MET F 317 14.67 14.88 29.61
C MET F 317 13.14 14.96 29.67
N GLU F 318 12.49 13.81 29.79
CA GLU F 318 11.03 13.77 29.79
C GLU F 318 10.39 13.91 31.17
N ARG F 319 11.16 13.61 32.21
CA ARG F 319 10.70 13.78 33.60
C ARG F 319 10.76 15.22 34.08
N ASN F 320 9.74 15.65 34.81
CA ASN F 320 9.63 17.00 35.30
C ASN F 320 10.51 17.14 36.57
N ILE F 321 11.69 17.74 36.44
CA ILE F 321 12.60 17.90 37.57
C ILE F 321 12.22 19.11 38.44
N ALA F 322 11.96 20.26 37.82
CA ALA F 322 11.82 21.53 38.57
C ALA F 322 10.83 22.45 37.84
N GLY F 323 9.72 21.88 37.37
CA GLY F 323 8.67 22.69 36.78
C GLY F 323 8.86 23.04 35.34
N GLU F 324 9.93 22.56 34.74
CA GLU F 324 10.29 22.94 33.36
C GLU F 324 9.41 22.33 32.26
N ILE F 325 8.76 21.21 32.55
CA ILE F 325 8.04 20.47 31.53
C ILE F 325 6.73 19.90 32.05
N THR F 326 5.67 20.00 31.23
CA THR F 326 4.32 19.57 31.58
C THR F 326 4.21 18.08 31.30
N GLY F 327 3.60 17.35 32.22
CA GLY F 327 3.90 15.92 32.35
C GLY F 327 2.62 15.34 32.83
N SER F 328 1.77 14.85 31.90
CA SER F 328 0.46 14.25 32.20
C SER F 328 0.13 13.14 31.18
P PO4 G . -4.25 3.81 -11.46
O1 PO4 G . -3.34 4.94 -11.64
O2 PO4 G . -5.48 3.85 -10.70
O3 PO4 G . -4.76 3.43 -12.88
O4 PO4 G . -3.69 2.59 -10.79
C1 EDO H . -0.41 -5.48 -31.84
O1 EDO H . -1.01 -6.77 -31.98
C2 EDO H . -1.39 -4.43 -31.24
O2 EDO H . -2.13 -4.84 -30.01
P PO4 I . -11.64 -9.00 -45.49
O1 PO4 I . -11.62 -8.12 -44.32
O2 PO4 I . -12.70 -8.15 -46.12
O3 PO4 I . -11.95 -10.39 -45.07
O4 PO4 I . -10.35 -9.08 -46.13
C1 EDO J . -14.59 -2.78 -24.50
O1 EDO J . -13.69 -3.59 -25.32
C2 EDO J . -15.30 -3.66 -23.46
O2 EDO J . -14.49 -4.39 -22.52
C1 EDO K . -19.94 -12.67 -52.68
O1 EDO K . -18.57 -12.99 -52.76
C2 EDO K . -20.36 -11.64 -53.75
O2 EDO K . -19.40 -10.89 -54.47
O1 PG4 L . -31.26 -18.88 -55.39
C1 PG4 L . -31.05 -20.25 -55.74
C2 PG4 L . -29.57 -20.24 -55.94
O2 PG4 L . -29.22 -18.85 -55.86
C3 PG4 L . -28.58 -18.44 -57.06
C4 PG4 L . -27.67 -17.22 -56.86
O3 PG4 L . -26.57 -17.37 -57.78
C5 PG4 L . -25.59 -16.35 -57.79
C6 PG4 L . -24.98 -16.14 -56.44
O4 PG4 L . -24.74 -17.32 -55.72
P PO4 M . -16.11 -32.27 -4.57
O1 PO4 M . -15.30 -31.59 -5.62
O2 PO4 M . -15.27 -32.10 -3.33
O3 PO4 M . -17.33 -31.48 -4.70
O4 PO4 M . -16.04 -33.78 -4.66
P PO4 N . 5.95 -26.06 24.66
O1 PO4 N . 6.57 -24.69 24.40
O2 PO4 N . 5.32 -26.41 25.91
O3 PO4 N . 4.75 -26.43 23.83
O4 PO4 N . 7.22 -26.65 24.41
C1 EDO O . 7.45 -20.30 34.52
O1 EDO O . 8.46 -20.07 33.54
C2 EDO O . 8.00 -21.49 35.31
O2 EDO O . 6.98 -22.13 36.09
C1 EDO P . -10.68 -24.32 10.47
O1 EDO P . -9.26 -24.22 10.34
C2 EDO P . -11.37 -23.25 9.59
O2 EDO P . -10.55 -22.59 8.59
P PO4 Q . 1.87 22.15 7.71
O1 PO4 Q . 2.92 22.83 8.62
O2 PO4 Q . 0.61 22.95 7.51
O3 PO4 Q . 1.30 20.88 8.30
O4 PO4 Q . 2.60 22.02 6.46
P PO4 R . 23.56 42.47 29.64
O1 PO4 R . 24.34 43.67 28.95
O2 PO4 R . 22.58 43.06 30.66
O3 PO4 R . 22.92 41.53 28.53
O4 PO4 R . 24.61 41.64 30.33
C1 EDO S . 8.05 26.74 23.78
O1 EDO S . 6.77 27.02 23.18
C2 EDO S . 9.17 26.94 22.77
O2 EDO S . 9.88 28.20 22.94
#